data_3V47
#
_entry.id   3V47
#
_cell.length_a   58.406
_cell.length_b   181.495
_cell.length_c   186.367
_cell.angle_alpha   90.00
_cell.angle_beta   90.00
_cell.angle_gamma   90.00
#
_symmetry.space_group_name_H-M   'P 21 21 21'
#
loop_
_entity.id
_entity.type
_entity.pdbx_description
1 polymer 'Toll-like receptor 5b and variable lymphocyte receptor B.61 chimeric protein'
2 polymer Flagellin
3 branched 2-acetamido-2-deoxy-beta-D-glucopyranose-(1-4)-2-acetamido-2-deoxy-beta-D-glucopyranose
4 non-polymer 2-acetamido-2-deoxy-beta-D-glucopyranose
5 water water
#
loop_
_entity_poly.entity_id
_entity_poly.type
_entity_poly.pdbx_seq_one_letter_code
_entity_poly.pdbx_strand_id
1 'polypeptide(L)'
;ADPGTSECSVIGYNAICINRGLHQVPELPAHVNYVDLSLNSIAELNETSFSRLQDLQFLKVEQQTPGLVIRNNTFRGLSS
LIILKLDYNQFLQLETGAFNGLANLEVLTLTQCNLDGAVLSGNFFKPLTSLEMLVLRDNNIKKIQPASFFLNMRRFHVLD
LTFNKVKSICEEDLLNFQGKHFTLLRLSSITLQDMNEYWLGWEKCGNPFKNTSITTLDLSGNGFKESMAKRFFDAIAGTK
IQSLILSNSYNMGSSFGHTNFKDPDNFTFKGLEASGVKTCDLSKSKIFALLKSVFSHFTDLEQLTLAQNEINKIDDNAFW
GLTHLLKLNLSQNFLGSIDSRMFENLDKLEVLDLSYNHIRALGDQSFLGLPNLKELALDTNQLKSVPDGIFDRLTSLQKI
WLHTNPWDCSCPRIDYLSRWLNKNSQKEQGSAKCSGSGKPVRSIICPTSASLVPR
;
A,B
2 'polypeptide(L)'
;GSAKDPQAIANRFTSNIKGLTQASRNANDGISIAQTTEGALNEINNNLQRVRELSVQATNGTNSDSDLKSIQDEIQQRLE
EIDRVSNQTQFNGVKVLSQDNQMKIQVGANDGETITIDLQKIDVKSLGLDGFNVNGPKEATVGDLKSSFKNVTGYDTYAA
GADKYRVDINSGAVVTDAVAPDKVYVNAANGQLTTDDAENNTAVDLFKTTKSTAGTAEAKAIAGAIKGGKEGDTFDYKGV
TFTIDTKTGDDGNGKVSTTINGEKVTLTVADIAIGAADVNAATLQSSKNVYTSVVNGQFTFDDKTKNESAKLSDLEANNA
VKGESKITVNGAEYTANATGDKITLAGKTMFIDKTASGVSTLINEDAAAAKKSTANPLASIDSALSKVDAVRSSLGAIQN
RFDSAITNLGNTVTNLNSARSRIED
;
C,D
#
# COMPACT_ATOMS: atom_id res chain seq x y z
N GLU A 7 -10.22 0.53 -64.53
CA GLU A 7 -9.99 1.21 -63.21
C GLU A 7 -9.02 0.45 -62.29
N CYS A 8 -9.19 -0.87 -62.18
CA CYS A 8 -8.39 -1.64 -61.23
C CYS A 8 -6.95 -1.74 -61.68
N SER A 9 -6.06 -1.90 -60.72
CA SER A 9 -4.68 -2.19 -60.97
C SER A 9 -4.48 -3.71 -60.93
N VAL A 10 -4.19 -4.28 -62.10
CA VAL A 10 -3.91 -5.70 -62.25
C VAL A 10 -2.40 -5.88 -62.48
N ILE A 11 -1.74 -6.50 -61.52
CA ILE A 11 -0.35 -6.81 -61.63
C ILE A 11 -0.24 -8.28 -61.28
N GLY A 12 0.26 -9.07 -62.22
CA GLY A 12 0.41 -10.50 -62.00
C GLY A 12 -0.97 -11.12 -61.87
N TYR A 13 -1.19 -11.83 -60.77
CA TYR A 13 -2.45 -12.50 -60.51
C TYR A 13 -3.41 -11.70 -59.63
N ASN A 14 -3.06 -10.44 -59.36
CA ASN A 14 -3.68 -9.66 -58.32
C ASN A 14 -4.43 -8.49 -58.92
N ALA A 15 -5.72 -8.35 -58.60
CA ALA A 15 -6.50 -7.17 -58.99
C ALA A 15 -6.77 -6.33 -57.75
N ILE A 16 -6.13 -5.17 -57.67
CA ILE A 16 -6.40 -4.22 -56.60
C ILE A 16 -7.45 -3.22 -57.10
N CYS A 17 -8.63 -3.30 -56.52
CA CYS A 17 -9.75 -2.45 -56.93
C CYS A 17 -10.19 -1.58 -55.77
N ILE A 18 -9.27 -1.26 -54.88
CA ILE A 18 -9.58 -0.51 -53.67
C ILE A 18 -9.98 0.91 -54.00
N ASN A 19 -11.12 1.36 -53.42
CA ASN A 19 -11.53 2.76 -53.45
C ASN A 19 -11.47 3.41 -54.83
N ARG A 20 -12.34 2.91 -55.71
CA ARG A 20 -12.34 3.31 -57.11
C ARG A 20 -13.71 3.82 -57.53
N GLY A 21 -14.57 4.10 -56.56
CA GLY A 21 -15.96 4.48 -56.83
C GLY A 21 -16.80 3.42 -57.52
N LEU A 22 -16.50 2.14 -57.28
CA LEU A 22 -17.25 1.08 -57.95
C LEU A 22 -18.59 0.88 -57.28
N HIS A 23 -19.64 0.73 -58.08
CA HIS A 23 -20.98 0.41 -57.59
C HIS A 23 -21.34 -1.04 -57.91
N GLN A 24 -20.53 -1.67 -58.78
CA GLN A 24 -20.60 -3.09 -59.04
C GLN A 24 -19.22 -3.72 -59.13
N VAL A 25 -19.16 -5.05 -59.14
CA VAL A 25 -17.92 -5.78 -59.43
C VAL A 25 -17.55 -5.54 -60.88
N PRO A 26 -16.34 -5.02 -61.13
CA PRO A 26 -15.90 -4.73 -62.51
C PRO A 26 -15.62 -6.00 -63.32
N GLU A 27 -15.44 -5.84 -64.63
CA GLU A 27 -14.90 -6.91 -65.44
C GLU A 27 -13.43 -7.02 -65.07
N LEU A 28 -13.01 -8.22 -64.67
CA LEU A 28 -11.59 -8.50 -64.38
C LEU A 28 -11.04 -9.61 -65.24
N PRO A 29 -9.70 -9.61 -65.48
CA PRO A 29 -9.10 -10.69 -66.25
C PRO A 29 -9.40 -11.97 -65.52
N ALA A 30 -9.80 -13.01 -66.25
CA ALA A 30 -10.31 -14.22 -65.64
C ALA A 30 -9.24 -15.11 -64.99
N HIS A 31 -7.97 -14.77 -65.14
CA HIS A 31 -6.89 -15.52 -64.50
C HIS A 31 -6.53 -15.04 -63.09
N VAL A 32 -7.03 -13.89 -62.67
CA VAL A 32 -6.63 -13.37 -61.35
C VAL A 32 -7.05 -14.34 -60.27
N ASN A 33 -6.22 -14.44 -59.23
CA ASN A 33 -6.51 -15.32 -58.11
C ASN A 33 -6.65 -14.56 -56.80
N TYR A 34 -6.53 -13.24 -56.89
CA TYR A 34 -6.57 -12.38 -55.75
C TYR A 34 -7.25 -11.09 -56.15
N VAL A 35 -8.33 -10.75 -55.44
CA VAL A 35 -9.11 -9.57 -55.73
C VAL A 35 -9.40 -8.81 -54.43
N ASP A 36 -9.10 -7.49 -54.46
CA ASP A 36 -9.43 -6.59 -53.34
C ASP A 36 -10.39 -5.51 -53.78
N LEU A 37 -11.64 -5.58 -53.31
CA LEU A 37 -12.69 -4.66 -53.75
C LEU A 37 -13.14 -3.74 -52.61
N SER A 38 -12.26 -3.62 -51.62
CA SER A 38 -12.52 -2.81 -50.44
C SER A 38 -12.77 -1.32 -50.74
N LEU A 39 -13.49 -0.68 -49.82
CA LEU A 39 -13.79 0.77 -49.84
C LEU A 39 -14.47 1.28 -51.12
N ASN A 40 -15.42 0.55 -51.64
CA ASN A 40 -16.21 1.00 -52.76
C ASN A 40 -17.67 1.17 -52.35
N SER A 41 -18.56 1.38 -53.31
CA SER A 41 -19.95 1.60 -53.00
C SER A 41 -20.82 0.50 -53.59
N ILE A 42 -20.32 -0.73 -53.61
CA ILE A 42 -21.11 -1.88 -54.05
C ILE A 42 -22.22 -2.13 -53.02
N ALA A 43 -23.46 -2.00 -53.45
CA ALA A 43 -24.57 -2.02 -52.53
C ALA A 43 -25.10 -3.44 -52.41
N GLU A 44 -24.85 -4.25 -53.43
CA GLU A 44 -25.42 -5.57 -53.50
C GLU A 44 -24.57 -6.53 -54.31
N LEU A 45 -24.32 -7.70 -53.77
CA LEU A 45 -23.69 -8.76 -54.52
C LEU A 45 -24.71 -9.85 -54.77
N ASN A 46 -24.68 -10.41 -55.98
CA ASN A 46 -25.52 -11.56 -56.32
C ASN A 46 -24.80 -12.57 -57.26
N GLU A 47 -25.51 -13.54 -57.83
CA GLU A 47 -24.90 -14.59 -58.67
C GLU A 47 -24.11 -14.07 -59.88
N THR A 48 -24.55 -12.96 -60.45
CA THR A 48 -23.87 -12.40 -61.62
C THR A 48 -22.54 -11.68 -61.28
N SER A 49 -22.37 -11.28 -60.02
CA SER A 49 -21.19 -10.50 -59.60
C SER A 49 -19.82 -11.12 -59.94
N PHE A 50 -19.60 -12.38 -59.56
CA PHE A 50 -18.30 -13.03 -59.72
C PHE A 50 -18.31 -14.17 -60.76
N SER A 51 -19.11 -14.00 -61.80
CA SER A 51 -19.23 -15.01 -62.85
C SER A 51 -17.89 -15.39 -63.48
N ARG A 52 -17.07 -14.39 -63.78
CA ARG A 52 -15.87 -14.56 -64.59
C ARG A 52 -14.74 -15.34 -63.89
N LEU A 53 -14.71 -15.25 -62.57
CA LEU A 53 -13.47 -15.39 -61.80
C LEU A 53 -13.27 -16.72 -61.15
N GLN A 54 -13.15 -17.79 -61.93
CA GLN A 54 -12.98 -19.14 -61.38
C GLN A 54 -11.73 -19.41 -60.56
N ASP A 55 -10.55 -18.96 -61.03
CA ASP A 55 -9.30 -19.25 -60.31
C ASP A 55 -9.14 -18.45 -59.00
N LEU A 56 -10.16 -17.66 -58.65
CA LEU A 56 -10.06 -16.75 -57.52
C LEU A 56 -9.84 -17.50 -56.20
N GLN A 57 -8.80 -17.16 -55.46
CA GLN A 57 -8.48 -17.82 -54.17
C GLN A 57 -8.70 -16.97 -52.94
N PHE A 58 -8.54 -15.66 -53.10
CA PHE A 58 -8.54 -14.72 -52.00
C PHE A 58 -9.41 -13.55 -52.47
N LEU A 59 -10.50 -13.27 -51.75
CA LEU A 59 -11.40 -12.18 -52.10
C LEU A 59 -11.72 -11.34 -50.88
N LYS A 60 -11.52 -10.04 -51.02
CA LYS A 60 -11.81 -9.07 -49.98
C LYS A 60 -12.79 -8.09 -50.51
N VAL A 61 -13.88 -7.90 -49.76
CA VAL A 61 -14.87 -6.89 -50.14
C VAL A 61 -15.23 -6.14 -48.89
N GLU A 62 -14.22 -5.54 -48.30
CA GLU A 62 -14.37 -4.94 -47.00
C GLU A 62 -14.93 -3.54 -47.12
N GLN A 63 -15.64 -3.14 -46.08
CA GLN A 63 -16.02 -1.77 -45.86
C GLN A 63 -16.59 -1.07 -47.09
N GLN A 64 -17.66 -1.62 -47.64
CA GLN A 64 -18.42 -0.89 -48.66
C GLN A 64 -19.23 0.18 -47.95
N THR A 65 -19.83 1.11 -48.70
CA THR A 65 -20.84 1.96 -48.09
C THR A 65 -21.76 1.07 -47.22
N PRO A 66 -22.21 1.57 -46.07
CA PRO A 66 -23.08 0.86 -45.17
C PRO A 66 -24.25 0.18 -45.86
N GLY A 67 -24.56 -1.06 -45.47
CA GLY A 67 -25.78 -1.73 -45.96
C GLY A 67 -25.63 -2.87 -46.97
N LEU A 68 -24.39 -3.27 -47.28
CA LEU A 68 -24.10 -4.31 -48.26
C LEU A 68 -25.02 -5.54 -48.14
N VAL A 69 -25.67 -5.89 -49.23
CA VAL A 69 -26.52 -7.08 -49.30
C VAL A 69 -25.82 -8.17 -50.09
N ILE A 70 -25.75 -9.36 -49.51
CA ILE A 70 -25.18 -10.49 -50.24
C ILE A 70 -26.26 -11.53 -50.51
N ARG A 71 -26.69 -11.61 -51.75
CA ARG A 71 -27.77 -12.51 -52.13
C ARG A 71 -27.30 -13.96 -52.24
N ASN A 72 -28.30 -14.83 -52.35
CA ASN A 72 -28.12 -16.26 -52.56
C ASN A 72 -27.25 -16.50 -53.78
N ASN A 73 -26.30 -17.41 -53.64
CA ASN A 73 -25.45 -17.90 -54.74
C ASN A 73 -24.44 -16.89 -55.30
N THR A 74 -24.15 -15.87 -54.53
CA THR A 74 -23.20 -14.86 -54.94
C THR A 74 -21.83 -15.45 -55.30
N PHE A 75 -21.35 -16.42 -54.52
CA PHE A 75 -20.03 -16.96 -54.73
C PHE A 75 -20.12 -18.35 -55.34
N ARG A 76 -21.23 -18.65 -56.02
CA ARG A 76 -21.34 -19.99 -56.55
C ARG A 76 -20.45 -20.09 -57.79
N GLY A 77 -19.79 -21.24 -57.93
CA GLY A 77 -18.75 -21.39 -58.94
C GLY A 77 -17.36 -20.91 -58.53
N LEU A 78 -17.22 -20.31 -57.34
CA LEU A 78 -15.91 -19.93 -56.82
C LEU A 78 -15.33 -21.04 -55.95
N SER A 79 -15.19 -22.23 -56.53
CA SER A 79 -14.74 -23.41 -55.80
C SER A 79 -13.24 -23.40 -55.44
N SER A 80 -12.48 -22.46 -55.99
CA SER A 80 -11.10 -22.33 -55.56
C SER A 80 -10.96 -21.33 -54.41
N LEU A 81 -12.03 -20.61 -54.06
CA LEU A 81 -11.93 -19.60 -53.01
C LEU A 81 -11.53 -20.20 -51.64
N ILE A 82 -10.41 -19.72 -51.11
CA ILE A 82 -9.85 -20.15 -49.84
C ILE A 82 -10.07 -19.13 -48.72
N ILE A 83 -9.90 -17.85 -49.03
CA ILE A 83 -10.12 -16.81 -48.05
C ILE A 83 -11.13 -15.80 -48.55
N LEU A 84 -12.17 -15.55 -47.73
CA LEU A 84 -13.16 -14.48 -47.98
C LEU A 84 -13.23 -13.47 -46.83
N LYS A 85 -12.91 -12.22 -47.13
CA LYS A 85 -12.93 -11.13 -46.13
C LYS A 85 -14.03 -10.13 -46.43
N LEU A 86 -14.99 -10.04 -45.52
CA LEU A 86 -16.14 -9.17 -45.71
C LEU A 86 -16.29 -8.19 -44.57
N ASP A 87 -15.17 -7.87 -43.92
CA ASP A 87 -15.17 -7.07 -42.72
C ASP A 87 -15.68 -5.65 -42.90
N TYR A 88 -16.10 -5.05 -41.78
CA TYR A 88 -16.53 -3.65 -41.70
C TYR A 88 -17.61 -3.21 -42.67
N ASN A 89 -18.46 -4.15 -43.07
CA ASN A 89 -19.65 -3.87 -43.80
C ASN A 89 -20.76 -3.65 -42.81
N GLN A 90 -21.04 -2.38 -42.55
CA GLN A 90 -21.95 -2.02 -41.50
C GLN A 90 -23.38 -2.40 -41.94
N PHE A 91 -24.09 -3.08 -41.06
CA PHE A 91 -25.43 -3.61 -41.34
C PHE A 91 -25.45 -4.59 -42.53
N LEU A 92 -24.40 -5.42 -42.63
CA LEU A 92 -24.35 -6.47 -43.62
C LEU A 92 -25.64 -7.30 -43.62
N GLN A 93 -26.24 -7.46 -44.79
CA GLN A 93 -27.40 -8.34 -44.93
C GLN A 93 -27.02 -9.55 -45.76
N LEU A 94 -27.07 -10.73 -45.12
CA LEU A 94 -26.79 -11.99 -45.77
C LEU A 94 -28.11 -12.70 -45.98
N GLU A 95 -28.36 -13.15 -47.20
CA GLU A 95 -29.43 -14.12 -47.41
C GLU A 95 -28.89 -15.47 -46.94
N THR A 96 -29.76 -16.39 -46.58
CA THR A 96 -29.28 -17.60 -45.90
C THR A 96 -28.43 -18.49 -46.79
N GLY A 97 -28.66 -18.49 -48.10
CA GLY A 97 -27.77 -19.17 -49.02
C GLY A 97 -26.67 -18.29 -49.62
N ALA A 98 -26.28 -17.24 -48.90
CA ALA A 98 -25.25 -16.31 -49.37
C ALA A 98 -23.87 -16.95 -49.62
N PHE A 99 -23.55 -18.01 -48.88
CA PHE A 99 -22.26 -18.69 -49.04
C PHE A 99 -22.36 -20.04 -49.76
N ASN A 100 -23.48 -20.31 -50.44
CA ASN A 100 -23.55 -21.44 -51.38
C ASN A 100 -22.34 -21.49 -52.30
N GLY A 101 -21.88 -22.69 -52.63
CA GLY A 101 -20.75 -22.89 -53.51
C GLY A 101 -19.37 -22.80 -52.85
N LEU A 102 -19.33 -22.57 -51.54
CA LEU A 102 -18.05 -22.33 -50.88
C LEU A 102 -17.54 -23.55 -50.06
N ALA A 103 -17.83 -24.75 -50.55
CA ALA A 103 -17.37 -25.98 -49.90
C ALA A 103 -15.86 -26.01 -49.60
N ASN A 104 -15.05 -25.31 -50.39
CA ASN A 104 -13.60 -25.28 -50.21
C ASN A 104 -13.01 -24.16 -49.33
N LEU A 105 -13.85 -23.21 -48.90
CA LEU A 105 -13.40 -22.02 -48.18
C LEU A 105 -12.86 -22.38 -46.83
N GLU A 106 -11.74 -21.77 -46.47
CA GLU A 106 -11.04 -22.15 -45.24
C GLU A 106 -11.17 -21.05 -44.21
N VAL A 107 -11.24 -19.83 -44.67
CA VAL A 107 -11.19 -18.68 -43.80
C VAL A 107 -12.27 -17.68 -44.22
N LEU A 108 -13.06 -17.23 -43.25
CA LEU A 108 -14.12 -16.27 -43.47
C LEU A 108 -14.01 -15.21 -42.37
N THR A 109 -13.88 -13.94 -42.74
CA THR A 109 -13.87 -12.91 -41.72
C THR A 109 -15.01 -11.91 -41.91
N LEU A 110 -15.68 -11.60 -40.78
CA LEU A 110 -16.87 -10.79 -40.78
C LEU A 110 -16.78 -9.87 -39.57
N THR A 111 -15.65 -9.18 -39.44
CA THR A 111 -15.44 -8.32 -38.29
C THR A 111 -16.24 -7.05 -38.42
N GLN A 112 -16.91 -6.68 -37.33
CA GLN A 112 -17.75 -5.46 -37.26
C GLN A 112 -18.76 -5.29 -38.40
N CYS A 113 -19.68 -6.24 -38.53
CA CYS A 113 -20.70 -6.21 -39.56
C CYS A 113 -22.09 -6.18 -38.95
N ASN A 114 -22.18 -5.94 -37.64
CA ASN A 114 -23.45 -5.80 -36.91
C ASN A 114 -24.23 -7.11 -36.94
N LEU A 115 -23.50 -8.20 -37.06
CA LEU A 115 -24.14 -9.52 -37.03
C LEU A 115 -24.58 -9.92 -35.64
N ASP A 116 -25.71 -10.57 -35.54
CA ASP A 116 -26.12 -11.04 -34.23
C ASP A 116 -25.97 -12.52 -34.22
N GLY A 117 -26.38 -13.16 -33.12
CA GLY A 117 -26.14 -14.60 -32.89
C GLY A 117 -26.79 -15.51 -33.89
N ALA A 118 -27.84 -15.02 -34.55
CA ALA A 118 -28.50 -15.79 -35.60
C ALA A 118 -27.53 -16.16 -36.74
N VAL A 119 -26.42 -15.42 -36.86
CA VAL A 119 -25.46 -15.74 -37.94
C VAL A 119 -24.80 -17.10 -37.68
N LEU A 120 -24.76 -17.52 -36.39
CA LEU A 120 -24.21 -18.82 -36.02
C LEU A 120 -25.29 -19.90 -35.94
N SER A 121 -26.48 -19.51 -35.45
CA SER A 121 -27.52 -20.49 -35.22
C SER A 121 -28.30 -20.76 -36.51
N GLY A 122 -28.26 -19.83 -37.45
CA GLY A 122 -28.91 -20.04 -38.74
C GLY A 122 -28.05 -20.91 -39.67
N ASN A 123 -28.43 -20.97 -40.93
CA ASN A 123 -27.78 -21.83 -41.89
C ASN A 123 -26.77 -21.13 -42.81
N PHE A 124 -26.37 -19.93 -42.43
CA PHE A 124 -25.50 -19.10 -43.25
C PHE A 124 -24.20 -19.78 -43.53
N PHE A 125 -23.72 -20.59 -42.58
CA PHE A 125 -22.41 -21.21 -42.68
C PHE A 125 -22.49 -22.68 -42.99
N LYS A 126 -23.69 -23.21 -43.17
CA LYS A 126 -23.89 -24.61 -43.56
C LYS A 126 -23.12 -25.06 -44.80
N PRO A 127 -23.04 -24.22 -45.82
CA PRO A 127 -22.24 -24.64 -46.98
C PRO A 127 -20.74 -24.75 -46.73
N LEU A 128 -20.23 -24.12 -45.67
CA LEU A 128 -18.78 -24.00 -45.49
C LEU A 128 -18.18 -25.23 -44.85
N THR A 129 -18.29 -26.38 -45.52
CA THR A 129 -17.86 -27.67 -44.97
C THR A 129 -16.36 -27.77 -44.76
N SER A 130 -15.57 -27.00 -45.51
CA SER A 130 -14.11 -27.04 -45.30
C SER A 130 -13.62 -25.90 -44.38
N LEU A 131 -14.52 -25.14 -43.77
CA LEU A 131 -14.09 -23.97 -43.01
C LEU A 131 -13.13 -24.36 -41.86
N GLU A 132 -12.06 -23.58 -41.74
CA GLU A 132 -11.09 -23.79 -40.71
C GLU A 132 -11.14 -22.68 -39.66
N MET A 133 -11.39 -21.46 -40.12
CA MET A 133 -11.08 -20.26 -39.35
C MET A 133 -12.25 -19.32 -39.54
N LEU A 134 -12.87 -18.91 -38.46
CA LEU A 134 -14.00 -17.99 -38.57
C LEU A 134 -13.82 -16.83 -37.58
N VAL A 135 -13.80 -15.62 -38.13
CA VAL A 135 -13.48 -14.42 -37.37
C VAL A 135 -14.77 -13.61 -37.40
N LEU A 136 -15.35 -13.42 -36.23
CA LEU A 136 -16.63 -12.76 -36.05
C LEU A 136 -16.48 -11.66 -35.02
N ARG A 137 -15.33 -11.04 -34.95
CA ARG A 137 -15.07 -9.99 -33.97
C ARG A 137 -16.03 -8.82 -34.08
N ASP A 138 -16.37 -8.26 -32.93
CA ASP A 138 -16.87 -6.90 -32.85
C ASP A 138 -18.20 -6.76 -33.59
N ASN A 139 -19.09 -7.71 -33.31
CA ASN A 139 -20.44 -7.76 -33.87
C ASN A 139 -21.40 -7.64 -32.70
N ASN A 140 -22.65 -8.06 -32.88
CA ASN A 140 -23.65 -7.97 -31.80
C ASN A 140 -24.11 -9.39 -31.46
N ILE A 141 -23.17 -10.29 -31.37
CA ILE A 141 -23.49 -11.66 -31.02
C ILE A 141 -23.57 -11.69 -29.50
N LYS A 142 -24.72 -12.02 -28.96
CA LYS A 142 -24.89 -11.92 -27.54
C LYS A 142 -24.88 -13.27 -26.90
N LYS A 143 -24.97 -14.31 -27.73
CA LYS A 143 -25.19 -15.65 -27.28
C LYS A 143 -24.63 -16.54 -28.37
N ILE A 144 -23.74 -17.47 -28.02
CA ILE A 144 -22.99 -18.20 -29.01
C ILE A 144 -23.70 -19.53 -29.18
N GLN A 145 -24.37 -19.70 -30.31
CA GLN A 145 -25.23 -20.84 -30.44
C GLN A 145 -25.08 -21.55 -31.80
N PRO A 146 -23.92 -22.20 -32.03
CA PRO A 146 -23.66 -22.80 -33.33
C PRO A 146 -24.75 -23.83 -33.69
N ALA A 147 -25.17 -23.76 -34.95
CA ALA A 147 -26.15 -24.68 -35.51
C ALA A 147 -25.60 -26.10 -35.56
N SER A 148 -26.49 -27.07 -35.78
CA SER A 148 -26.06 -28.48 -35.72
C SER A 148 -25.04 -28.92 -36.82
N PHE A 149 -25.02 -28.23 -37.97
CA PHE A 149 -24.11 -28.62 -39.07
C PHE A 149 -22.63 -28.45 -38.68
N PHE A 150 -22.38 -27.69 -37.61
CA PHE A 150 -21.03 -27.48 -37.08
C PHE A 150 -20.37 -28.78 -36.63
N LEU A 151 -21.17 -29.73 -36.17
CA LEU A 151 -20.64 -31.06 -35.83
C LEU A 151 -19.93 -31.72 -37.04
N ASN A 152 -20.39 -31.43 -38.24
CA ASN A 152 -19.85 -32.06 -39.45
C ASN A 152 -18.70 -31.26 -40.10
N MET A 153 -18.27 -30.20 -39.45
CA MET A 153 -17.19 -29.39 -39.99
C MET A 153 -15.89 -29.86 -39.33
N ARG A 154 -15.30 -30.85 -39.93
CA ARG A 154 -14.20 -31.57 -39.34
C ARG A 154 -12.91 -30.76 -39.27
N ARG A 155 -12.79 -29.72 -40.10
CA ARG A 155 -11.57 -28.94 -40.09
C ARG A 155 -11.67 -27.62 -39.35
N PHE A 156 -12.83 -27.36 -38.78
CA PHE A 156 -13.06 -26.13 -38.05
C PHE A 156 -12.35 -26.07 -36.70
N HIS A 157 -11.42 -25.13 -36.53
CA HIS A 157 -10.51 -25.21 -35.39
C HIS A 157 -10.06 -23.82 -34.87
N VAL A 158 -10.54 -22.74 -35.51
CA VAL A 158 -10.26 -21.38 -35.07
C VAL A 158 -11.54 -20.56 -35.10
N LEU A 159 -11.84 -19.94 -33.96
CA LEU A 159 -12.99 -19.06 -33.87
C LEU A 159 -12.61 -17.84 -33.03
N ASP A 160 -12.83 -16.66 -33.61
CA ASP A 160 -12.50 -15.41 -32.94
C ASP A 160 -13.77 -14.61 -32.73
N LEU A 161 -14.15 -14.43 -31.47
CA LEU A 161 -15.34 -13.69 -31.12
C LEU A 161 -15.03 -12.43 -30.32
N THR A 162 -13.81 -11.95 -30.42
CA THR A 162 -13.40 -10.77 -29.62
C THR A 162 -14.36 -9.60 -29.77
N PHE A 163 -14.68 -8.95 -28.66
CA PHE A 163 -15.48 -7.71 -28.61
C PHE A 163 -16.99 -7.88 -28.75
N ASN A 164 -17.48 -9.10 -28.92
CA ASN A 164 -18.90 -9.30 -28.81
C ASN A 164 -19.30 -9.25 -27.30
N LYS A 165 -20.42 -8.63 -26.99
CA LYS A 165 -20.91 -8.60 -25.60
C LYS A 165 -21.67 -9.87 -25.25
N VAL A 166 -20.95 -10.86 -24.78
CA VAL A 166 -21.56 -12.13 -24.46
C VAL A 166 -21.77 -12.23 -22.97
N LYS A 167 -23.02 -12.14 -22.54
CA LYS A 167 -23.35 -12.23 -21.11
C LYS A 167 -22.95 -13.53 -20.47
N SER A 168 -23.16 -14.66 -21.17
CA SER A 168 -22.71 -15.95 -20.65
C SER A 168 -22.40 -16.93 -21.76
N ILE A 169 -21.55 -17.91 -21.47
CA ILE A 169 -21.40 -19.04 -22.38
C ILE A 169 -21.78 -20.27 -21.60
N CYS A 170 -22.70 -21.06 -22.11
CA CYS A 170 -23.11 -22.26 -21.37
C CYS A 170 -23.07 -23.55 -22.19
N GLU A 171 -23.31 -24.68 -21.51
CA GLU A 171 -23.21 -26.00 -22.13
C GLU A 171 -24.16 -26.13 -23.30
N GLU A 172 -25.41 -25.71 -23.11
CA GLU A 172 -26.43 -25.81 -24.13
C GLU A 172 -26.22 -24.86 -25.31
N ASP A 173 -25.53 -23.74 -25.07
CA ASP A 173 -25.17 -22.77 -26.11
C ASP A 173 -24.24 -23.47 -27.10
N LEU A 174 -23.22 -24.14 -26.57
CA LEU A 174 -22.09 -24.65 -27.33
C LEU A 174 -22.24 -26.14 -27.69
N LEU A 175 -23.43 -26.69 -27.46
CA LEU A 175 -23.71 -28.08 -27.80
C LEU A 175 -23.05 -28.50 -29.11
N ASN A 176 -23.23 -27.72 -30.16
CA ASN A 176 -22.72 -28.13 -31.47
C ASN A 176 -21.23 -27.93 -31.75
N PHE A 177 -20.48 -27.54 -30.70
CA PHE A 177 -19.01 -27.53 -30.73
C PHE A 177 -18.42 -28.73 -29.97
N GLN A 178 -19.27 -29.49 -29.28
CA GLN A 178 -18.79 -30.66 -28.56
C GLN A 178 -18.14 -31.60 -29.54
N GLY A 179 -16.97 -32.12 -29.19
CA GLY A 179 -16.22 -33.04 -30.04
C GLY A 179 -15.15 -32.34 -30.85
N LYS A 180 -15.20 -31.01 -30.86
CA LYS A 180 -14.21 -30.21 -31.58
C LYS A 180 -12.95 -30.03 -30.80
N HIS A 181 -11.82 -30.11 -31.49
CA HIS A 181 -10.60 -29.53 -31.01
C HIS A 181 -10.33 -28.12 -31.60
N PHE A 182 -10.16 -27.12 -30.77
CA PHE A 182 -9.85 -25.77 -31.25
C PHE A 182 -8.39 -25.45 -31.06
N THR A 183 -7.68 -25.12 -32.13
CA THR A 183 -6.32 -24.63 -31.94
C THR A 183 -6.31 -23.27 -31.29
N LEU A 184 -7.27 -22.44 -31.69
CA LEU A 184 -7.48 -21.15 -31.07
C LEU A 184 -8.94 -20.86 -30.88
N LEU A 185 -9.32 -20.60 -29.65
CA LEU A 185 -10.65 -20.19 -29.36
C LEU A 185 -10.46 -18.85 -28.70
N ARG A 186 -10.87 -17.79 -29.36
CA ARG A 186 -10.58 -16.48 -28.83
C ARG A 186 -11.85 -15.81 -28.35
N LEU A 187 -12.00 -15.77 -27.05
CA LEU A 187 -13.17 -15.23 -26.40
C LEU A 187 -12.75 -14.02 -25.58
N SER A 188 -12.03 -13.12 -26.21
CA SER A 188 -11.42 -12.03 -25.55
C SER A 188 -12.33 -10.77 -25.56
N SER A 189 -12.33 -10.04 -24.45
CA SER A 189 -13.25 -8.92 -24.26
C SER A 189 -14.69 -9.17 -24.64
N ILE A 190 -15.26 -10.28 -24.21
CA ILE A 190 -16.68 -10.55 -24.40
C ILE A 190 -17.42 -10.27 -23.10
N THR A 191 -16.65 -10.10 -22.01
CA THR A 191 -17.12 -9.70 -20.71
C THR A 191 -17.74 -10.78 -19.89
N LEU A 192 -18.60 -11.61 -20.48
CA LEU A 192 -19.32 -12.64 -19.67
C LEU A 192 -19.91 -12.04 -18.36
N GLN A 193 -20.58 -10.91 -18.52
CA GLN A 193 -21.01 -10.08 -17.42
C GLN A 193 -21.90 -10.76 -16.41
N ASP A 194 -22.83 -11.57 -16.91
CA ASP A 194 -23.72 -12.37 -16.10
C ASP A 194 -23.02 -13.44 -15.22
N MET A 195 -21.92 -13.98 -15.70
CA MET A 195 -21.27 -15.06 -14.99
C MET A 195 -20.44 -14.52 -13.82
N ASN A 196 -21.15 -14.05 -12.80
CA ASN A 196 -20.53 -13.61 -11.58
C ASN A 196 -20.96 -14.50 -10.40
N GLU A 197 -20.54 -14.16 -9.19
CA GLU A 197 -20.83 -14.96 -8.00
C GLU A 197 -22.27 -14.85 -7.54
N TYR A 198 -23.04 -13.91 -8.07
CA TYR A 198 -24.44 -13.70 -7.61
C TYR A 198 -25.45 -14.21 -8.65
N TRP A 199 -24.91 -14.85 -9.69
CA TRP A 199 -25.70 -15.43 -10.74
C TRP A 199 -26.43 -16.69 -10.30
N LEU A 200 -27.72 -16.76 -10.63
CA LEU A 200 -28.49 -17.94 -10.29
C LEU A 200 -28.36 -19.04 -11.34
N GLY A 201 -27.51 -18.85 -12.34
CA GLY A 201 -27.50 -19.66 -13.53
C GLY A 201 -26.43 -20.73 -13.64
N TRP A 202 -25.53 -20.79 -12.66
CA TRP A 202 -24.38 -21.68 -12.76
C TRP A 202 -24.72 -23.16 -12.95
N GLU A 203 -25.71 -23.67 -12.24
CA GLU A 203 -26.06 -25.09 -12.33
C GLU A 203 -26.51 -25.44 -13.74
N LYS A 204 -27.53 -24.76 -14.22
CA LYS A 204 -28.02 -24.93 -15.56
C LYS A 204 -26.96 -24.68 -16.64
N CYS A 205 -25.97 -23.84 -16.32
CA CYS A 205 -24.91 -23.51 -17.28
C CYS A 205 -23.98 -24.70 -17.57
N GLY A 206 -23.85 -25.63 -16.61
CA GLY A 206 -22.99 -26.82 -16.76
C GLY A 206 -21.61 -26.51 -17.31
N ASN A 207 -21.12 -27.37 -18.20
CA ASN A 207 -19.81 -27.18 -18.78
C ASN A 207 -19.87 -26.71 -20.25
N PRO A 208 -19.63 -25.41 -20.52
CA PRO A 208 -19.68 -24.95 -21.92
C PRO A 208 -18.69 -25.66 -22.82
N PHE A 209 -17.55 -26.10 -22.28
CA PHE A 209 -16.56 -26.81 -23.07
C PHE A 209 -16.59 -28.33 -22.89
N LYS A 210 -17.75 -28.89 -22.60
CA LYS A 210 -17.84 -30.35 -22.47
C LYS A 210 -17.34 -31.02 -23.74
N ASN A 211 -16.45 -32.01 -23.57
CA ASN A 211 -15.96 -32.84 -24.67
C ASN A 211 -15.29 -31.99 -25.76
N THR A 212 -14.72 -30.88 -25.35
CA THR A 212 -14.03 -29.98 -26.26
C THR A 212 -12.64 -29.79 -25.72
N SER A 213 -11.65 -29.76 -26.61
CA SER A 213 -10.31 -29.43 -26.18
C SER A 213 -9.75 -28.22 -26.94
N ILE A 214 -8.78 -27.54 -26.36
CA ILE A 214 -8.30 -26.24 -26.86
C ILE A 214 -6.78 -26.16 -26.71
N THR A 215 -6.09 -25.80 -27.78
CA THR A 215 -4.66 -25.48 -27.68
C THR A 215 -4.57 -24.11 -26.97
N THR A 216 -4.96 -23.02 -27.65
CA THR A 216 -4.95 -21.69 -27.04
C THR A 216 -6.36 -21.17 -26.73
N LEU A 217 -6.65 -20.98 -25.45
CA LEU A 217 -7.92 -20.43 -25.01
C LEU A 217 -7.67 -19.00 -24.53
N ASP A 218 -8.09 -18.03 -25.34
CA ASP A 218 -7.85 -16.64 -25.02
C ASP A 218 -9.08 -16.04 -24.37
N LEU A 219 -8.98 -15.80 -23.05
CA LEU A 219 -10.06 -15.21 -22.26
C LEU A 219 -9.60 -13.87 -21.66
N SER A 220 -8.68 -13.21 -22.38
CA SER A 220 -8.18 -11.92 -21.95
C SER A 220 -9.29 -10.85 -22.00
N GLY A 221 -9.14 -9.80 -21.17
CA GLY A 221 -10.04 -8.64 -21.12
C GLY A 221 -11.47 -8.87 -20.64
N ASN A 222 -11.64 -9.87 -19.78
CA ASN A 222 -12.97 -10.28 -19.32
C ASN A 222 -13.24 -10.08 -17.85
N GLY A 223 -12.34 -9.37 -17.17
CA GLY A 223 -12.53 -9.10 -15.75
C GLY A 223 -12.03 -10.23 -14.88
N PHE A 224 -12.74 -11.36 -14.91
CA PHE A 224 -12.33 -12.52 -14.12
C PHE A 224 -11.99 -12.17 -12.67
N LYS A 225 -12.89 -11.42 -12.04
CA LYS A 225 -12.93 -11.37 -10.58
C LYS A 225 -12.65 -12.78 -10.07
N GLU A 226 -11.86 -12.87 -9.01
CA GLU A 226 -11.47 -14.13 -8.42
C GLU A 226 -12.64 -15.12 -8.30
N SER A 227 -13.78 -14.65 -7.78
CA SER A 227 -14.94 -15.54 -7.54
C SER A 227 -15.59 -15.99 -8.85
N MET A 228 -15.48 -15.17 -9.90
CA MET A 228 -15.83 -15.58 -11.27
C MET A 228 -14.87 -16.63 -11.82
N ALA A 229 -13.58 -16.40 -11.65
CA ALA A 229 -12.57 -17.33 -12.16
C ALA A 229 -12.74 -18.69 -11.50
N LYS A 230 -12.96 -18.71 -10.20
CA LYS A 230 -13.13 -19.96 -9.49
C LYS A 230 -14.35 -20.72 -10.02
N ARG A 231 -15.48 -20.03 -10.17
CA ARG A 231 -16.69 -20.72 -10.65
C ARG A 231 -16.61 -21.12 -12.10
N PHE A 232 -15.97 -20.28 -12.91
CA PHE A 232 -15.87 -20.53 -14.35
C PHE A 232 -14.92 -21.72 -14.58
N PHE A 233 -13.82 -21.76 -13.84
CA PHE A 233 -12.91 -22.89 -13.93
C PHE A 233 -13.43 -24.16 -13.25
N ASP A 234 -14.22 -24.03 -12.19
CA ASP A 234 -15.00 -25.17 -11.64
C ASP A 234 -15.94 -25.71 -12.74
N ALA A 235 -16.61 -24.81 -13.47
CA ALA A 235 -17.61 -25.21 -14.47
C ALA A 235 -17.01 -25.94 -15.64
N ILE A 236 -15.80 -25.56 -16.07
CA ILE A 236 -15.13 -26.18 -17.22
C ILE A 236 -14.03 -27.13 -16.80
N ALA A 237 -14.04 -27.50 -15.51
CA ALA A 237 -13.12 -28.53 -15.01
C ALA A 237 -13.00 -29.74 -15.96
N GLY A 238 -11.76 -30.14 -16.23
CA GLY A 238 -11.47 -31.29 -17.05
C GLY A 238 -11.07 -30.92 -18.47
N THR A 239 -11.32 -29.66 -18.87
CA THR A 239 -11.08 -29.23 -20.24
C THR A 239 -9.59 -29.14 -20.55
N LYS A 240 -9.12 -29.91 -21.53
CA LYS A 240 -7.74 -29.84 -21.96
C LYS A 240 -7.42 -28.51 -22.64
N ILE A 241 -6.50 -27.79 -22.01
CA ILE A 241 -6.14 -26.46 -22.49
C ILE A 241 -4.63 -26.47 -22.39
N GLN A 242 -3.96 -26.21 -23.50
CA GLN A 242 -2.52 -26.14 -23.48
C GLN A 242 -1.99 -24.74 -23.09
N SER A 243 -2.66 -23.70 -23.56
CA SER A 243 -2.15 -22.42 -23.31
C SER A 243 -3.29 -21.49 -22.94
N LEU A 244 -3.23 -20.95 -21.73
CA LEU A 244 -4.33 -20.18 -21.17
C LEU A 244 -3.99 -18.71 -21.11
N ILE A 245 -4.84 -17.86 -21.66
CA ILE A 245 -4.54 -16.44 -21.68
C ILE A 245 -5.61 -15.70 -20.92
N LEU A 246 -5.21 -15.13 -19.78
CA LEU A 246 -6.08 -14.35 -18.90
C LEU A 246 -5.45 -13.00 -18.60
N SER A 247 -4.69 -12.44 -19.54
CA SER A 247 -4.17 -11.11 -19.40
C SER A 247 -5.31 -10.07 -19.42
N ASN A 248 -5.11 -8.93 -18.75
CA ASN A 248 -6.19 -7.93 -18.58
C ASN A 248 -7.44 -8.52 -17.92
N SER A 249 -7.24 -9.36 -16.91
CA SER A 249 -8.33 -9.74 -16.05
C SER A 249 -8.40 -8.64 -15.01
N TYR A 250 -8.99 -7.52 -15.42
CA TYR A 250 -8.90 -6.28 -14.67
C TYR A 250 -9.61 -6.44 -13.32
N ASN A 251 -10.33 -7.55 -13.09
CA ASN A 251 -11.05 -7.71 -11.82
C ASN A 251 -10.38 -8.69 -10.88
N MET A 252 -9.36 -9.38 -11.39
CA MET A 252 -8.77 -10.48 -10.70
C MET A 252 -8.03 -10.09 -9.42
N GLY A 253 -7.06 -9.19 -9.52
CA GLY A 253 -6.33 -8.79 -8.32
C GLY A 253 -7.05 -7.82 -7.38
N SER A 254 -6.54 -7.75 -6.15
CA SER A 254 -7.10 -6.86 -5.16
C SER A 254 -6.65 -5.45 -5.47
N SER A 255 -5.49 -5.42 -6.12
CA SER A 255 -4.72 -4.25 -6.48
C SER A 255 -4.04 -3.61 -5.29
N PHE A 256 -3.11 -2.73 -5.56
CA PHE A 256 -2.31 -2.12 -4.51
C PHE A 256 -3.11 -1.04 -3.82
N GLY A 257 -3.32 -1.18 -2.52
CA GLY A 257 -3.96 -0.13 -1.75
C GLY A 257 -5.37 -0.44 -1.32
N HIS A 258 -5.94 -1.54 -1.82
CA HIS A 258 -7.35 -1.89 -1.59
C HIS A 258 -7.56 -3.36 -1.30
N THR A 259 -8.61 -3.65 -0.56
CA THR A 259 -8.90 -5.01 -0.20
C THR A 259 -10.37 -5.32 -0.52
N ASN A 260 -10.94 -4.64 -1.52
CA ASN A 260 -12.33 -4.88 -1.90
C ASN A 260 -12.46 -6.20 -2.68
N PHE A 261 -11.56 -6.41 -3.62
CA PHE A 261 -11.52 -7.69 -4.32
C PHE A 261 -10.40 -8.54 -3.73
N LYS A 262 -10.50 -9.85 -3.92
CA LYS A 262 -9.51 -10.78 -3.39
C LYS A 262 -8.50 -11.11 -4.47
N ASP A 263 -7.24 -11.31 -4.09
CA ASP A 263 -6.29 -11.95 -5.00
C ASP A 263 -6.64 -13.44 -5.14
N PRO A 264 -6.24 -14.05 -6.26
CA PRO A 264 -6.56 -15.45 -6.37
C PRO A 264 -5.88 -16.27 -5.29
N ASP A 265 -6.52 -17.36 -4.88
CA ASP A 265 -5.97 -18.15 -3.80
C ASP A 265 -5.90 -19.64 -4.22
N ASN A 266 -5.62 -20.54 -3.28
CA ASN A 266 -5.39 -21.94 -3.61
C ASN A 266 -6.58 -22.68 -4.19
N PHE A 267 -7.76 -22.07 -4.23
CA PHE A 267 -8.97 -22.68 -4.83
C PHE A 267 -9.31 -22.08 -6.19
N THR A 268 -8.82 -20.89 -6.46
CA THR A 268 -9.23 -20.15 -7.64
C THR A 268 -9.10 -20.96 -8.92
N PHE A 269 -7.99 -21.67 -9.07
CA PHE A 269 -7.70 -22.38 -10.33
C PHE A 269 -7.77 -23.90 -10.18
N LYS A 270 -8.58 -24.36 -9.23
CA LYS A 270 -8.68 -25.79 -8.97
C LYS A 270 -9.27 -26.54 -10.13
N GLY A 271 -10.21 -25.90 -10.84
CA GLY A 271 -10.85 -26.50 -12.00
C GLY A 271 -9.89 -26.84 -13.14
N LEU A 272 -8.68 -26.27 -13.11
CA LEU A 272 -7.66 -26.52 -14.14
C LEU A 272 -6.71 -27.68 -13.78
N GLU A 273 -6.99 -28.31 -12.67
CA GLU A 273 -6.30 -29.51 -12.20
C GLU A 273 -5.89 -30.41 -13.37
N ALA A 274 -6.88 -30.82 -14.15
CA ALA A 274 -6.69 -31.88 -15.12
C ALA A 274 -6.59 -31.41 -16.57
N SER A 275 -6.26 -30.14 -16.78
CA SER A 275 -6.30 -29.52 -18.09
C SER A 275 -5.01 -29.66 -18.91
N GLY A 276 -3.93 -30.05 -18.25
CA GLY A 276 -2.65 -30.09 -18.92
C GLY A 276 -2.09 -28.73 -19.35
N VAL A 277 -2.30 -27.68 -18.56
CA VAL A 277 -1.90 -26.31 -19.01
C VAL A 277 -0.37 -26.15 -19.03
N LYS A 278 0.16 -25.71 -20.16
CA LYS A 278 1.61 -25.61 -20.31
C LYS A 278 2.04 -24.17 -20.19
N THR A 279 1.18 -23.24 -20.66
CA THR A 279 1.48 -21.82 -20.63
C THR A 279 0.26 -21.03 -20.10
N CYS A 280 0.52 -20.12 -19.17
CA CYS A 280 -0.52 -19.33 -18.54
C CYS A 280 -0.07 -17.86 -18.49
N ASP A 281 -0.94 -16.98 -18.96
CA ASP A 281 -0.65 -15.56 -19.05
C ASP A 281 -1.64 -14.81 -18.16
N LEU A 282 -1.12 -14.29 -17.05
CA LEU A 282 -1.94 -13.59 -16.08
C LEU A 282 -1.49 -12.17 -15.91
N SER A 283 -0.87 -11.61 -16.93
CA SER A 283 -0.32 -10.25 -16.84
C SER A 283 -1.44 -9.20 -16.87
N LYS A 284 -1.12 -7.99 -16.36
CA LYS A 284 -2.02 -6.84 -16.36
C LYS A 284 -3.35 -7.13 -15.66
N SER A 285 -3.33 -7.75 -14.49
CA SER A 285 -4.57 -8.14 -13.81
C SER A 285 -4.61 -7.61 -12.36
N LYS A 286 -3.77 -6.65 -12.07
CA LYS A 286 -3.92 -5.99 -10.79
C LYS A 286 -3.69 -6.89 -9.58
N ILE A 287 -3.03 -8.01 -9.80
CA ILE A 287 -2.76 -8.93 -8.70
C ILE A 287 -1.76 -8.25 -7.75
N PHE A 288 -1.96 -8.32 -6.44
CA PHE A 288 -1.07 -7.64 -5.51
C PHE A 288 -0.26 -8.65 -4.63
N ALA A 289 -0.87 -9.78 -4.32
CA ALA A 289 -0.23 -10.79 -3.46
C ALA A 289 -0.39 -12.13 -4.12
N LEU A 290 0.70 -12.89 -4.14
CA LEU A 290 0.65 -14.28 -4.58
C LEU A 290 0.44 -15.13 -3.36
N LEU A 291 -0.77 -15.64 -3.21
CA LEU A 291 -1.14 -16.38 -2.03
C LEU A 291 -0.63 -17.80 -2.06
N LYS A 292 -0.60 -18.44 -0.89
CA LYS A 292 -0.05 -19.79 -0.84
C LYS A 292 -0.85 -20.73 -1.74
N SER A 293 -0.13 -21.59 -2.45
CA SER A 293 -0.72 -22.62 -3.34
C SER A 293 -1.62 -22.14 -4.47
N VAL A 294 -1.47 -20.89 -4.86
CA VAL A 294 -2.39 -20.35 -5.85
C VAL A 294 -2.19 -21.03 -7.22
N PHE A 295 -0.99 -21.53 -7.45
CA PHE A 295 -0.64 -22.13 -8.72
C PHE A 295 -0.50 -23.65 -8.60
N SER A 296 -0.94 -24.19 -7.47
CA SER A 296 -0.71 -25.60 -7.16
C SER A 296 -1.37 -26.63 -8.08
N HIS A 297 -2.40 -26.21 -8.81
CA HIS A 297 -3.12 -27.10 -9.70
C HIS A 297 -2.49 -27.12 -11.09
N PHE A 298 -1.51 -26.24 -11.32
CA PHE A 298 -0.88 -26.08 -12.62
C PHE A 298 0.33 -27.01 -12.70
N THR A 299 0.13 -28.31 -12.45
CA THR A 299 1.24 -29.23 -12.29
C THR A 299 2.03 -29.52 -13.59
N ASP A 300 1.44 -29.24 -14.76
CA ASP A 300 2.15 -29.30 -16.02
C ASP A 300 2.74 -27.96 -16.48
N LEU A 301 2.42 -26.88 -15.79
CA LEU A 301 2.86 -25.55 -16.20
C LEU A 301 4.35 -25.39 -16.44
N GLU A 302 4.71 -24.89 -17.62
CA GLU A 302 6.11 -24.66 -18.01
C GLU A 302 6.50 -23.16 -18.10
N GLN A 303 5.53 -22.31 -18.43
CA GLN A 303 5.72 -20.87 -18.53
C GLN A 303 4.59 -20.14 -17.83
N LEU A 304 4.94 -19.16 -17.04
CA LEU A 304 3.95 -18.37 -16.31
C LEU A 304 4.40 -16.92 -16.40
N THR A 305 3.58 -16.08 -16.99
CA THR A 305 3.85 -14.67 -16.88
C THR A 305 2.87 -13.98 -15.94
N LEU A 306 3.42 -13.22 -15.00
CA LEU A 306 2.67 -12.39 -14.07
C LEU A 306 3.16 -10.93 -14.21
N ALA A 307 3.69 -10.62 -15.39
CA ALA A 307 4.19 -9.28 -15.69
C ALA A 307 3.10 -8.21 -15.57
N GLN A 308 3.52 -6.99 -15.23
CA GLN A 308 2.64 -5.84 -15.20
C GLN A 308 1.41 -6.03 -14.38
N ASN A 309 1.56 -6.72 -13.27
CA ASN A 309 0.55 -6.75 -12.25
C ASN A 309 0.94 -5.69 -11.22
N GLU A 310 0.49 -5.88 -9.97
CA GLU A 310 0.80 -4.91 -8.92
C GLU A 310 1.43 -5.61 -7.76
N ILE A 311 2.24 -6.62 -8.07
CA ILE A 311 2.65 -7.56 -7.09
C ILE A 311 3.69 -6.94 -6.16
N ASN A 312 3.42 -6.98 -4.87
CA ASN A 312 4.27 -6.38 -3.84
C ASN A 312 4.62 -7.43 -2.78
N LYS A 313 3.89 -8.54 -2.80
CA LYS A 313 3.92 -9.50 -1.71
C LYS A 313 3.83 -10.91 -2.29
N ILE A 314 4.84 -11.73 -2.00
CA ILE A 314 4.80 -13.15 -2.35
C ILE A 314 4.86 -14.00 -1.07
N ASP A 315 3.75 -14.64 -0.72
CA ASP A 315 3.62 -15.42 0.48
C ASP A 315 4.38 -16.71 0.35
N ASP A 316 4.74 -17.30 1.49
CA ASP A 316 5.43 -18.59 1.49
C ASP A 316 4.59 -19.63 0.75
N ASN A 317 5.27 -20.50 0.00
CA ASN A 317 4.63 -21.53 -0.81
C ASN A 317 3.67 -21.04 -1.88
N ALA A 318 3.83 -19.79 -2.32
CA ALA A 318 3.07 -19.25 -3.44
C ALA A 318 3.24 -20.08 -4.71
N PHE A 319 4.37 -20.74 -4.85
CA PHE A 319 4.70 -21.52 -6.04
C PHE A 319 4.69 -22.99 -5.80
N TRP A 320 4.13 -23.42 -4.69
CA TRP A 320 4.04 -24.81 -4.40
C TRP A 320 3.30 -25.54 -5.50
N GLY A 321 3.85 -26.66 -5.95
CA GLY A 321 3.20 -27.51 -6.96
C GLY A 321 3.66 -27.28 -8.39
N LEU A 322 4.43 -26.23 -8.60
CA LEU A 322 4.89 -25.89 -9.96
C LEU A 322 6.18 -26.67 -10.29
N THR A 323 6.06 -28.00 -10.30
CA THR A 323 7.20 -28.90 -10.44
C THR A 323 7.85 -28.84 -11.83
N HIS A 324 7.07 -28.48 -12.83
CA HIS A 324 7.58 -28.41 -14.18
C HIS A 324 7.87 -26.96 -14.64
N LEU A 325 7.72 -25.98 -13.75
CA LEU A 325 7.88 -24.58 -14.18
C LEU A 325 9.32 -24.21 -14.61
N LEU A 326 9.44 -23.77 -15.85
CA LEU A 326 10.74 -23.48 -16.49
C LEU A 326 10.96 -21.98 -16.58
N LYS A 327 9.86 -21.23 -16.66
CA LYS A 327 9.91 -19.81 -16.90
C LYS A 327 8.88 -19.02 -16.10
N LEU A 328 9.40 -18.05 -15.31
CA LEU A 328 8.58 -17.17 -14.49
C LEU A 328 8.91 -15.71 -14.78
N ASN A 329 7.90 -15.00 -15.23
CA ASN A 329 8.05 -13.60 -15.51
C ASN A 329 7.31 -12.77 -14.47
N LEU A 330 8.07 -12.03 -13.66
CA LEU A 330 7.52 -11.12 -12.66
C LEU A 330 7.85 -9.68 -12.97
N SER A 331 8.26 -9.43 -14.20
CA SER A 331 8.65 -8.09 -14.63
C SER A 331 7.53 -7.05 -14.46
N GLN A 332 7.92 -5.78 -14.33
CA GLN A 332 6.97 -4.68 -14.12
C GLN A 332 5.94 -4.95 -13.02
N ASN A 333 6.46 -5.15 -11.84
CA ASN A 333 5.61 -5.35 -10.69
C ASN A 333 6.11 -4.42 -9.62
N PHE A 334 5.81 -4.68 -8.35
CA PHE A 334 6.14 -3.72 -7.27
C PHE A 334 6.96 -4.34 -6.17
N LEU A 335 7.80 -5.31 -6.53
CA LEU A 335 8.59 -6.02 -5.55
C LEU A 335 9.64 -5.10 -4.96
N GLY A 336 9.68 -5.01 -3.63
CA GLY A 336 10.69 -4.14 -2.95
C GLY A 336 11.99 -4.87 -2.54
N SER A 337 11.85 -6.17 -2.34
CA SER A 337 12.97 -6.98 -1.90
C SER A 337 12.69 -8.42 -2.23
N ILE A 338 13.73 -9.22 -2.15
CA ILE A 338 13.65 -10.65 -2.40
C ILE A 338 14.28 -11.33 -1.18
N ASP A 339 13.73 -12.47 -0.77
CA ASP A 339 14.43 -13.41 0.16
C ASP A 339 14.18 -14.85 -0.25
N SER A 340 14.78 -15.82 0.44
CA SER A 340 14.77 -17.23 0.02
C SER A 340 13.40 -17.86 -0.05
N ARG A 341 12.50 -17.51 0.88
CA ARG A 341 11.16 -18.09 0.88
C ARG A 341 10.33 -17.82 -0.38
N MET A 342 10.63 -16.73 -1.08
CA MET A 342 9.78 -16.28 -2.19
C MET A 342 9.75 -17.27 -3.37
N PHE A 343 10.89 -17.85 -3.68
CA PHE A 343 11.00 -18.78 -4.77
C PHE A 343 11.21 -20.28 -4.38
N GLU A 344 10.76 -20.69 -3.19
CA GLU A 344 10.75 -22.10 -2.83
C GLU A 344 9.88 -22.86 -3.81
N ASN A 345 10.21 -24.12 -4.08
CA ASN A 345 9.36 -25.03 -4.88
C ASN A 345 9.49 -24.77 -6.38
N LEU A 346 10.52 -24.04 -6.78
CA LEU A 346 10.70 -23.77 -8.19
C LEU A 346 11.97 -24.45 -8.65
N ASP A 347 12.09 -25.73 -8.33
CA ASP A 347 13.34 -26.46 -8.56
C ASP A 347 13.79 -26.58 -10.02
N LYS A 348 12.83 -26.64 -10.94
CA LYS A 348 13.19 -26.79 -12.35
C LYS A 348 13.32 -25.46 -13.08
N LEU A 349 13.09 -24.35 -12.39
CA LEU A 349 13.08 -23.04 -13.02
C LEU A 349 14.39 -22.71 -13.76
N GLU A 350 14.24 -22.21 -14.99
CA GLU A 350 15.37 -21.86 -15.82
C GLU A 350 15.51 -20.37 -16.07
N VAL A 351 14.39 -19.65 -16.02
CA VAL A 351 14.36 -18.26 -16.38
C VAL A 351 13.49 -17.49 -15.39
N LEU A 352 14.07 -16.47 -14.78
CA LEU A 352 13.38 -15.64 -13.85
C LEU A 352 13.58 -14.18 -14.24
N ASP A 353 12.49 -13.48 -14.53
CA ASP A 353 12.51 -12.08 -14.88
C ASP A 353 11.93 -11.22 -13.77
N LEU A 354 12.80 -10.47 -13.12
CA LEU A 354 12.43 -9.62 -12.01
C LEU A 354 12.75 -8.17 -12.36
N SER A 355 13.00 -7.92 -13.64
CA SER A 355 13.28 -6.58 -14.09
C SER A 355 12.05 -5.66 -13.89
N TYR A 356 12.32 -4.36 -13.74
CA TYR A 356 11.31 -3.30 -13.64
C TYR A 356 10.46 -3.54 -12.40
N ASN A 357 11.13 -3.80 -11.28
CA ASN A 357 10.42 -3.76 -10.04
C ASN A 357 10.95 -2.60 -9.26
N HIS A 358 10.78 -2.64 -7.94
CA HIS A 358 11.36 -1.60 -7.14
C HIS A 358 12.30 -2.20 -6.11
N ILE A 359 13.08 -3.18 -6.54
CA ILE A 359 13.83 -4.02 -5.61
C ILE A 359 14.99 -3.23 -5.02
N ARG A 360 14.98 -3.12 -3.70
CA ARG A 360 15.99 -2.35 -3.04
C ARG A 360 16.95 -3.23 -2.31
N ALA A 361 16.58 -4.50 -2.12
CA ALA A 361 17.43 -5.41 -1.38
C ALA A 361 17.20 -6.85 -1.83
N LEU A 362 18.28 -7.60 -1.94
CA LEU A 362 18.22 -9.06 -2.13
C LEU A 362 18.66 -9.75 -0.85
N GLY A 363 17.88 -10.73 -0.41
CA GLY A 363 18.23 -11.48 0.77
C GLY A 363 19.45 -12.33 0.49
N ASP A 364 20.25 -12.51 1.52
CA ASP A 364 21.33 -13.48 1.56
C ASP A 364 21.21 -14.73 0.67
N GLN A 365 20.02 -15.31 0.60
CA GLN A 365 19.90 -16.62 -0.03
C GLN A 365 18.74 -16.65 -0.98
N SER A 366 18.55 -15.51 -1.64
CA SER A 366 17.40 -15.24 -2.49
C SER A 366 17.12 -16.32 -3.50
N PHE A 367 18.17 -16.89 -4.09
CA PHE A 367 17.99 -17.80 -5.21
C PHE A 367 18.31 -19.27 -4.82
N LEU A 368 18.33 -19.52 -3.51
CA LEU A 368 18.63 -20.83 -2.95
C LEU A 368 17.88 -21.97 -3.66
N GLY A 369 16.57 -21.84 -3.77
CA GLY A 369 15.82 -22.92 -4.41
C GLY A 369 15.66 -22.78 -5.92
N LEU A 370 16.72 -22.31 -6.59
CA LEU A 370 16.73 -22.20 -8.05
C LEU A 370 18.00 -22.74 -8.73
N PRO A 371 18.41 -23.97 -8.39
CA PRO A 371 19.72 -24.44 -8.88
C PRO A 371 19.83 -24.51 -10.39
N ASN A 372 18.71 -24.75 -11.08
CA ASN A 372 18.78 -24.83 -12.54
C ASN A 372 18.63 -23.52 -13.29
N LEU A 373 18.62 -22.42 -12.54
CA LEU A 373 18.46 -21.13 -13.19
C LEU A 373 19.53 -20.95 -14.24
N LYS A 374 19.06 -20.64 -15.43
CA LYS A 374 19.95 -20.27 -16.51
C LYS A 374 20.01 -18.77 -16.77
N GLU A 375 18.91 -18.08 -16.55
CA GLU A 375 18.79 -16.68 -16.89
C GLU A 375 18.13 -15.91 -15.73
N LEU A 376 18.80 -14.83 -15.31
CA LEU A 376 18.33 -14.07 -14.20
C LEU A 376 18.29 -12.58 -14.55
N ALA A 377 17.12 -11.97 -14.52
CA ALA A 377 17.04 -10.56 -14.87
C ALA A 377 16.69 -9.70 -13.67
N LEU A 378 17.66 -8.87 -13.26
CA LEU A 378 17.54 -7.99 -12.11
C LEU A 378 17.75 -6.55 -12.53
N ASP A 379 17.77 -6.30 -13.84
CA ASP A 379 18.01 -4.95 -14.32
C ASP A 379 16.83 -4.05 -13.95
N THR A 380 17.10 -2.76 -13.97
CA THR A 380 16.05 -1.78 -13.84
C THR A 380 15.33 -2.02 -12.52
N ASN A 381 16.09 -1.98 -11.45
CA ASN A 381 15.50 -2.04 -10.14
C ASN A 381 16.14 -0.91 -9.36
N GLN A 382 16.36 -1.05 -8.07
CA GLN A 382 16.99 0.02 -7.32
C GLN A 382 18.02 -0.55 -6.36
N LEU A 383 18.87 -1.41 -6.88
CA LEU A 383 19.81 -2.09 -6.01
C LEU A 383 21.09 -1.31 -5.86
N LYS A 384 21.49 -1.09 -4.61
CA LYS A 384 22.74 -0.45 -4.38
C LYS A 384 23.79 -1.49 -4.25
N SER A 385 23.40 -2.69 -3.81
CA SER A 385 24.35 -3.76 -3.54
C SER A 385 23.67 -5.10 -3.49
N VAL A 386 24.49 -6.15 -3.56
CA VAL A 386 24.02 -7.52 -3.30
C VAL A 386 24.80 -8.11 -2.13
N PRO A 387 24.22 -9.11 -1.44
CA PRO A 387 25.01 -9.79 -0.40
C PRO A 387 26.16 -10.63 -0.98
N ASP A 388 27.29 -10.68 -0.29
CA ASP A 388 28.38 -11.61 -0.69
C ASP A 388 27.87 -13.03 -0.93
N GLY A 389 28.34 -13.63 -2.03
CA GLY A 389 28.02 -15.00 -2.36
C GLY A 389 26.66 -15.24 -2.95
N ILE A 390 25.89 -14.18 -3.25
CA ILE A 390 24.49 -14.31 -3.64
C ILE A 390 24.30 -15.26 -4.85
N PHE A 391 25.22 -15.18 -5.81
CA PHE A 391 25.11 -15.88 -7.09
C PHE A 391 25.92 -17.18 -7.15
N ASP A 392 26.67 -17.49 -6.08
CA ASP A 392 27.57 -18.68 -6.01
C ASP A 392 26.95 -20.05 -6.26
N ARG A 393 25.75 -20.25 -5.72
CA ARG A 393 24.97 -21.49 -5.83
C ARG A 393 24.31 -21.60 -7.21
N LEU A 394 24.31 -20.52 -7.99
CA LEU A 394 23.70 -20.57 -9.34
C LEU A 394 24.65 -21.12 -10.42
N THR A 395 25.04 -22.38 -10.26
CA THR A 395 26.05 -22.97 -11.14
C THR A 395 25.60 -23.35 -12.55
N SER A 396 24.31 -23.24 -12.83
CA SER A 396 23.83 -23.42 -14.20
C SER A 396 23.60 -22.09 -14.90
N LEU A 397 23.90 -20.99 -14.24
CA LEU A 397 23.67 -19.67 -14.82
C LEU A 397 24.45 -19.41 -16.12
N GLN A 398 23.72 -18.95 -17.13
CA GLN A 398 24.24 -18.56 -18.43
C GLN A 398 24.13 -17.05 -18.67
N LYS A 399 23.03 -16.43 -18.22
CA LYS A 399 22.82 -15.01 -18.50
C LYS A 399 22.26 -14.29 -17.30
N ILE A 400 22.89 -13.15 -16.98
CA ILE A 400 22.40 -12.29 -15.91
C ILE A 400 22.28 -10.85 -16.37
N TRP A 401 21.19 -10.17 -15.99
CA TRP A 401 21.02 -8.73 -16.21
C TRP A 401 21.06 -7.91 -14.89
N LEU A 402 21.92 -6.89 -14.84
CA LEU A 402 22.15 -6.14 -13.60
C LEU A 402 22.21 -4.65 -13.86
N HIS A 403 21.92 -4.24 -15.09
CA HIS A 403 22.19 -2.85 -15.45
C HIS A 403 21.08 -1.98 -14.94
N THR A 404 21.26 -0.66 -15.04
CA THR A 404 20.22 0.29 -14.62
C THR A 404 19.81 0.03 -13.14
N ASN A 405 20.82 -0.16 -12.31
CA ASN A 405 20.64 -0.15 -10.89
C ASN A 405 21.71 0.80 -10.40
N PRO A 406 21.46 1.53 -9.29
CA PRO A 406 22.46 2.47 -8.72
C PRO A 406 23.55 1.74 -7.94
N TRP A 407 24.40 0.94 -8.59
CA TRP A 407 25.42 0.21 -7.84
C TRP A 407 26.38 1.13 -7.09
N ASP A 408 26.55 0.84 -5.81
CA ASP A 408 27.52 1.51 -4.97
C ASP A 408 28.90 0.85 -5.10
N CYS A 409 29.83 1.52 -5.77
CA CYS A 409 31.13 0.92 -6.04
C CYS A 409 32.20 1.18 -4.98
N SER A 410 31.78 1.61 -3.79
CA SER A 410 32.66 1.65 -2.61
C SER A 410 33.37 0.32 -2.38
N CYS A 411 34.68 0.37 -2.13
CA CYS A 411 35.38 -0.81 -1.56
C CYS A 411 35.37 -0.74 -0.04
N PRO A 412 35.05 -1.88 0.60
CA PRO A 412 34.89 -3.19 -0.02
C PRO A 412 33.46 -3.65 -0.39
N ARG A 413 32.44 -2.87 -0.06
CA ARG A 413 31.06 -3.24 -0.41
C ARG A 413 30.94 -3.90 -1.80
N ILE A 414 31.70 -3.40 -2.77
CA ILE A 414 31.49 -3.78 -4.16
C ILE A 414 32.35 -4.97 -4.59
N ASP A 415 33.27 -5.36 -3.71
CA ASP A 415 34.25 -6.39 -3.99
C ASP A 415 33.69 -7.68 -4.57
N TYR A 416 32.81 -8.36 -3.82
CA TYR A 416 32.25 -9.57 -4.36
C TYR A 416 31.62 -9.39 -5.75
N LEU A 417 30.69 -8.43 -5.91
CA LEU A 417 30.02 -8.27 -7.23
C LEU A 417 31.02 -7.94 -8.36
N SER A 418 31.95 -7.03 -8.11
CA SER A 418 32.89 -6.67 -9.17
C SER A 418 33.76 -7.86 -9.56
N ARG A 419 34.26 -8.62 -8.58
CA ARG A 419 35.03 -9.82 -8.89
C ARG A 419 34.11 -10.80 -9.60
N TRP A 420 32.91 -11.00 -9.07
CA TRP A 420 32.01 -11.97 -9.66
C TRP A 420 31.77 -11.61 -11.14
N LEU A 421 31.50 -10.35 -11.42
CA LEU A 421 31.17 -9.93 -12.77
C LEU A 421 32.34 -10.06 -13.67
N ASN A 422 33.54 -9.88 -13.11
CA ASN A 422 34.76 -9.93 -13.90
C ASN A 422 35.06 -11.38 -14.28
N LYS A 423 34.92 -12.27 -13.30
CA LYS A 423 35.09 -13.72 -13.48
C LYS A 423 34.01 -14.32 -14.39
N ASN A 424 32.80 -13.75 -14.34
CA ASN A 424 31.67 -14.27 -15.11
C ASN A 424 31.24 -13.32 -16.23
N SER A 425 32.19 -12.60 -16.84
CA SER A 425 31.83 -11.47 -17.74
C SER A 425 30.97 -11.84 -18.93
N GLN A 426 31.13 -13.05 -19.43
CA GLN A 426 30.29 -13.48 -20.54
C GLN A 426 28.86 -13.84 -20.15
N LYS A 427 28.58 -13.89 -18.86
CA LYS A 427 27.18 -14.03 -18.47
C LYS A 427 26.42 -12.69 -18.43
N GLU A 428 27.13 -11.62 -18.09
CA GLU A 428 26.45 -10.34 -17.95
C GLU A 428 25.88 -9.85 -19.27
N GLN A 429 24.58 -9.57 -19.28
CA GLN A 429 23.94 -8.96 -20.43
C GLN A 429 23.82 -7.44 -20.19
N GLY A 430 24.32 -6.66 -21.14
CA GLY A 430 24.47 -5.23 -20.90
C GLY A 430 25.62 -5.10 -19.92
N SER A 431 25.68 -3.97 -19.23
CA SER A 431 26.82 -3.69 -18.40
C SER A 431 26.42 -2.83 -17.19
N ALA A 432 26.53 -3.42 -16.01
CA ALA A 432 26.24 -2.69 -14.78
C ALA A 432 27.26 -1.59 -14.56
N LYS A 433 26.76 -0.45 -14.11
CA LYS A 433 27.56 0.74 -14.00
C LYS A 433 27.58 1.18 -12.56
N CYS A 434 28.67 1.79 -12.13
CA CYS A 434 28.72 2.48 -10.85
C CYS A 434 27.84 3.74 -10.90
N SER A 435 26.98 3.95 -9.91
CA SER A 435 26.34 5.27 -9.78
C SER A 435 27.41 6.29 -9.31
N GLY A 436 27.40 7.47 -9.90
CA GLY A 436 28.45 8.41 -9.52
C GLY A 436 29.46 8.52 -10.66
N SER A 437 30.39 7.57 -10.74
CA SER A 437 31.36 7.54 -11.84
C SER A 437 30.80 7.04 -13.18
N GLY A 438 29.79 6.19 -13.15
CA GLY A 438 29.17 5.70 -14.40
C GLY A 438 29.99 4.69 -15.21
N LYS A 439 31.09 4.20 -14.64
CA LYS A 439 31.98 3.22 -15.27
C LYS A 439 31.65 1.78 -14.81
N PRO A 440 32.14 0.76 -15.55
CA PRO A 440 31.61 -0.58 -15.30
C PRO A 440 31.95 -1.16 -13.91
N VAL A 441 30.95 -1.75 -13.26
CA VAL A 441 31.13 -2.45 -12.00
C VAL A 441 32.27 -3.46 -12.16
N ARG A 442 32.28 -4.14 -13.29
CA ARG A 442 33.25 -5.19 -13.55
C ARG A 442 34.69 -4.67 -13.55
N SER A 443 34.87 -3.37 -13.79
CA SER A 443 36.20 -2.77 -13.86
C SER A 443 36.81 -2.42 -12.49
N ILE A 444 35.99 -2.39 -11.44
CA ILE A 444 36.48 -2.04 -10.10
C ILE A 444 37.30 -3.19 -9.54
N ILE A 445 38.47 -2.86 -9.00
CA ILE A 445 39.28 -3.83 -8.30
C ILE A 445 39.53 -3.33 -6.88
N CYS A 446 38.97 -4.06 -5.91
CA CYS A 446 39.12 -3.71 -4.50
C CYS A 446 40.41 -4.30 -3.91
N PRO A 447 41.18 -3.48 -3.17
CA PRO A 447 42.45 -3.91 -2.55
C PRO A 447 42.31 -4.91 -1.40
N GLU B 7 57.23 7.78 28.67
CA GLU B 7 56.25 6.87 27.99
C GLU B 7 55.43 7.58 26.92
N CYS B 8 55.05 8.84 27.16
CA CYS B 8 54.21 9.56 26.22
C CYS B 8 54.98 9.94 24.99
N SER B 9 54.29 10.04 23.87
CA SER B 9 54.82 10.64 22.68
C SER B 9 54.57 12.18 22.65
N VAL B 10 55.65 12.94 22.73
CA VAL B 10 55.56 14.38 22.69
C VAL B 10 56.08 14.85 21.34
N ILE B 11 55.18 15.39 20.53
CA ILE B 11 55.53 15.96 19.25
C ILE B 11 54.94 17.33 19.15
N GLY B 12 55.79 18.32 18.99
CA GLY B 12 55.33 19.70 18.97
C GLY B 12 54.81 20.05 20.36
N TYR B 13 53.61 20.61 20.36
CA TYR B 13 52.93 21.00 21.58
C TYR B 13 51.99 19.91 22.13
N ASN B 14 52.05 18.70 21.56
CA ASN B 14 51.05 17.65 21.83
C ASN B 14 51.64 16.45 22.53
N ALA B 15 51.08 16.09 23.69
CA ALA B 15 51.47 14.88 24.40
C ALA B 15 50.41 13.82 24.18
N ILE B 16 50.78 12.76 23.46
CA ILE B 16 49.91 11.61 23.32
C ILE B 16 50.32 10.54 24.32
N CYS B 17 49.47 10.31 25.30
CA CYS B 17 49.75 9.43 26.43
C CYS B 17 48.66 8.38 26.50
N ILE B 18 48.09 8.04 25.34
CA ILE B 18 47.04 7.06 25.22
C ILE B 18 47.55 5.66 25.52
N ASN B 19 46.82 4.94 26.38
CA ASN B 19 46.97 3.49 26.58
C ASN B 19 48.39 3.10 26.88
N ARG B 20 48.91 3.66 27.94
CA ARG B 20 50.29 3.49 28.33
C ARG B 20 50.42 2.86 29.70
N GLY B 21 49.31 2.30 30.21
CA GLY B 21 49.30 1.68 31.55
C GLY B 21 49.54 2.66 32.69
N LEU B 22 49.19 3.92 32.48
CA LEU B 22 49.39 4.97 33.47
C LEU B 22 48.37 4.91 34.60
N HIS B 23 48.83 4.95 35.83
CA HIS B 23 47.94 4.98 37.00
C HIS B 23 47.91 6.39 37.59
N GLN B 24 48.84 7.24 37.15
CA GLN B 24 48.79 8.68 37.44
C GLN B 24 49.13 9.51 36.22
N VAL B 25 48.99 10.83 36.36
CA VAL B 25 49.33 11.77 35.30
C VAL B 25 50.86 11.85 35.27
N PRO B 26 51.48 11.58 34.11
CA PRO B 26 52.95 11.55 34.06
C PRO B 26 53.56 12.96 34.04
N GLU B 27 54.86 13.05 34.36
CA GLU B 27 55.58 14.29 34.19
C GLU B 27 55.61 14.59 32.69
N LEU B 28 55.16 15.79 32.32
CA LEU B 28 55.15 16.19 30.93
C LEU B 28 55.89 17.51 30.77
N PRO B 29 56.49 17.76 29.58
CA PRO B 29 57.14 19.06 29.34
C PRO B 29 56.12 20.17 29.52
N ALA B 30 56.53 21.24 30.16
CA ALA B 30 55.58 22.24 30.63
C ALA B 30 55.03 23.15 29.52
N HIS B 31 55.54 23.01 28.31
CA HIS B 31 55.04 23.81 27.19
C HIS B 31 53.91 23.16 26.38
N VAL B 32 53.62 21.89 26.62
CA VAL B 32 52.52 21.23 25.89
C VAL B 32 51.19 21.95 26.11
N ASN B 33 50.41 22.09 25.04
CA ASN B 33 49.11 22.73 25.17
C ASN B 33 47.99 21.75 24.84
N TYR B 34 48.35 20.51 24.60
CA TYR B 34 47.38 19.49 24.23
C TYR B 34 47.83 18.16 24.85
N VAL B 35 46.97 17.56 25.66
CA VAL B 35 47.27 16.29 26.33
C VAL B 35 46.12 15.30 26.19
N ASP B 36 46.45 14.08 25.78
CA ASP B 36 45.48 12.98 25.65
C ASP B 36 45.89 11.80 26.55
N LEU B 37 45.14 11.61 27.61
CA LEU B 37 45.46 10.60 28.61
C LEU B 37 44.43 9.48 28.59
N SER B 38 43.75 9.33 27.48
CA SER B 38 42.70 8.33 27.32
C SER B 38 43.24 6.87 27.42
N LEU B 39 42.35 5.98 27.88
CA LEU B 39 42.54 4.52 27.95
C LEU B 39 43.70 4.11 28.84
N ASN B 40 43.80 4.77 29.99
CA ASN B 40 44.75 4.41 31.03
C ASN B 40 44.00 3.92 32.28
N SER B 41 44.75 3.62 33.34
CA SER B 41 44.12 3.23 34.59
C SER B 41 44.29 4.28 35.68
N ILE B 42 44.12 5.55 35.34
CA ILE B 42 44.10 6.61 36.36
C ILE B 42 42.80 6.50 37.12
N ALA B 43 42.91 6.22 38.41
CA ALA B 43 41.75 5.92 39.25
C ALA B 43 41.21 7.20 39.84
N GLU B 44 42.08 8.21 39.98
CA GLU B 44 41.75 9.42 40.71
C GLU B 44 42.57 10.64 40.24
N LEU B 45 41.88 11.74 39.97
CA LEU B 45 42.53 13.01 39.69
C LEU B 45 42.28 13.93 40.88
N ASN B 46 43.32 14.67 41.27
CA ASN B 46 43.20 15.70 42.30
C ASN B 46 44.03 16.95 41.97
N GLU B 47 44.27 17.83 42.95
CA GLU B 47 45.02 19.09 42.73
C GLU B 47 46.46 18.91 42.28
N THR B 48 47.11 17.84 42.72
CA THR B 48 48.49 17.59 42.33
C THR B 48 48.65 17.02 40.91
N SER B 49 47.58 16.47 40.33
CA SER B 49 47.64 15.86 38.97
C SER B 49 48.20 16.77 37.85
N PHE B 50 47.66 17.97 37.69
CA PHE B 50 48.01 18.82 36.56
C PHE B 50 48.80 20.09 36.98
N SER B 51 49.55 19.97 38.07
CA SER B 51 50.36 21.09 38.59
C SER B 51 51.27 21.75 37.55
N ARG B 52 51.90 20.93 36.70
CA ARG B 52 52.95 21.39 35.78
C ARG B 52 52.44 22.25 34.62
N LEU B 53 51.21 21.98 34.20
CA LEU B 53 50.78 22.20 32.81
C LEU B 53 49.94 23.41 32.58
N GLN B 54 50.53 24.58 32.80
CA GLN B 54 49.80 25.85 32.64
C GLN B 54 49.30 26.16 31.24
N ASP B 55 50.16 26.09 30.22
CA ASP B 55 49.73 26.38 28.84
C ASP B 55 48.71 25.38 28.24
N LEU B 56 48.24 24.42 29.02
CA LEU B 56 47.33 23.38 28.53
C LEU B 56 45.96 23.92 28.05
N GLN B 57 45.60 23.67 26.79
CA GLN B 57 44.37 24.21 26.21
C GLN B 57 43.30 23.15 25.98
N PHE B 58 43.74 21.93 25.70
CA PHE B 58 42.91 20.83 25.28
C PHE B 58 43.31 19.63 26.14
N LEU B 59 42.37 19.09 26.92
CA LEU B 59 42.66 17.92 27.77
C LEU B 59 41.65 16.81 27.62
N LYS B 60 42.13 15.63 27.28
CA LYS B 60 41.26 14.46 27.18
C LYS B 60 41.74 13.43 28.16
N VAL B 61 40.83 12.99 29.01
CA VAL B 61 41.09 11.88 29.90
C VAL B 61 39.92 10.91 29.77
N GLU B 62 39.71 10.38 28.57
CA GLU B 62 38.58 9.54 28.31
C GLU B 62 38.83 8.10 28.72
N GLN B 63 37.73 7.42 29.05
CA GLN B 63 37.73 5.97 29.20
C GLN B 63 38.88 5.37 30.01
N GLN B 64 39.05 5.85 31.23
CA GLN B 64 39.92 5.18 32.18
C GLN B 64 39.22 3.90 32.61
N THR B 65 39.92 3.02 33.31
CA THR B 65 39.29 1.93 33.99
C THR B 65 38.09 2.51 34.73
N PRO B 66 37.00 1.75 34.80
CA PRO B 66 35.76 2.20 35.40
C PRO B 66 35.96 2.84 36.76
N GLY B 67 35.17 3.87 37.07
CA GLY B 67 35.21 4.47 38.43
C GLY B 67 36.04 5.73 38.71
N LEU B 68 36.61 6.34 37.67
CA LEU B 68 37.40 7.57 37.81
C LEU B 68 36.80 8.59 38.79
N VAL B 69 37.58 8.96 39.80
CA VAL B 69 37.21 10.02 40.74
C VAL B 69 37.92 11.34 40.40
N ILE B 70 37.15 12.40 40.27
CA ILE B 70 37.73 13.72 40.10
C ILE B 70 37.56 14.61 41.36
N ARG B 71 38.65 14.80 42.08
CA ARG B 71 38.60 15.57 43.33
C ARG B 71 38.48 17.07 43.11
N ASN B 72 38.04 17.75 44.18
CA ASN B 72 38.03 19.20 44.24
C ASN B 72 39.36 19.77 43.82
N ASN B 73 39.31 20.76 42.93
CA ASN B 73 40.47 21.56 42.49
C ASN B 73 41.46 20.85 41.60
N THR B 74 40.99 19.82 40.91
CA THR B 74 41.82 19.04 40.02
C THR B 74 42.44 19.89 38.90
N PHE B 75 41.66 20.80 38.34
CA PHE B 75 42.09 21.58 37.18
C PHE B 75 42.38 23.02 37.58
N ARG B 76 42.52 23.25 38.88
CA ARG B 76 42.75 24.61 39.34
C ARG B 76 44.17 25.00 38.93
N GLY B 77 44.32 26.22 38.43
CA GLY B 77 45.56 26.62 37.78
C GLY B 77 45.63 26.37 36.27
N LEU B 78 44.66 25.64 35.72
CA LEU B 78 44.56 25.42 34.26
C LEU B 78 43.68 26.49 33.59
N SER B 79 44.09 27.73 33.71
CA SER B 79 43.28 28.85 33.25
C SER B 79 43.30 29.04 31.74
N SER B 80 44.14 28.28 31.04
CA SER B 80 44.15 28.33 29.58
C SER B 80 43.33 27.20 28.98
N LEU B 81 42.80 26.31 29.82
CA LEU B 81 42.06 25.14 29.32
C LEU B 81 40.75 25.55 28.63
N ILE B 82 40.61 25.17 27.36
CA ILE B 82 39.45 25.52 26.51
C ILE B 82 38.52 24.33 26.32
N ILE B 83 39.10 23.14 26.21
CA ILE B 83 38.32 21.95 25.93
C ILE B 83 38.73 20.85 26.90
N LEU B 84 37.74 20.34 27.63
CA LEU B 84 37.96 19.22 28.50
C LEU B 84 37.05 18.04 28.16
N LYS B 85 37.65 16.90 27.84
CA LYS B 85 36.89 15.70 27.42
C LYS B 85 37.10 14.60 28.42
N LEU B 86 36.00 14.21 29.07
CA LEU B 86 36.03 13.21 30.12
C LEU B 86 35.13 12.01 29.81
N ASP B 87 34.86 11.79 28.52
CA ASP B 87 33.89 10.81 28.09
C ASP B 87 34.21 9.35 28.41
N TYR B 88 33.16 8.53 28.50
CA TYR B 88 33.27 7.08 28.71
C TYR B 88 34.05 6.67 29.97
N ASN B 89 34.02 7.54 30.96
CA ASN B 89 34.43 7.16 32.30
C ASN B 89 33.21 6.61 33.03
N GLN B 90 33.08 5.30 32.99
CA GLN B 90 31.94 4.62 33.58
C GLN B 90 31.94 4.87 35.08
N PHE B 91 30.78 5.26 35.60
CA PHE B 91 30.60 5.58 37.02
C PHE B 91 31.52 6.72 37.49
N LEU B 92 31.72 7.71 36.62
CA LEU B 92 32.45 8.93 36.97
C LEU B 92 31.99 9.54 38.28
N GLN B 93 32.93 9.79 39.17
CA GLN B 93 32.59 10.47 40.40
C GLN B 93 33.25 11.84 40.43
N LEU B 94 32.42 12.86 40.35
CA LEU B 94 32.83 14.24 40.46
C LEU B 94 32.50 14.71 41.85
N GLU B 95 33.50 15.23 42.57
CA GLU B 95 33.24 16.05 43.74
C GLU B 95 32.64 17.36 43.24
N THR B 96 31.99 18.12 44.09
CA THR B 96 31.22 19.28 43.60
C THR B 96 32.07 20.45 43.11
N GLY B 97 33.26 20.63 43.66
CA GLY B 97 34.22 21.61 43.16
C GLY B 97 35.23 21.01 42.19
N ALA B 98 34.84 19.92 41.49
CA ALA B 98 35.73 19.25 40.55
C ALA B 98 36.23 20.15 39.42
N PHE B 99 35.40 21.11 39.01
CA PHE B 99 35.76 22.02 37.92
C PHE B 99 36.18 23.43 38.36
N ASN B 100 36.52 23.60 39.65
CA ASN B 100 37.07 24.85 40.14
C ASN B 100 38.25 25.26 39.30
N GLY B 101 38.36 26.56 39.03
CA GLY B 101 39.49 27.09 38.26
C GLY B 101 39.27 27.12 36.75
N LEU B 102 38.12 26.62 36.29
CA LEU B 102 37.87 26.50 34.84
C LEU B 102 37.00 27.63 34.26
N ALA B 103 37.10 28.83 34.83
CA ALA B 103 36.37 30.01 34.32
C ALA B 103 36.50 30.23 32.82
N ASN B 104 37.65 29.84 32.24
CA ASN B 104 37.89 29.99 30.80
C ASN B 104 37.46 28.85 29.88
N LEU B 105 37.02 27.73 30.46
CA LEU B 105 36.62 26.56 29.69
C LEU B 105 35.39 26.81 28.78
N GLU B 106 35.51 26.42 27.52
CA GLU B 106 34.45 26.64 26.56
C GLU B 106 33.66 25.38 26.26
N VAL B 107 34.31 24.22 26.37
CA VAL B 107 33.72 22.98 25.95
C VAL B 107 34.00 21.89 26.96
N LEU B 108 32.94 21.26 27.46
CA LEU B 108 33.06 20.14 28.35
C LEU B 108 32.25 18.96 27.84
N THR B 109 32.88 17.80 27.73
CA THR B 109 32.14 16.62 27.27
C THR B 109 32.19 15.53 28.31
N LEU B 110 31.04 14.94 28.57
CA LEU B 110 30.91 13.90 29.58
C LEU B 110 29.99 12.85 29.06
N THR B 111 30.26 12.37 27.85
CA THR B 111 29.44 11.33 27.25
C THR B 111 29.58 9.98 27.97
N GLN B 112 28.46 9.34 28.21
CA GLN B 112 28.42 7.97 28.79
C GLN B 112 29.29 7.81 29.99
N CYS B 113 28.99 8.58 31.03
CA CYS B 113 29.69 8.57 32.29
C CYS B 113 28.75 8.17 33.45
N ASN B 114 27.59 7.59 33.13
CA ASN B 114 26.57 7.26 34.14
C ASN B 114 26.04 8.42 35.02
N LEU B 115 26.11 9.63 34.49
CA LEU B 115 25.64 10.80 35.22
C LEU B 115 24.14 10.87 35.26
N ASP B 116 23.59 11.32 36.37
CA ASP B 116 22.16 11.53 36.45
C ASP B 116 21.93 13.02 36.44
N GLY B 117 20.67 13.45 36.55
CA GLY B 117 20.28 14.86 36.46
C GLY B 117 20.85 15.77 37.53
N ALA B 118 21.32 15.18 38.62
CA ALA B 118 22.00 15.93 39.69
C ALA B 118 23.20 16.71 39.14
N VAL B 119 23.79 16.20 38.06
CA VAL B 119 24.95 16.84 37.42
C VAL B 119 24.58 18.24 36.87
N LEU B 120 23.31 18.45 36.54
CA LEU B 120 22.83 19.72 36.03
C LEU B 120 22.20 20.56 37.12
N SER B 121 21.61 19.90 38.11
CA SER B 121 20.92 20.60 39.20
C SER B 121 21.84 20.92 40.38
N GLY B 122 22.97 20.21 40.49
CA GLY B 122 23.99 20.53 41.50
C GLY B 122 24.92 21.64 40.99
N ASN B 123 25.97 21.92 41.75
CA ASN B 123 26.87 23.01 41.44
C ASN B 123 28.13 22.60 40.64
N PHE B 124 28.09 21.43 40.01
CA PHE B 124 29.29 20.94 39.34
C PHE B 124 29.78 21.91 38.29
N PHE B 125 28.84 22.57 37.62
CA PHE B 125 29.17 23.43 36.50
C PHE B 125 29.19 24.91 36.83
N LYS B 126 28.93 25.25 38.08
CA LYS B 126 28.94 26.64 38.54
C LYS B 126 30.24 27.39 38.18
N PRO B 127 31.42 26.75 38.36
CA PRO B 127 32.64 27.49 38.01
C PRO B 127 32.78 27.82 36.50
N LEU B 128 32.03 27.12 35.66
CA LEU B 128 32.24 27.20 34.23
C LEU B 128 31.53 28.41 33.61
N THR B 129 31.96 29.60 34.01
CA THR B 129 31.31 30.85 33.62
C THR B 129 31.47 31.12 32.13
N SER B 130 32.54 30.66 31.51
CA SER B 130 32.71 30.87 30.07
C SER B 130 32.20 29.72 29.20
N LEU B 131 31.52 28.73 29.78
CA LEU B 131 31.11 27.55 29.03
C LEU B 131 30.22 27.88 27.82
N GLU B 132 30.55 27.28 26.69
CA GLU B 132 29.78 27.46 25.47
C GLU B 132 29.00 26.19 25.11
N MET B 133 29.64 25.06 25.34
CA MET B 133 29.25 23.81 24.75
C MET B 133 29.31 22.76 25.85
N LEU B 134 28.21 22.04 26.08
CA LEU B 134 28.18 20.96 27.09
C LEU B 134 27.54 19.72 26.45
N VAL B 135 28.28 18.62 26.49
CA VAL B 135 27.89 17.39 25.85
C VAL B 135 27.67 16.36 26.97
N LEU B 136 26.44 15.89 27.07
CA LEU B 136 26.02 15.03 28.14
C LEU B 136 25.31 13.84 27.58
N ARG B 137 25.73 13.40 26.40
CA ARG B 137 25.08 12.30 25.71
C ARG B 137 25.12 11.02 26.54
N ASP B 138 24.09 10.21 26.36
CA ASP B 138 24.15 8.82 26.68
C ASP B 138 24.45 8.55 28.19
N ASN B 139 23.77 9.32 29.04
CA ASN B 139 23.92 9.22 30.48
C ASN B 139 22.56 8.73 30.99
N ASN B 140 22.28 8.94 32.28
CA ASN B 140 21.01 8.53 32.85
C ASN B 140 20.28 9.75 33.37
N ILE B 141 20.32 10.83 32.58
CA ILE B 141 19.59 12.04 32.93
C ILE B 141 18.15 11.85 32.51
N LYS B 142 17.24 11.84 33.47
CA LYS B 142 15.85 11.51 33.19
C LYS B 142 14.98 12.74 33.13
N LYS B 143 15.52 13.84 33.59
CA LYS B 143 14.75 15.06 33.76
C LYS B 143 15.77 16.19 33.65
N ILE B 144 15.50 17.14 32.78
CA ILE B 144 16.48 18.17 32.50
C ILE B 144 16.21 19.37 33.39
N GLN B 145 17.05 19.56 34.40
CA GLN B 145 16.73 20.55 35.42
C GLN B 145 17.90 21.46 35.76
N PRO B 146 18.27 22.33 34.81
CA PRO B 146 19.45 23.15 35.07
C PRO B 146 19.30 24.02 36.33
N ALA B 147 20.37 24.06 37.13
CA ALA B 147 20.48 24.92 38.33
C ALA B 147 20.47 26.41 37.98
N SER B 148 20.15 27.25 38.98
CA SER B 148 19.90 28.66 38.71
C SER B 148 21.11 29.44 38.18
N PHE B 149 22.33 28.96 38.48
CA PHE B 149 23.54 29.64 38.05
C PHE B 149 23.66 29.68 36.52
N PHE B 150 22.85 28.85 35.85
CA PHE B 150 22.85 28.77 34.41
C PHE B 150 22.37 30.08 33.78
N LEU B 151 21.60 30.86 34.55
CA LEU B 151 21.08 32.13 34.07
C LEU B 151 22.22 33.11 33.86
N ASN B 152 23.32 32.89 34.59
CA ASN B 152 24.46 33.75 34.54
C ASN B 152 25.54 33.31 33.57
N MET B 153 25.27 32.25 32.83
CA MET B 153 26.25 31.73 31.87
C MET B 153 25.93 32.29 30.51
N ARG B 154 26.52 33.44 30.24
CA ARG B 154 26.13 34.28 29.12
C ARG B 154 26.61 33.73 27.80
N ARG B 155 27.59 32.85 27.84
CA ARG B 155 28.12 32.31 26.61
C ARG B 155 27.67 30.89 26.28
N PHE B 156 26.81 30.34 27.13
CA PHE B 156 26.34 28.99 26.95
C PHE B 156 25.29 28.90 25.83
N HIS B 157 25.60 28.14 24.79
CA HIS B 157 24.78 28.09 23.59
C HIS B 157 24.71 26.73 22.85
N VAL B 158 25.45 25.74 23.36
CA VAL B 158 25.30 24.38 22.84
C VAL B 158 25.08 23.38 23.97
N LEU B 159 24.08 22.52 23.78
CA LEU B 159 23.82 21.44 24.70
C LEU B 159 23.38 20.21 23.92
N ASP B 160 24.09 19.12 24.15
CA ASP B 160 23.79 17.85 23.53
C ASP B 160 23.42 16.81 24.57
N LEU B 161 22.19 16.30 24.50
CA LEU B 161 21.63 15.36 25.48
C LEU B 161 21.19 14.08 24.81
N THR B 162 21.70 13.85 23.61
CA THR B 162 21.35 12.67 22.83
C THR B 162 21.47 11.38 23.67
N PHE B 163 20.45 10.51 23.57
CA PHE B 163 20.43 9.17 24.18
C PHE B 163 20.06 9.11 25.66
N ASN B 164 19.84 10.22 26.33
CA ASN B 164 19.22 10.17 27.65
C ASN B 164 17.73 9.88 27.55
N LYS B 165 17.24 8.95 28.37
CA LYS B 165 15.82 8.65 28.37
C LYS B 165 15.10 9.72 29.13
N VAL B 166 14.49 10.64 28.40
CA VAL B 166 13.83 11.77 29.03
C VAL B 166 12.38 11.61 28.76
N LYS B 167 11.62 11.25 29.79
CA LYS B 167 10.18 11.06 29.66
C LYS B 167 9.48 12.32 29.21
N SER B 168 9.86 13.48 29.75
CA SER B 168 9.27 14.75 29.33
C SER B 168 10.23 15.90 29.51
N ILE B 169 9.97 16.99 28.79
CA ILE B 169 10.63 18.26 29.04
C ILE B 169 9.50 19.26 29.27
N CYS B 170 9.57 19.98 30.39
CA CYS B 170 8.52 20.96 30.65
C CYS B 170 9.04 22.31 31.09
N GLU B 171 8.14 23.29 31.13
CA GLU B 171 8.47 24.66 31.44
C GLU B 171 9.27 24.78 32.73
N GLU B 172 8.78 24.16 33.80
CA GLU B 172 9.47 24.21 35.09
C GLU B 172 10.82 23.47 35.12
N ASP B 173 10.98 22.40 34.32
CA ASP B 173 12.26 21.73 34.19
C ASP B 173 13.33 22.72 33.72
N LEU B 174 13.00 23.47 32.67
CA LEU B 174 13.96 24.31 31.93
C LEU B 174 13.93 25.78 32.36
N LEU B 175 13.30 26.07 33.49
CA LEU B 175 13.21 27.43 34.01
C LEU B 175 14.55 28.13 33.82
N ASN B 176 15.64 27.51 34.24
CA ASN B 176 16.93 28.21 34.21
C ASN B 176 17.67 28.32 32.87
N PHE B 177 17.03 27.90 31.78
CA PHE B 177 17.50 28.20 30.41
C PHE B 177 16.68 29.34 29.77
N GLN B 178 15.64 29.82 30.46
CA GLN B 178 14.88 30.95 29.95
C GLN B 178 15.80 32.15 29.75
N GLY B 179 15.71 32.78 28.59
CA GLY B 179 16.55 33.93 28.28
C GLY B 179 17.72 33.57 27.39
N LYS B 180 17.99 32.28 27.29
CA LYS B 180 19.12 31.78 26.55
C LYS B 180 18.80 31.68 25.08
N HIS B 181 19.79 31.99 24.25
CA HIS B 181 19.74 31.61 22.86
C HIS B 181 20.67 30.41 22.56
N PHE B 182 20.13 29.28 22.09
CA PHE B 182 20.96 28.13 21.80
C PHE B 182 21.24 28.08 20.31
N THR B 183 22.49 27.96 19.92
CA THR B 183 22.78 27.75 18.51
C THR B 183 22.44 26.29 18.21
N LEU B 184 22.72 25.42 19.16
CA LEU B 184 22.38 24.04 18.99
C LEU B 184 21.81 23.47 20.26
N LEU B 185 20.58 22.98 20.18
CA LEU B 185 20.01 22.26 21.28
C LEU B 185 19.68 20.86 20.74
N ARG B 186 20.49 19.90 21.13
CA ARG B 186 20.32 18.57 20.61
C ARG B 186 19.65 17.70 21.63
N LEU B 187 18.36 17.46 21.37
CA LEU B 187 17.52 16.61 22.20
C LEU B 187 17.11 15.38 21.41
N SER B 188 18.09 14.74 20.81
CA SER B 188 17.85 13.68 19.88
C SER B 188 17.83 12.31 20.59
N SER B 189 16.96 11.41 20.14
CA SER B 189 16.78 10.11 20.77
C SER B 189 16.63 10.17 22.28
N ILE B 190 15.86 11.12 22.79
CA ILE B 190 15.54 11.13 24.20
C ILE B 190 14.20 10.45 24.47
N THR B 191 13.50 10.13 23.39
CA THR B 191 12.19 9.51 23.41
C THR B 191 11.01 10.41 23.82
N LEU B 192 11.13 11.17 24.89
CA LEU B 192 9.96 11.91 25.43
C LEU B 192 8.71 11.03 25.45
N GLN B 193 8.84 9.83 25.99
CA GLN B 193 7.80 8.82 25.97
C GLN B 193 6.49 9.19 26.64
N ASP B 194 6.56 9.93 27.73
CA ASP B 194 5.37 10.40 28.42
C ASP B 194 4.56 11.43 27.64
N MET B 195 5.21 12.16 26.73
CA MET B 195 4.57 13.26 26.03
C MET B 195 3.77 12.75 24.85
N ASN B 196 2.70 12.02 25.14
CA ASN B 196 1.82 11.54 24.12
C ASN B 196 0.41 12.10 24.26
N GLU B 197 -0.49 11.71 23.37
CA GLU B 197 -1.86 12.21 23.36
C GLU B 197 -2.74 11.75 24.56
N TYR B 198 -2.26 10.78 25.35
CA TYR B 198 -3.06 10.29 26.49
C TYR B 198 -2.56 10.83 27.81
N TRP B 199 -1.52 11.65 27.75
CA TRP B 199 -0.87 12.23 28.92
C TRP B 199 -1.77 13.22 29.61
N LEU B 200 -1.83 13.15 30.94
CA LEU B 200 -2.59 14.13 31.72
C LEU B 200 -1.72 15.35 32.09
N GLY B 201 -0.54 15.45 31.48
CA GLY B 201 0.49 16.38 31.93
C GLY B 201 0.67 17.66 31.13
N TRP B 202 -0.06 17.79 30.02
CA TRP B 202 0.17 18.85 29.04
C TRP B 202 -0.02 20.26 29.60
N GLU B 203 -1.07 20.46 30.38
CA GLU B 203 -1.38 21.79 30.88
C GLU B 203 -0.24 22.27 31.79
N LYS B 204 0.04 21.48 32.82
CA LYS B 204 1.13 21.74 33.75
C LYS B 204 2.48 21.83 33.05
N CYS B 205 2.62 21.18 31.89
CA CYS B 205 3.90 21.17 31.17
C CYS B 205 4.26 22.54 30.60
N GLY B 206 3.23 23.30 30.22
CA GLY B 206 3.40 24.64 29.68
C GLY B 206 4.31 24.67 28.48
N ASN B 207 5.16 25.68 28.42
CA ASN B 207 6.08 25.85 27.32
C ASN B 207 7.52 25.65 27.78
N PRO B 208 8.09 24.45 27.54
CA PRO B 208 9.49 24.22 27.93
C PRO B 208 10.49 25.23 27.37
N PHE B 209 10.21 25.77 26.20
CA PHE B 209 11.09 26.76 25.61
C PHE B 209 10.68 28.22 25.80
N LYS B 210 9.89 28.50 26.83
CA LYS B 210 9.49 29.85 27.10
C LYS B 210 10.68 30.81 27.09
N ASN B 211 10.54 31.92 26.39
CA ASN B 211 11.58 32.98 26.36
C ASN B 211 12.98 32.42 25.98
N THR B 212 12.99 31.41 25.12
CA THR B 212 14.22 30.78 24.64
C THR B 212 14.16 30.77 23.12
N SER B 213 15.29 30.92 22.45
CA SER B 213 15.29 30.84 21.01
C SER B 213 16.39 29.92 20.59
N ILE B 214 16.26 29.36 19.40
CA ILE B 214 17.15 28.30 18.96
C ILE B 214 17.49 28.43 17.48
N THR B 215 18.75 28.29 17.15
CA THR B 215 19.18 28.22 15.76
C THR B 215 18.81 26.82 15.26
N THR B 216 19.49 25.80 15.77
CA THR B 216 19.18 24.38 15.43
C THR B 216 18.56 23.59 16.59
N LEU B 217 17.32 23.17 16.39
CA LEU B 217 16.67 22.35 17.39
C LEU B 217 16.60 20.94 16.83
N ASP B 218 17.43 20.05 17.36
CA ASP B 218 17.48 18.69 16.88
C ASP B 218 16.61 17.78 17.79
N LEU B 219 15.47 17.40 17.24
CA LEU B 219 14.53 16.50 17.92
C LEU B 219 14.41 15.18 17.17
N SER B 220 15.47 14.82 16.44
CA SER B 220 15.44 13.63 15.64
C SER B 220 15.30 12.39 16.57
N GLY B 221 14.82 11.25 16.05
CA GLY B 221 14.84 9.98 16.78
C GLY B 221 13.92 9.88 17.99
N ASN B 222 12.82 10.64 17.99
CA ASN B 222 11.95 10.74 19.14
C ASN B 222 10.54 10.27 18.89
N GLY B 223 10.29 9.64 17.75
CA GLY B 223 8.97 9.11 17.47
C GLY B 223 8.09 10.15 16.82
N PHE B 224 7.66 11.13 17.62
CA PHE B 224 6.79 12.21 17.14
C PHE B 224 5.62 11.70 16.29
N LYS B 225 4.89 10.77 16.85
CA LYS B 225 3.55 10.47 16.37
C LYS B 225 2.86 11.81 16.11
N GLU B 226 2.01 11.83 15.08
CA GLU B 226 1.36 13.04 14.65
C GLU B 226 0.68 13.83 15.78
N SER B 227 -0.06 13.13 16.63
CA SER B 227 -0.72 13.73 17.77
C SER B 227 0.24 14.27 18.81
N MET B 228 1.41 13.64 18.96
CA MET B 228 2.48 14.17 19.84
C MET B 228 3.07 15.44 19.23
N ALA B 229 3.36 15.40 17.93
CA ALA B 229 3.93 16.55 17.23
C ALA B 229 3.03 17.76 17.38
N LYS B 230 1.76 17.59 17.05
CA LYS B 230 0.77 18.65 17.23
C LYS B 230 0.80 19.26 18.62
N ARG B 231 0.79 18.42 19.67
CA ARG B 231 0.69 18.95 21.04
C ARG B 231 1.99 19.56 21.51
N PHE B 232 3.09 18.96 21.10
CA PHE B 232 4.41 19.47 21.42
C PHE B 232 4.64 20.85 20.77
N PHE B 233 4.27 20.97 19.50
CA PHE B 233 4.42 22.25 18.83
C PHE B 233 3.34 23.27 19.25
N ASP B 234 2.17 22.80 19.68
CA ASP B 234 1.19 23.69 20.32
C ASP B 234 1.84 24.24 21.59
N ALA B 235 2.46 23.35 22.38
CA ALA B 235 3.09 23.73 23.65
C ALA B 235 4.17 24.77 23.50
N ILE B 236 5.02 24.62 22.49
CA ILE B 236 6.17 25.48 22.29
C ILE B 236 5.92 26.62 21.28
N ALA B 237 4.66 26.77 20.87
CA ALA B 237 4.25 27.86 20.00
C ALA B 237 4.92 29.19 20.35
N GLY B 238 5.46 29.85 19.34
CA GLY B 238 6.10 31.15 19.51
C GLY B 238 7.63 31.08 19.49
N THR B 239 8.18 29.89 19.78
CA THR B 239 9.63 29.68 19.88
C THR B 239 10.34 29.90 18.55
N LYS B 240 11.29 30.82 18.55
CA LYS B 240 12.06 31.09 17.34
C LYS B 240 13.02 29.94 17.12
N ILE B 241 12.86 29.29 15.97
CA ILE B 241 13.66 28.14 15.59
C ILE B 241 14.04 28.38 14.15
N GLN B 242 15.33 28.45 13.87
CA GLN B 242 15.74 28.60 12.49
C GLN B 242 15.78 27.28 11.71
N SER B 243 16.15 26.20 12.40
CA SER B 243 16.41 24.97 11.72
C SER B 243 15.88 23.83 12.57
N LEU B 244 14.88 23.12 12.04
CA LEU B 244 14.19 22.12 12.79
C LEU B 244 14.49 20.71 12.27
N ILE B 245 14.99 19.83 13.13
CA ILE B 245 15.39 18.52 12.69
C ILE B 245 14.47 17.48 13.34
N LEU B 246 13.67 16.83 12.49
CA LEU B 246 12.76 15.80 12.91
C LEU B 246 12.96 14.49 12.15
N SER B 247 14.19 14.23 11.72
CA SER B 247 14.46 13.01 11.03
C SER B 247 14.31 11.85 11.97
N ASN B 248 13.95 10.68 11.43
CA ASN B 248 13.70 9.49 12.25
C ASN B 248 12.60 9.73 13.29
N SER B 249 11.52 10.39 12.88
CA SER B 249 10.33 10.47 13.68
C SER B 249 9.52 9.23 13.28
N TYR B 250 9.96 8.08 13.79
CA TYR B 250 9.51 6.78 13.33
C TYR B 250 8.01 6.56 13.55
N ASN B 251 7.37 7.45 14.33
CA ASN B 251 5.92 7.37 14.58
C ASN B 251 5.09 8.32 13.75
N MET B 252 5.75 9.24 13.06
CA MET B 252 5.03 10.32 12.46
C MET B 252 4.18 9.84 11.28
N GLY B 253 4.73 9.13 10.32
CA GLY B 253 3.89 8.78 9.16
C GLY B 253 2.99 7.56 9.37
N SER B 254 1.97 7.42 8.53
CA SER B 254 1.08 6.26 8.59
C SER B 254 1.77 4.98 8.12
N SER B 255 2.81 5.19 7.36
CA SER B 255 3.54 4.17 6.60
C SER B 255 2.73 3.58 5.46
N PHE B 256 3.45 3.02 4.52
CA PHE B 256 2.85 2.37 3.38
C PHE B 256 2.20 1.07 3.82
N GLY B 257 0.88 0.97 3.63
CA GLY B 257 0.17 -0.29 3.86
C GLY B 257 -0.73 -0.25 5.07
N HIS B 258 -0.67 0.83 5.85
CA HIS B 258 -1.36 0.87 7.14
C HIS B 258 -1.97 2.20 7.41
N THR B 259 -3.03 2.18 8.19
CA THR B 259 -3.73 3.39 8.55
C THR B 259 -3.97 3.48 10.06
N ASN B 260 -3.09 2.84 10.83
CA ASN B 260 -3.18 2.93 12.29
C ASN B 260 -2.77 4.32 12.74
N PHE B 261 -1.63 4.81 12.22
CA PHE B 261 -1.18 6.16 12.58
C PHE B 261 -1.54 7.12 11.47
N LYS B 262 -1.67 8.40 11.82
CA LYS B 262 -2.04 9.40 10.82
C LYS B 262 -0.79 10.07 10.25
N ASP B 263 -0.84 10.38 8.96
CA ASP B 263 0.16 11.31 8.40
C ASP B 263 -0.08 12.72 8.97
N PRO B 264 0.96 13.57 9.02
CA PRO B 264 0.69 14.90 9.53
C PRO B 264 -0.28 15.65 8.60
N ASP B 265 -1.08 16.55 9.18
CA ASP B 265 -2.08 17.28 8.42
C ASP B 265 -1.94 18.78 8.62
N ASN B 266 -2.93 19.56 8.19
CA ASN B 266 -2.86 21.02 8.30
C ASN B 266 -2.76 21.60 9.71
N PHE B 267 -2.95 20.77 10.74
CA PHE B 267 -2.89 21.25 12.14
C PHE B 267 -1.60 20.82 12.82
N THR B 268 -0.99 19.79 12.29
CA THR B 268 0.16 19.17 12.94
C THR B 268 1.20 20.22 13.31
N PHE B 269 1.54 21.11 12.39
CA PHE B 269 2.64 22.04 12.63
C PHE B 269 2.20 23.49 12.81
N LYS B 270 0.94 23.66 13.22
CA LYS B 270 0.45 25.00 13.48
C LYS B 270 1.25 25.78 14.53
N GLY B 271 1.72 25.11 15.58
CA GLY B 271 2.48 25.77 16.64
C GLY B 271 3.75 26.47 16.17
N LEU B 272 4.23 26.11 14.97
CA LEU B 272 5.44 26.66 14.37
C LEU B 272 5.13 27.84 13.46
N GLU B 273 3.89 28.26 13.48
CA GLU B 273 3.43 29.50 12.82
C GLU B 273 4.47 30.64 12.93
N ALA B 274 4.87 30.96 14.14
CA ALA B 274 5.60 32.19 14.36
C ALA B 274 7.07 31.94 14.72
N SER B 275 7.58 30.77 14.33
CA SER B 275 8.91 30.35 14.70
C SER B 275 10.02 30.82 13.78
N GLY B 276 9.66 31.33 12.61
CA GLY B 276 10.65 31.74 11.58
C GLY B 276 11.52 30.61 11.02
N VAL B 277 10.98 29.39 10.95
CA VAL B 277 11.78 28.21 10.53
C VAL B 277 12.26 28.34 9.08
N LYS B 278 13.56 28.12 8.88
CA LYS B 278 14.14 28.27 7.56
C LYS B 278 14.47 26.93 6.93
N THR B 279 14.78 25.95 7.78
CA THR B 279 15.10 24.64 7.33
C THR B 279 14.41 23.61 8.22
N CYS B 280 13.83 22.60 7.55
CA CYS B 280 13.08 21.58 8.24
C CYS B 280 13.46 20.26 7.64
N ASP B 281 13.96 19.35 8.48
CA ASP B 281 14.31 17.96 8.08
C ASP B 281 13.28 16.97 8.65
N LEU B 282 12.50 16.34 7.77
CA LEU B 282 11.50 15.35 8.17
C LEU B 282 11.74 14.01 7.52
N SER B 283 13.00 13.70 7.26
CA SER B 283 13.34 12.46 6.56
C SER B 283 13.19 11.25 7.49
N LYS B 284 13.09 10.05 6.91
CA LYS B 284 13.03 8.78 7.63
C LYS B 284 11.96 8.72 8.68
N SER B 285 10.75 9.20 8.36
CA SER B 285 9.65 9.27 9.33
C SER B 285 8.40 8.53 8.86
N LYS B 286 8.54 7.71 7.82
CA LYS B 286 7.44 6.81 7.46
C LYS B 286 6.19 7.55 6.94
N ILE B 287 6.36 8.79 6.51
CA ILE B 287 5.27 9.54 5.93
C ILE B 287 4.88 8.89 4.60
N PHE B 288 3.59 8.76 4.36
CA PHE B 288 3.10 8.08 3.16
C PHE B 288 2.35 9.06 2.21
N ALA B 289 1.56 9.96 2.76
CA ALA B 289 0.86 10.98 2.00
C ALA B 289 1.19 12.37 2.51
N LEU B 290 1.43 13.29 1.57
CA LEU B 290 1.55 14.71 1.89
C LEU B 290 0.17 15.29 1.75
N LEU B 291 -0.45 15.58 2.87
CA LEU B 291 -1.80 16.09 2.85
C LEU B 291 -1.84 17.59 2.59
N LYS B 292 -3.02 18.10 2.22
CA LYS B 292 -3.17 19.49 1.82
C LYS B 292 -2.78 20.39 3.00
N SER B 293 -2.03 21.45 2.69
CA SER B 293 -1.65 22.50 3.65
C SER B 293 -0.82 22.02 4.83
N VAL B 294 -0.19 20.87 4.69
CA VAL B 294 0.57 20.32 5.80
C VAL B 294 1.79 21.18 6.15
N PHE B 295 2.28 21.94 5.17
CA PHE B 295 3.41 22.78 5.39
C PHE B 295 3.04 24.27 5.42
N SER B 296 1.74 24.57 5.49
CA SER B 296 1.26 25.94 5.31
C SER B 296 1.69 26.96 6.37
N HIS B 297 2.16 26.46 7.51
CA HIS B 297 2.55 27.35 8.59
C HIS B 297 4.03 27.66 8.52
N PHE B 298 4.73 26.98 7.64
CA PHE B 298 6.16 27.18 7.42
C PHE B 298 6.39 28.29 6.40
N THR B 299 5.90 29.51 6.67
CA THR B 299 5.93 30.55 5.64
C THR B 299 7.33 31.11 5.34
N ASP B 300 8.25 30.99 6.28
CA ASP B 300 9.62 31.39 6.06
C ASP B 300 10.50 30.26 5.51
N LEU B 301 9.93 29.07 5.34
CA LEU B 301 10.74 27.88 5.01
C LEU B 301 11.51 28.01 3.72
N GLU B 302 12.81 27.74 3.81
CA GLU B 302 13.70 27.78 2.66
C GLU B 302 14.12 26.41 2.15
N GLN B 303 14.31 25.48 3.08
CA GLN B 303 14.73 24.14 2.72
C GLN B 303 13.89 23.11 3.44
N LEU B 304 13.44 22.10 2.70
CA LEU B 304 12.64 21.05 3.29
C LEU B 304 13.12 19.71 2.74
N THR B 305 13.55 18.82 3.64
CA THR B 305 13.81 17.48 3.25
C THR B 305 12.75 16.48 3.77
N LEU B 306 12.20 15.71 2.82
CA LEU B 306 11.29 14.63 3.11
C LEU B 306 11.90 13.33 2.57
N ALA B 307 13.23 13.29 2.47
CA ALA B 307 13.92 12.11 1.95
C ALA B 307 13.68 10.82 2.77
N GLN B 308 13.71 9.67 2.12
CA GLN B 308 13.61 8.36 2.85
C GLN B 308 12.37 8.27 3.73
N ASN B 309 11.27 8.80 3.22
CA ASN B 309 10.01 8.54 3.84
C ASN B 309 9.38 7.37 3.07
N GLU B 310 8.06 7.27 3.10
CA GLU B 310 7.36 6.26 2.33
C GLU B 310 6.36 6.89 1.37
N ILE B 311 6.72 8.07 0.88
CA ILE B 311 5.77 8.90 0.16
C ILE B 311 5.39 8.30 -1.19
N ASN B 312 4.11 8.10 -1.37
CA ASN B 312 3.58 7.54 -2.58
C ASN B 312 2.49 8.49 -3.14
N LYS B 313 2.08 9.46 -2.33
CA LYS B 313 0.95 10.28 -2.69
C LYS B 313 1.11 11.69 -2.16
N ILE B 314 0.99 12.63 -3.09
CA ILE B 314 1.04 14.04 -2.82
C ILE B 314 -0.31 14.67 -3.24
N ASP B 315 -1.12 15.03 -2.26
CA ASP B 315 -2.40 15.65 -2.51
C ASP B 315 -2.27 17.08 -3.03
N ASP B 316 -3.33 17.55 -3.69
CA ASP B 316 -3.36 18.90 -4.22
C ASP B 316 -3.15 19.90 -3.07
N ASN B 317 -2.39 20.95 -3.36
CA ASN B 317 -2.05 21.99 -2.37
C ASN B 317 -1.28 21.48 -1.15
N ALA B 318 -0.48 20.43 -1.34
CA ALA B 318 0.31 19.88 -0.24
C ALA B 318 1.38 20.87 0.18
N PHE B 319 1.81 21.70 -0.77
CA PHE B 319 2.88 22.68 -0.55
C PHE B 319 2.34 24.10 -0.49
N TRP B 320 1.03 24.24 -0.35
CA TRP B 320 0.48 25.57 -0.26
C TRP B 320 1.04 26.33 0.93
N GLY B 321 1.44 27.58 0.71
CA GLY B 321 1.98 28.42 1.80
C GLY B 321 3.50 28.46 1.90
N LEU B 322 4.18 27.63 1.11
CA LEU B 322 5.63 27.58 1.04
C LEU B 322 6.16 28.57 0.01
N THR B 323 5.78 29.84 0.17
CA THR B 323 6.19 30.93 -0.72
C THR B 323 7.72 31.16 -0.85
N HIS B 324 8.47 30.81 0.19
CA HIS B 324 9.91 31.06 0.21
C HIS B 324 10.74 29.82 -0.05
N LEU B 325 10.09 28.69 -0.32
CA LEU B 325 10.79 27.43 -0.43
C LEU B 325 11.71 27.39 -1.65
N LEU B 326 13.00 27.18 -1.36
CA LEU B 326 14.06 27.16 -2.36
C LEU B 326 14.47 25.75 -2.71
N LYS B 327 14.35 24.84 -1.74
CA LYS B 327 14.87 23.50 -1.85
C LYS B 327 13.92 22.45 -1.25
N LEU B 328 13.54 21.50 -2.10
CA LEU B 328 12.72 20.36 -1.74
C LEU B 328 13.37 19.02 -2.10
N ASN B 329 13.57 18.23 -1.08
CA ASN B 329 14.17 16.95 -1.23
C ASN B 329 13.13 15.83 -1.02
N LEU B 330 12.79 15.12 -2.10
CA LEU B 330 11.84 13.99 -2.06
C LEU B 330 12.52 12.68 -2.44
N SER B 331 13.83 12.65 -2.37
CA SER B 331 14.62 11.48 -2.67
C SER B 331 14.31 10.26 -1.78
N GLN B 332 14.57 9.07 -2.33
CA GLN B 332 14.26 7.82 -1.66
C GLN B 332 12.88 7.81 -1.06
N ASN B 333 11.91 7.87 -1.93
CA ASN B 333 10.52 7.72 -1.52
C ASN B 333 9.87 6.70 -2.44
N PHE B 334 8.54 6.70 -2.56
CA PHE B 334 7.85 5.70 -3.40
C PHE B 334 6.93 6.32 -4.48
N LEU B 335 7.34 7.44 -5.03
CA LEU B 335 6.52 8.13 -6.00
C LEU B 335 6.53 7.33 -7.28
N GLY B 336 5.35 7.09 -7.86
CA GLY B 336 5.25 6.30 -9.10
C GLY B 336 5.12 7.14 -10.34
N SER B 337 4.72 8.39 -10.15
CA SER B 337 4.51 9.33 -11.25
C SER B 337 4.46 10.75 -10.74
N ILE B 338 4.56 11.69 -11.65
CA ILE B 338 4.54 13.12 -11.34
C ILE B 338 3.49 13.74 -12.27
N ASP B 339 2.69 14.70 -11.80
CA ASP B 339 1.88 15.57 -12.69
C ASP B 339 1.90 17.04 -12.18
N SER B 340 1.28 17.97 -12.91
CA SER B 340 1.39 19.42 -12.56
C SER B 340 0.84 19.77 -11.18
N ARG B 341 -0.25 19.13 -10.77
CA ARG B 341 -0.82 19.42 -9.46
C ARG B 341 0.11 19.17 -8.27
N MET B 342 1.04 18.22 -8.39
CA MET B 342 1.94 17.85 -7.28
C MET B 342 2.81 18.98 -6.74
N PHE B 343 3.35 19.80 -7.64
CA PHE B 343 4.23 20.90 -7.25
C PHE B 343 3.62 22.32 -7.39
N GLU B 344 2.30 22.45 -7.34
CA GLU B 344 1.71 23.80 -7.30
C GLU B 344 2.22 24.54 -6.07
N ASN B 345 2.24 25.87 -6.13
CA ASN B 345 2.58 26.70 -4.96
C ASN B 345 4.06 26.59 -4.56
N LEU B 346 4.93 26.26 -5.50
CA LEU B 346 6.35 26.23 -5.19
C LEU B 346 7.09 27.17 -6.14
N ASP B 347 6.61 28.40 -6.25
CA ASP B 347 7.09 29.29 -7.30
C ASP B 347 8.54 29.70 -7.19
N LYS B 348 9.02 29.81 -5.95
CA LYS B 348 10.45 30.12 -5.74
C LYS B 348 11.40 28.93 -5.82
N LEU B 349 10.88 27.71 -6.00
CA LEU B 349 11.74 26.55 -5.94
C LEU B 349 12.92 26.57 -6.93
N GLU B 350 14.10 26.24 -6.38
CA GLU B 350 15.32 26.22 -7.14
C GLU B 350 15.90 24.82 -7.26
N VAL B 351 15.63 23.97 -6.28
CA VAL B 351 16.20 22.64 -6.23
C VAL B 351 15.13 21.61 -5.87
N LEU B 352 14.97 20.63 -6.75
CA LEU B 352 14.01 19.57 -6.56
C LEU B 352 14.74 18.23 -6.79
N ASP B 353 14.77 17.40 -5.75
CA ASP B 353 15.38 16.10 -5.79
C ASP B 353 14.28 15.06 -5.74
N LEU B 354 14.11 14.37 -6.86
CA LEU B 354 13.17 13.25 -6.98
C LEU B 354 13.87 11.93 -7.28
N SER B 355 15.18 11.88 -7.06
CA SER B 355 15.95 10.67 -7.33
C SER B 355 15.51 9.53 -6.39
N TYR B 356 15.79 8.29 -6.79
CA TYR B 356 15.52 7.12 -5.98
C TYR B 356 14.04 7.03 -5.56
N ASN B 357 13.15 7.24 -6.51
CA ASN B 357 11.76 6.92 -6.32
C ASN B 357 11.42 5.77 -7.28
N HIS B 358 10.17 5.64 -7.64
CA HIS B 358 9.81 4.55 -8.53
C HIS B 358 9.03 5.16 -9.68
N ILE B 359 9.48 6.32 -10.12
CA ILE B 359 8.74 7.11 -11.09
C ILE B 359 8.74 6.47 -12.46
N ARG B 360 7.57 6.14 -12.96
CA ARG B 360 7.45 5.46 -14.22
C ARG B 360 6.89 6.41 -15.26
N ALA B 361 6.41 7.57 -14.83
CA ALA B 361 5.82 8.51 -15.75
C ALA B 361 5.88 9.93 -15.25
N LEU B 362 6.20 10.84 -16.16
CA LEU B 362 6.06 12.27 -15.88
C LEU B 362 4.89 12.82 -16.64
N GLY B 363 4.02 13.53 -15.96
CA GLY B 363 2.92 14.19 -16.63
C GLY B 363 3.43 15.28 -17.57
N ASP B 364 2.63 15.55 -18.59
CA ASP B 364 2.83 16.62 -19.57
C ASP B 364 3.42 17.93 -19.04
N GLN B 365 2.93 18.35 -17.88
CA GLN B 365 3.27 19.67 -17.40
C GLN B 365 3.81 19.61 -15.97
N SER B 366 4.50 18.51 -15.64
CA SER B 366 4.95 18.24 -14.29
C SER B 366 5.65 19.41 -13.58
N PHE B 367 6.42 20.18 -14.36
CA PHE B 367 7.25 21.22 -13.80
C PHE B 367 6.76 22.63 -14.15
N LEU B 368 5.50 22.72 -14.57
CA LEU B 368 4.82 23.99 -14.89
C LEU B 368 5.03 25.08 -13.84
N GLY B 369 4.66 24.81 -12.59
CA GLY B 369 4.72 25.86 -11.59
C GLY B 369 6.09 26.00 -10.96
N LEU B 370 7.16 25.73 -11.72
CA LEU B 370 8.54 25.74 -11.17
C LEU B 370 9.52 26.52 -12.04
N PRO B 371 9.14 27.74 -12.49
CA PRO B 371 9.96 28.54 -13.41
C PRO B 371 11.43 28.78 -12.95
N ASN B 372 11.66 28.78 -11.64
CA ASN B 372 12.96 29.19 -11.14
C ASN B 372 13.92 28.01 -10.87
N LEU B 373 13.54 26.81 -11.28
CA LEU B 373 14.31 25.61 -10.98
C LEU B 373 15.74 25.69 -11.56
N LYS B 374 16.73 25.51 -10.70
CA LYS B 374 18.12 25.47 -11.15
C LYS B 374 18.67 24.07 -11.22
N GLU B 375 18.21 23.18 -10.34
CA GLU B 375 18.73 21.82 -10.25
C GLU B 375 17.56 20.83 -10.17
N LEU B 376 17.58 19.81 -11.01
CA LEU B 376 16.50 18.88 -11.07
C LEU B 376 17.07 17.46 -11.12
N ALA B 377 16.68 16.63 -10.15
CA ALA B 377 17.21 15.31 -10.05
C ALA B 377 16.10 14.27 -10.29
N LEU B 378 16.22 13.58 -11.40
CA LEU B 378 15.27 12.53 -11.76
C LEU B 378 15.99 11.19 -11.91
N ASP B 379 17.25 11.12 -11.48
CA ASP B 379 17.99 9.92 -11.65
C ASP B 379 17.44 8.79 -10.78
N THR B 380 17.73 7.56 -11.20
CA THR B 380 17.42 6.41 -10.38
C THR B 380 15.92 6.38 -10.15
N ASN B 381 15.20 6.30 -11.25
CA ASN B 381 13.79 6.15 -11.17
C ASN B 381 13.47 5.02 -12.14
N GLN B 382 12.31 5.07 -12.83
CA GLN B 382 12.03 4.01 -13.75
C GLN B 382 11.37 4.58 -14.98
N LEU B 383 11.94 5.67 -15.49
CA LEU B 383 11.37 6.37 -16.63
C LEU B 383 11.85 5.79 -17.95
N LYS B 384 10.88 5.44 -18.78
CA LYS B 384 11.20 5.01 -20.11
C LYS B 384 11.27 6.21 -21.07
N SER B 385 10.50 7.26 -20.76
CA SER B 385 10.42 8.40 -21.60
C SER B 385 9.91 9.62 -20.85
N VAL B 386 10.05 10.78 -21.48
CA VAL B 386 9.47 12.03 -20.98
C VAL B 386 8.57 12.62 -22.07
N PRO B 387 7.53 13.35 -21.69
CA PRO B 387 6.72 13.99 -22.74
C PRO B 387 7.50 15.11 -23.46
N ASP B 388 7.32 15.25 -24.77
CA ASP B 388 7.91 16.39 -25.53
C ASP B 388 7.72 17.72 -24.81
N GLY B 389 8.78 18.52 -24.77
CA GLY B 389 8.67 19.88 -24.22
C GLY B 389 8.75 19.96 -22.70
N ILE B 390 9.02 18.84 -22.02
CA ILE B 390 8.87 18.79 -20.56
C ILE B 390 9.76 19.80 -19.81
N PHE B 391 10.97 20.02 -20.35
CA PHE B 391 12.00 20.86 -19.74
C PHE B 391 12.08 22.29 -20.37
N ASP B 392 11.27 22.57 -21.39
CA ASP B 392 11.33 23.83 -22.17
C ASP B 392 11.14 25.15 -21.39
N ARG B 393 10.24 25.14 -20.41
CA ARG B 393 10.01 26.31 -19.56
C ARG B 393 11.04 26.44 -18.43
N LEU B 394 11.92 25.47 -18.29
CA LEU B 394 12.94 25.49 -17.25
C LEU B 394 14.19 26.24 -17.71
N THR B 395 14.05 27.54 -17.94
CA THR B 395 15.12 28.32 -18.55
C THR B 395 16.19 28.73 -17.59
N SER B 396 15.97 28.52 -16.30
CA SER B 396 17.00 28.86 -15.32
C SER B 396 17.81 27.59 -14.97
N LEU B 397 17.53 26.51 -15.65
CA LEU B 397 18.08 25.21 -15.28
C LEU B 397 19.62 25.21 -15.49
N GLN B 398 20.35 24.75 -14.48
CA GLN B 398 21.80 24.62 -14.49
C GLN B 398 22.24 23.17 -14.47
N LYS B 399 21.53 22.33 -13.70
CA LYS B 399 21.93 20.96 -13.53
C LYS B 399 20.73 20.05 -13.56
N ILE B 400 20.84 18.96 -14.33
CA ILE B 400 19.82 17.93 -14.38
C ILE B 400 20.43 16.54 -14.27
N TRP B 401 19.77 15.66 -13.52
CA TRP B 401 20.24 14.30 -13.41
C TRP B 401 19.18 13.39 -13.98
N LEU B 402 19.59 12.57 -14.94
CA LEU B 402 18.67 11.70 -15.65
C LEU B 402 19.10 10.22 -15.72
N HIS B 403 20.24 9.86 -15.12
CA HIS B 403 20.86 8.57 -15.35
C HIS B 403 20.16 7.44 -14.57
N THR B 404 20.52 6.20 -14.83
CA THR B 404 19.94 5.06 -14.13
C THR B 404 18.41 5.12 -14.22
N ASN B 405 17.92 5.32 -15.45
CA ASN B 405 16.53 5.19 -15.80
C ASN B 405 16.57 4.36 -17.07
N PRO B 406 15.57 3.48 -17.31
CA PRO B 406 15.54 2.66 -18.53
C PRO B 406 15.10 3.43 -19.79
N TRP B 407 15.85 4.46 -20.17
CA TRP B 407 15.44 5.23 -21.38
C TRP B 407 15.22 4.37 -22.60
N ASP B 408 14.09 4.61 -23.25
CA ASP B 408 13.73 3.97 -24.50
C ASP B 408 14.22 4.83 -25.68
N CYS B 409 15.29 4.39 -26.31
CA CYS B 409 15.90 5.17 -27.40
C CYS B 409 15.30 4.92 -28.80
N SER B 410 14.11 4.34 -28.86
CA SER B 410 13.35 4.30 -30.11
C SER B 410 13.21 5.68 -30.71
N CYS B 411 13.40 5.79 -32.01
CA CYS B 411 12.96 6.98 -32.76
C CYS B 411 11.55 6.72 -33.28
N PRO B 412 10.64 7.71 -33.11
CA PRO B 412 10.96 9.06 -32.61
C PRO B 412 10.67 9.33 -31.12
N ARG B 413 10.21 8.34 -30.38
CA ARG B 413 9.95 8.54 -28.96
C ARG B 413 11.09 9.34 -28.27
N ILE B 414 12.34 9.08 -28.66
CA ILE B 414 13.49 9.63 -27.93
C ILE B 414 13.97 11.01 -28.46
N ASP B 415 13.46 11.38 -29.61
CA ASP B 415 13.92 12.57 -30.31
C ASP B 415 14.07 13.84 -29.44
N TYR B 416 12.99 14.25 -28.78
CA TYR B 416 13.02 15.44 -27.95
C TYR B 416 14.10 15.36 -26.86
N LEU B 417 14.14 14.26 -26.12
CA LEU B 417 15.08 14.15 -25.03
C LEU B 417 16.54 14.09 -25.55
N SER B 418 16.77 13.35 -26.63
CA SER B 418 18.12 13.28 -27.16
C SER B 418 18.53 14.64 -27.71
N ARG B 419 17.64 15.32 -28.42
CA ARG B 419 18.02 16.64 -28.91
C ARG B 419 18.20 17.58 -27.73
N TRP B 420 17.31 17.51 -26.75
CA TRP B 420 17.41 18.38 -25.61
C TRP B 420 18.72 18.14 -24.88
N LEU B 421 19.11 16.88 -24.68
CA LEU B 421 20.33 16.60 -23.94
C LEU B 421 21.56 17.05 -24.69
N ASN B 422 21.49 17.03 -26.00
CA ASN B 422 22.63 17.32 -26.82
C ASN B 422 22.86 18.84 -26.87
N LYS B 423 21.75 19.56 -26.90
CA LYS B 423 21.71 21.01 -26.84
C LYS B 423 22.10 21.53 -25.47
N ASN B 424 21.73 20.78 -24.42
CA ASN B 424 21.97 21.19 -23.04
C ASN B 424 23.01 20.32 -22.30
N SER B 425 24.01 19.80 -23.02
CA SER B 425 24.84 18.73 -22.44
C SER B 425 25.59 19.13 -21.17
N GLN B 426 25.97 20.41 -21.07
CA GLN B 426 26.67 20.87 -19.86
C GLN B 426 25.78 20.85 -18.66
N LYS B 427 24.49 20.78 -18.88
CA LYS B 427 23.59 20.67 -17.75
C LYS B 427 23.54 19.27 -17.16
N GLU B 428 23.62 18.25 -18.01
CA GLU B 428 23.41 16.88 -17.55
C GLU B 428 24.51 16.47 -16.60
N GLN B 429 24.12 16.01 -15.43
CA GLN B 429 25.05 15.44 -14.48
C GLN B 429 25.02 13.92 -14.61
N GLY B 430 26.18 13.31 -14.83
CA GLY B 430 26.22 11.89 -15.17
C GLY B 430 25.76 11.81 -16.60
N SER B 431 25.37 10.61 -17.03
CA SER B 431 25.08 10.37 -18.43
C SER B 431 23.94 9.37 -18.57
N ALA B 432 22.82 9.83 -19.13
CA ALA B 432 21.65 9.00 -19.33
C ALA B 432 21.98 8.02 -20.42
N LYS B 433 21.61 6.77 -20.21
CA LYS B 433 21.93 5.69 -21.13
C LYS B 433 20.66 5.13 -21.74
N CYS B 434 20.77 4.60 -22.93
CA CYS B 434 19.72 3.81 -23.53
C CYS B 434 19.65 2.45 -22.85
N SER B 435 18.45 2.02 -22.43
CA SER B 435 18.34 0.63 -22.00
C SER B 435 18.47 -0.24 -23.24
N GLY B 436 19.15 -1.36 -23.15
CA GLY B 436 19.29 -2.15 -24.40
C GLY B 436 20.70 -2.02 -24.93
N SER B 437 21.01 -0.87 -25.54
CA SER B 437 22.34 -0.63 -26.08
C SER B 437 23.33 -0.15 -25.02
N GLY B 438 22.85 0.57 -24.02
CA GLY B 438 23.73 1.07 -22.95
C GLY B 438 24.57 2.30 -23.27
N LYS B 439 24.42 2.83 -24.47
CA LYS B 439 25.13 4.04 -24.94
C LYS B 439 24.35 5.32 -24.58
N PRO B 440 25.01 6.50 -24.64
CA PRO B 440 24.37 7.74 -24.21
C PRO B 440 23.15 8.16 -25.02
N VAL B 441 22.08 8.49 -24.31
CA VAL B 441 20.87 9.09 -24.91
C VAL B 441 21.21 10.29 -25.78
N ARG B 442 22.13 11.14 -25.31
CA ARG B 442 22.54 12.34 -26.04
C ARG B 442 23.11 11.99 -27.41
N SER B 443 23.64 10.78 -27.56
CA SER B 443 24.26 10.38 -28.83
C SER B 443 23.29 9.90 -29.92
N ILE B 444 22.02 9.67 -29.56
CA ILE B 444 21.03 9.27 -30.55
C ILE B 444 20.61 10.45 -31.38
N ILE B 445 20.58 10.28 -32.69
CA ILE B 445 20.02 11.26 -33.60
C ILE B 445 18.86 10.63 -34.35
N CYS B 446 17.66 11.16 -34.15
CA CYS B 446 16.48 10.68 -34.85
C CYS B 446 16.32 11.40 -36.20
N PRO B 447 16.05 10.63 -37.27
CA PRO B 447 15.85 11.18 -38.62
C PRO B 447 14.57 12.02 -38.77
N SER C 24 1.39 8.27 -47.78
CA SER C 24 1.45 7.16 -46.79
C SER C 24 2.04 7.59 -45.45
N ARG C 25 2.70 8.76 -45.44
CA ARG C 25 3.22 9.37 -44.22
C ARG C 25 2.05 9.83 -43.33
N ASN C 26 1.15 10.63 -43.89
CA ASN C 26 -0.01 11.07 -43.13
C ASN C 26 -0.97 9.92 -42.73
N ALA C 27 -1.13 8.94 -43.63
CA ALA C 27 -1.95 7.76 -43.33
C ALA C 27 -1.34 6.95 -42.20
N ASN C 28 -0.01 6.92 -42.16
CA ASN C 28 0.70 6.30 -41.03
C ASN C 28 0.48 7.05 -39.71
N ASP C 29 0.51 8.38 -39.75
CA ASP C 29 0.21 9.19 -38.59
C ASP C 29 -1.24 8.99 -38.17
N GLY C 30 -2.13 8.87 -39.16
CA GLY C 30 -3.53 8.58 -38.91
C GLY C 30 -3.67 7.29 -38.14
N ILE C 31 -2.80 6.32 -38.42
CA ILE C 31 -2.84 5.02 -37.76
C ILE C 31 -2.34 5.16 -36.32
N SER C 32 -1.23 5.88 -36.13
CA SER C 32 -0.67 6.13 -34.82
C SER C 32 -1.62 6.85 -33.89
N ILE C 33 -2.31 7.87 -34.40
CA ILE C 33 -3.34 8.60 -33.64
C ILE C 33 -4.44 7.64 -33.22
N ALA C 34 -4.86 6.81 -34.16
CA ALA C 34 -5.93 5.88 -33.92
C ALA C 34 -5.48 4.80 -32.92
N GLN C 35 -4.23 4.38 -32.99
CA GLN C 35 -3.71 3.39 -32.04
C GLN C 35 -3.53 3.96 -30.64
N THR C 36 -3.05 5.20 -30.58
CA THR C 36 -2.89 5.90 -29.34
C THR C 36 -4.21 6.07 -28.64
N THR C 37 -5.23 6.52 -29.37
CA THR C 37 -6.58 6.68 -28.81
C THR C 37 -7.18 5.34 -28.38
N GLU C 38 -7.02 4.29 -29.20
CA GLU C 38 -7.54 2.94 -28.92
C GLU C 38 -6.94 2.40 -27.60
N GLY C 39 -5.62 2.52 -27.45
CA GLY C 39 -4.94 2.11 -26.22
C GLY C 39 -5.51 2.82 -25.01
N ALA C 40 -5.65 4.13 -25.11
CA ALA C 40 -6.15 4.89 -23.96
C ALA C 40 -7.61 4.57 -23.62
N LEU C 41 -8.42 4.33 -24.65
CA LEU C 41 -9.80 3.95 -24.46
C LEU C 41 -9.92 2.61 -23.75
N ASN C 42 -8.99 1.72 -24.02
CA ASN C 42 -8.95 0.38 -23.42
C ASN C 42 -8.65 0.48 -21.92
N GLU C 43 -7.64 1.27 -21.57
CA GLU C 43 -7.37 1.60 -20.18
C GLU C 43 -8.65 2.11 -19.51
N ILE C 44 -9.34 3.03 -20.18
CA ILE C 44 -10.53 3.64 -19.60
C ILE C 44 -11.66 2.63 -19.46
N ASN C 45 -11.93 1.88 -20.51
CA ASN C 45 -12.86 0.77 -20.50
C ASN C 45 -12.60 -0.22 -19.33
N ASN C 46 -11.37 -0.65 -19.14
CA ASN C 46 -11.04 -1.54 -18.03
C ASN C 46 -11.34 -0.95 -16.64
N ASN C 47 -11.01 0.32 -16.44
CA ASN C 47 -11.36 1.04 -15.25
C ASN C 47 -12.87 1.17 -15.05
N LEU C 48 -13.60 1.52 -16.11
CA LEU C 48 -15.06 1.56 -16.02
C LEU C 48 -15.63 0.20 -15.67
N GLN C 49 -15.05 -0.87 -16.25
CA GLN C 49 -15.60 -2.21 -16.03
C GLN C 49 -15.27 -2.61 -14.58
N ARG C 50 -14.10 -2.21 -14.11
CA ARG C 50 -13.79 -2.48 -12.71
C ARG C 50 -14.71 -1.67 -11.77
N VAL C 51 -14.97 -0.44 -12.12
CA VAL C 51 -15.90 0.33 -11.34
C VAL C 51 -17.24 -0.38 -11.33
N ARG C 52 -17.62 -0.97 -12.47
CA ARG C 52 -18.92 -1.59 -12.58
C ARG C 52 -19.00 -2.81 -11.67
N GLU C 53 -17.93 -3.59 -11.63
CA GLU C 53 -17.91 -4.76 -10.78
C GLU C 53 -17.88 -4.40 -9.29
N LEU C 54 -17.22 -3.31 -8.96
CA LEU C 54 -17.18 -2.79 -7.59
C LEU C 54 -18.61 -2.43 -7.17
N SER C 55 -19.32 -1.81 -8.10
CA SER C 55 -20.68 -1.41 -7.86
C SER C 55 -21.60 -2.64 -7.72
N VAL C 56 -21.43 -3.63 -8.60
CA VAL C 56 -22.22 -4.84 -8.43
C VAL C 56 -21.94 -5.47 -7.06
N GLN C 57 -20.70 -5.36 -6.57
CA GLN C 57 -20.38 -5.91 -5.23
C GLN C 57 -21.07 -5.11 -4.12
N ALA C 58 -21.05 -3.80 -4.24
CA ALA C 58 -21.67 -2.92 -3.30
C ALA C 58 -23.17 -3.20 -3.17
N THR C 59 -23.81 -3.49 -4.29
CA THR C 59 -25.26 -3.76 -4.31
C THR C 59 -25.63 -5.20 -3.89
N ASN C 60 -24.86 -6.20 -4.32
CA ASN C 60 -25.27 -7.61 -4.08
C ASN C 60 -24.53 -8.31 -2.97
N GLY C 61 -23.36 -7.82 -2.58
CA GLY C 61 -22.63 -8.40 -1.46
C GLY C 61 -23.33 -8.05 -0.15
N THR C 62 -22.95 -8.74 0.92
CA THR C 62 -23.37 -8.28 2.24
C THR C 62 -22.24 -7.32 2.65
N ASN C 63 -22.61 -6.05 2.80
CA ASN C 63 -21.62 -4.98 2.90
C ASN C 63 -21.84 -4.11 4.12
N SER C 64 -20.86 -4.12 5.01
CA SER C 64 -20.88 -3.18 6.15
C SER C 64 -20.69 -1.76 5.63
N ASP C 65 -21.06 -0.79 6.47
CA ASP C 65 -20.77 0.63 6.25
C ASP C 65 -19.31 0.86 5.83
N SER C 66 -18.40 0.21 6.55
CA SER C 66 -16.98 0.25 6.27
C SER C 66 -16.61 -0.33 4.89
N ASP C 67 -17.32 -1.37 4.47
CA ASP C 67 -17.08 -1.96 3.14
C ASP C 67 -17.47 -1.00 2.02
N LEU C 68 -18.60 -0.31 2.18
CA LEU C 68 -19.06 0.63 1.14
C LEU C 68 -18.11 1.81 0.93
N LYS C 69 -17.54 2.30 2.02
CA LYS C 69 -16.55 3.35 2.00
C LYS C 69 -15.25 2.90 1.29
N SER C 70 -14.78 1.69 1.63
CA SER C 70 -13.63 1.10 0.95
C SER C 70 -13.88 0.95 -0.55
N ILE C 71 -15.08 0.53 -0.90
CA ILE C 71 -15.38 0.33 -2.31
C ILE C 71 -15.34 1.69 -3.01
N GLN C 72 -16.00 2.67 -2.39
CA GLN C 72 -16.04 4.02 -2.93
C GLN C 72 -14.66 4.64 -3.07
N ASP C 73 -13.77 4.40 -2.11
CA ASP C 73 -12.40 4.89 -2.20
C ASP C 73 -11.73 4.33 -3.47
N GLU C 74 -12.04 3.08 -3.81
CA GLU C 74 -11.42 2.47 -4.98
C GLU C 74 -12.06 3.07 -6.22
N ILE C 75 -13.39 3.21 -6.21
CA ILE C 75 -14.08 3.79 -7.35
C ILE C 75 -13.52 5.18 -7.60
N GLN C 76 -13.40 5.99 -6.56
CA GLN C 76 -12.82 7.32 -6.74
C GLN C 76 -11.44 7.28 -7.41
N GLN C 77 -10.58 6.38 -6.96
CA GLN C 77 -9.26 6.23 -7.55
C GLN C 77 -9.34 5.78 -9.03
N ARG C 78 -10.30 4.94 -9.38
CA ARG C 78 -10.43 4.54 -10.81
C ARG C 78 -10.95 5.67 -11.71
N LEU C 79 -11.90 6.45 -11.18
CA LEU C 79 -12.42 7.60 -11.89
C LEU C 79 -11.29 8.60 -12.11
N GLU C 80 -10.46 8.80 -11.11
CA GLU C 80 -9.29 9.67 -11.26
C GLU C 80 -8.27 9.10 -12.27
N GLU C 81 -8.14 7.77 -12.37
CA GLU C 81 -7.25 7.18 -13.37
C GLU C 81 -7.78 7.47 -14.78
N ILE C 82 -9.10 7.49 -14.93
CA ILE C 82 -9.75 7.86 -16.19
C ILE C 82 -9.44 9.30 -16.59
N ASP C 83 -9.54 10.23 -15.64
CA ASP C 83 -9.26 11.60 -15.98
C ASP C 83 -7.79 11.83 -16.32
N ARG C 84 -6.91 11.09 -15.67
CA ARG C 84 -5.48 11.17 -15.95
C ARG C 84 -5.15 10.65 -17.37
N VAL C 85 -5.70 9.51 -17.75
CA VAL C 85 -5.59 9.01 -19.12
C VAL C 85 -6.14 10.02 -20.12
N SER C 86 -7.32 10.56 -19.84
CA SER C 86 -7.91 11.59 -20.66
C SER C 86 -7.00 12.79 -20.84
N ASN C 87 -6.34 13.20 -19.77
CA ASN C 87 -5.52 14.41 -19.79
C ASN C 87 -4.11 14.26 -20.34
N GLN C 88 -3.54 13.06 -20.24
CA GLN C 88 -2.14 12.87 -20.62
C GLN C 88 -1.97 12.31 -22.02
N THR C 89 -2.89 11.47 -22.46
CA THR C 89 -2.74 10.74 -23.72
C THR C 89 -2.68 11.67 -24.92
N GLN C 90 -1.59 11.51 -25.67
CA GLN C 90 -1.30 12.40 -26.79
C GLN C 90 -0.42 11.73 -27.83
N PHE C 91 -0.57 12.18 -29.07
CA PHE C 91 0.34 11.83 -30.13
C PHE C 91 0.66 13.11 -30.86
N ASN C 92 1.96 13.41 -30.94
CA ASN C 92 2.47 14.63 -31.57
C ASN C 92 1.66 15.89 -31.24
N GLY C 93 1.76 16.33 -29.99
CA GLY C 93 1.03 17.50 -29.51
C GLY C 93 -0.43 17.21 -29.19
N VAL C 94 -1.07 16.35 -29.96
CA VAL C 94 -2.54 16.21 -29.96
C VAL C 94 -3.10 15.37 -28.82
N LYS C 95 -3.93 16.00 -27.99
CA LYS C 95 -4.56 15.36 -26.84
C LYS C 95 -5.83 14.67 -27.31
N VAL C 96 -5.70 13.39 -27.62
CA VAL C 96 -6.71 12.71 -28.42
C VAL C 96 -8.04 12.47 -27.70
N LEU C 97 -8.08 12.61 -26.39
CA LEU C 97 -9.34 12.43 -25.69
C LEU C 97 -9.88 13.71 -25.07
N SER C 98 -9.27 14.85 -25.39
CA SER C 98 -9.57 16.08 -24.66
C SER C 98 -10.73 16.91 -25.22
N GLN C 99 -11.09 16.70 -26.48
CA GLN C 99 -11.99 17.62 -27.19
C GLN C 99 -12.64 16.89 -28.37
N ASP C 100 -13.91 17.16 -28.65
CA ASP C 100 -14.50 16.69 -29.93
C ASP C 100 -13.77 17.41 -31.09
N ASN C 101 -13.03 16.64 -31.88
CA ASN C 101 -12.14 17.13 -32.91
C ASN C 101 -12.20 16.16 -34.09
N GLN C 102 -12.51 16.68 -35.27
CA GLN C 102 -12.54 15.91 -36.49
C GLN C 102 -11.21 16.10 -37.21
N MET C 103 -10.30 15.14 -37.08
CA MET C 103 -8.99 15.24 -37.72
C MET C 103 -9.03 14.74 -39.16
N LYS C 104 -8.78 15.62 -40.12
CA LYS C 104 -8.66 15.22 -41.51
C LYS C 104 -7.24 14.80 -41.81
N ILE C 105 -7.06 13.54 -42.18
CA ILE C 105 -5.75 13.06 -42.63
C ILE C 105 -5.81 12.88 -44.15
N GLN C 106 -4.93 13.59 -44.86
CA GLN C 106 -4.83 13.45 -46.32
C GLN C 106 -4.10 12.16 -46.72
N VAL C 107 -4.84 11.24 -47.34
CA VAL C 107 -4.33 9.90 -47.66
C VAL C 107 -3.90 9.72 -49.13
N GLY C 108 -4.19 10.71 -49.98
CA GLY C 108 -3.89 10.60 -51.40
C GLY C 108 -3.03 11.73 -51.91
N ALA C 109 -2.04 11.37 -52.74
CA ALA C 109 -1.13 12.34 -53.33
C ALA C 109 -1.93 13.49 -53.94
N ASN C 110 -2.70 13.16 -54.99
CA ASN C 110 -3.71 14.06 -55.56
C ASN C 110 -4.65 14.47 -54.44
N ASP C 111 -4.90 15.77 -54.34
CA ASP C 111 -5.50 16.33 -53.13
C ASP C 111 -7.01 16.19 -53.02
N GLY C 112 -7.48 14.95 -52.86
CA GLY C 112 -8.90 14.72 -52.56
C GLY C 112 -9.11 13.72 -51.45
N GLU C 113 -8.13 12.84 -51.25
CA GLU C 113 -8.38 11.74 -50.35
C GLU C 113 -8.08 12.11 -48.93
N THR C 114 -9.14 12.45 -48.21
CA THR C 114 -9.06 12.71 -46.78
C THR C 114 -9.85 11.64 -46.09
N ILE C 115 -9.30 11.17 -44.97
CA ILE C 115 -9.98 10.28 -44.09
C ILE C 115 -10.05 11.02 -42.76
N THR C 116 -11.24 11.07 -42.17
CA THR C 116 -11.40 11.85 -40.97
C THR C 116 -11.52 10.96 -39.75
N ILE C 117 -10.61 11.16 -38.80
CA ILE C 117 -10.67 10.49 -37.49
C ILE C 117 -11.66 11.27 -36.65
N ASP C 118 -12.64 10.60 -36.06
CA ASP C 118 -13.63 11.32 -35.26
C ASP C 118 -13.26 11.27 -33.77
N LEU C 119 -12.46 12.24 -33.31
CA LEU C 119 -12.04 12.25 -31.91
C LEU C 119 -13.09 12.89 -31.00
N GLN C 120 -13.25 12.32 -29.81
CA GLN C 120 -14.25 12.74 -28.86
C GLN C 120 -13.65 13.08 -27.49
N LYS C 121 -14.21 14.12 -26.85
CA LYS C 121 -13.93 14.39 -25.45
C LYS C 121 -14.43 13.21 -24.61
N ILE C 122 -13.50 12.55 -23.95
CA ILE C 122 -13.84 11.45 -23.10
C ILE C 122 -13.10 11.66 -21.81
N ASP C 123 -13.87 11.99 -20.75
CA ASP C 123 -13.35 12.15 -19.40
C ASP C 123 -14.52 11.94 -18.43
N VAL C 124 -14.25 12.01 -17.13
CA VAL C 124 -15.28 11.68 -16.10
C VAL C 124 -16.57 12.52 -16.29
N LYS C 125 -16.39 13.82 -16.45
CA LYS C 125 -17.48 14.75 -16.65
C LYS C 125 -18.32 14.38 -17.89
N SER C 126 -17.66 14.16 -19.03
CA SER C 126 -18.37 13.91 -20.27
C SER C 126 -19.02 12.53 -20.31
N LEU C 127 -18.49 11.59 -19.52
CA LEU C 127 -19.09 10.28 -19.46
C LEU C 127 -20.28 10.24 -18.51
N GLY C 128 -20.63 11.36 -17.88
CA GLY C 128 -21.78 11.40 -16.95
C GLY C 128 -21.52 10.91 -15.54
N LEU C 129 -20.24 10.74 -15.19
CA LEU C 129 -19.84 10.14 -13.93
C LEU C 129 -19.32 11.08 -12.83
N ASP C 130 -19.41 12.39 -13.01
CA ASP C 130 -19.11 13.34 -11.92
C ASP C 130 -19.95 13.00 -10.69
N GLY C 131 -19.28 12.85 -9.55
CA GLY C 131 -20.02 12.58 -8.33
C GLY C 131 -20.55 11.16 -8.24
N PHE C 132 -20.13 10.31 -9.18
CA PHE C 132 -20.57 8.91 -9.14
C PHE C 132 -20.14 8.28 -7.82
N ASN C 133 -21.12 7.84 -7.05
CA ASN C 133 -20.77 7.21 -5.79
C ASN C 133 -21.76 6.15 -5.39
N VAL C 134 -21.32 5.34 -4.43
CA VAL C 134 -21.99 4.13 -4.01
C VAL C 134 -22.09 4.10 -2.46
N ASN C 135 -21.54 5.09 -1.78
CA ASN C 135 -21.61 5.12 -0.32
C ASN C 135 -22.45 6.27 0.25
N GLY C 136 -23.57 6.58 -0.39
CA GLY C 136 -24.49 7.54 0.16
C GLY C 136 -25.35 6.94 1.27
N PRO C 137 -26.21 7.75 1.91
CA PRO C 137 -27.09 7.30 2.99
C PRO C 137 -28.27 6.49 2.45
N LYS C 138 -28.67 5.45 3.20
CA LYS C 138 -29.83 4.63 2.83
C LYS C 138 -31.08 4.97 3.67
N GLU C 139 -32.26 4.85 3.06
CA GLU C 139 -33.54 5.02 3.76
C GLU C 139 -33.53 4.17 5.01
N ALA C 140 -33.93 4.79 6.11
CA ALA C 140 -34.03 4.11 7.40
C ALA C 140 -35.12 3.09 7.37
N THR C 141 -34.88 2.01 8.10
CA THR C 141 -35.87 0.97 8.31
C THR C 141 -35.88 0.66 9.80
N VAL C 142 -36.99 0.12 10.26
CA VAL C 142 -37.14 -0.36 11.64
C VAL C 142 -35.98 -1.28 11.99
N GLY C 143 -35.76 -2.27 11.13
CA GLY C 143 -34.64 -3.21 11.28
C GLY C 143 -33.31 -2.50 11.42
N ASP C 144 -33.08 -1.53 10.54
CA ASP C 144 -31.82 -0.79 10.52
C ASP C 144 -31.63 0.12 11.73
N LEU C 145 -32.72 0.68 12.23
CA LEU C 145 -32.69 1.41 13.51
C LEU C 145 -32.23 0.54 14.66
N LYS C 146 -32.92 -0.58 14.87
CA LYS C 146 -32.59 -1.53 15.95
C LYS C 146 -31.31 -2.33 15.68
N SER C 147 -30.65 -2.02 14.57
CA SER C 147 -29.36 -2.60 14.22
C SER C 147 -28.22 -1.59 14.37
N SER C 148 -28.55 -0.30 14.32
CA SER C 148 -27.52 0.76 14.39
C SER C 148 -27.73 1.87 15.43
N PHE C 149 -28.66 1.66 16.36
CA PHE C 149 -28.86 2.59 17.48
C PHE C 149 -29.11 1.83 18.77
N LYS C 150 -28.99 2.52 19.89
CA LYS C 150 -29.33 1.98 21.20
C LYS C 150 -30.50 2.76 21.81
N ASN C 151 -31.02 2.26 22.93
CA ASN C 151 -32.16 2.86 23.62
C ASN C 151 -33.36 3.14 22.68
N VAL C 152 -33.61 2.19 21.78
CA VAL C 152 -34.68 2.31 20.81
C VAL C 152 -35.98 1.81 21.43
N THR C 153 -36.89 2.75 21.68
CA THR C 153 -38.16 2.43 22.29
C THR C 153 -39.29 2.65 21.30
N GLY C 154 -40.51 2.25 21.69
CA GLY C 154 -41.70 2.45 20.87
C GLY C 154 -42.56 1.21 20.78
N TYR C 155 -43.48 1.20 19.82
CA TYR C 155 -44.47 0.11 19.66
C TYR C 155 -45.04 0.02 18.23
N ASP C 156 -45.68 -1.11 17.94
CA ASP C 156 -46.45 -1.32 16.70
C ASP C 156 -47.95 -1.08 17.00
N THR C 157 -48.73 -0.63 16.01
CA THR C 157 -50.18 -0.56 16.18
C THR C 157 -50.93 -1.65 15.43
N TYR C 158 -51.89 -2.28 16.13
CA TYR C 158 -52.81 -3.21 15.50
C TYR C 158 -54.23 -2.71 15.63
N ALA C 159 -55.06 -3.05 14.65
CA ALA C 159 -56.47 -2.68 14.62
C ALA C 159 -57.34 -3.94 14.44
N ALA C 160 -58.18 -4.22 15.42
CA ALA C 160 -59.19 -5.26 15.31
C ALA C 160 -60.57 -4.62 15.16
N GLY C 161 -61.00 -4.44 13.91
CA GLY C 161 -62.16 -3.62 13.61
C GLY C 161 -62.01 -2.25 14.26
N ALA C 162 -62.87 -2.01 15.25
CA ALA C 162 -62.99 -0.72 15.95
C ALA C 162 -61.88 -0.44 16.98
N ASP C 163 -61.25 -1.50 17.51
CA ASP C 163 -60.33 -1.41 18.64
C ASP C 163 -58.88 -1.31 18.21
N LYS C 164 -58.19 -0.31 18.74
CA LYS C 164 -56.79 -0.07 18.37
C LYS C 164 -55.82 -0.48 19.49
N TYR C 165 -54.76 -1.20 19.13
CA TYR C 165 -53.85 -1.76 20.12
C TYR C 165 -52.41 -1.40 19.87
N ARG C 166 -51.62 -1.40 20.94
CA ARG C 166 -50.16 -1.19 20.87
C ARG C 166 -49.36 -2.41 21.35
N VAL C 167 -48.46 -2.89 20.51
CA VAL C 167 -47.52 -3.94 20.89
C VAL C 167 -46.10 -3.37 21.07
N ASP C 168 -45.69 -3.24 22.33
CA ASP C 168 -44.35 -2.76 22.67
C ASP C 168 -43.30 -3.66 22.03
N ILE C 169 -42.14 -3.11 21.72
CA ILE C 169 -41.02 -3.91 21.24
C ILE C 169 -40.10 -4.22 22.42
N ASN C 170 -39.27 -5.25 22.29
CA ASN C 170 -38.35 -5.70 23.36
C ASN C 170 -39.06 -6.46 24.49
N SER C 171 -40.27 -6.03 24.85
CA SER C 171 -41.10 -6.77 25.81
C SER C 171 -42.23 -7.51 25.12
N GLY C 172 -42.75 -6.93 24.03
CA GLY C 172 -43.83 -7.54 23.25
C GLY C 172 -45.21 -7.40 23.87
N ALA C 173 -45.31 -6.50 24.87
CA ALA C 173 -46.51 -6.32 25.70
C ALA C 173 -47.65 -5.61 24.97
N VAL C 174 -48.87 -6.09 25.21
CA VAL C 174 -50.02 -5.62 24.47
C VAL C 174 -50.91 -4.71 25.31
N VAL C 175 -51.05 -3.49 24.81
CA VAL C 175 -51.68 -2.40 25.50
C VAL C 175 -52.70 -1.75 24.54
N THR C 176 -53.63 -0.97 25.08
CA THR C 176 -54.59 -0.25 24.26
C THR C 176 -53.95 1.01 23.64
N ASP C 177 -54.35 1.36 22.42
CA ASP C 177 -53.84 2.60 21.80
C ASP C 177 -54.65 3.83 22.24
N ALA C 178 -54.42 4.24 23.49
CA ALA C 178 -55.07 5.42 24.05
C ALA C 178 -54.05 6.40 24.66
N VAL C 179 -54.55 7.53 25.14
CA VAL C 179 -53.74 8.50 25.89
C VAL C 179 -53.26 7.85 27.20
N ALA C 180 -54.21 7.38 28.02
CA ALA C 180 -53.91 6.54 29.18
C ALA C 180 -54.23 5.09 28.83
N PRO C 181 -53.19 4.28 28.50
CA PRO C 181 -53.37 2.95 27.92
C PRO C 181 -53.68 1.84 28.93
N ASP C 182 -54.70 1.04 28.62
CA ASP C 182 -55.07 -0.08 29.47
C ASP C 182 -54.30 -1.33 29.06
N LYS C 183 -54.05 -2.22 30.03
CA LYS C 183 -53.42 -3.51 29.76
C LYS C 183 -54.44 -4.42 29.09
N VAL C 184 -53.96 -5.27 28.17
CA VAL C 184 -54.84 -6.14 27.37
C VAL C 184 -54.61 -7.61 27.71
N TYR C 185 -55.69 -8.36 27.86
CA TYR C 185 -55.62 -9.76 28.25
C TYR C 185 -56.40 -10.61 27.25
N VAL C 186 -56.36 -11.93 27.43
CA VAL C 186 -57.00 -12.91 26.55
C VAL C 186 -58.10 -13.71 27.28
N ASN C 187 -59.32 -13.64 26.75
CA ASN C 187 -60.48 -14.31 27.36
C ASN C 187 -60.24 -15.81 27.55
N ALA C 188 -60.48 -16.29 28.77
CA ALA C 188 -60.21 -17.70 29.13
C ALA C 188 -61.06 -18.73 28.38
N ALA C 189 -62.30 -18.36 28.06
CA ALA C 189 -63.16 -19.22 27.22
C ALA C 189 -62.93 -19.02 25.71
N ASN C 190 -63.24 -17.82 25.21
CA ASN C 190 -63.32 -17.50 23.76
C ASN C 190 -62.00 -17.33 22.99
N GLY C 191 -61.00 -16.76 23.65
CA GLY C 191 -59.77 -16.35 22.98
C GLY C 191 -59.80 -14.90 22.55
N GLN C 192 -60.89 -14.20 22.87
CA GLN C 192 -61.08 -12.81 22.48
C GLN C 192 -60.15 -11.87 23.24
N LEU C 193 -59.90 -10.72 22.63
CA LEU C 193 -59.19 -9.66 23.32
C LEU C 193 -60.13 -8.91 24.27
N THR C 194 -59.64 -8.59 25.46
CA THR C 194 -60.41 -7.86 26.48
C THR C 194 -59.49 -7.08 27.42
N THR C 195 -60.08 -6.08 28.08
CA THR C 195 -59.37 -5.31 29.11
C THR C 195 -59.62 -5.86 30.53
N ASP C 196 -60.56 -6.79 30.66
CA ASP C 196 -60.88 -7.47 31.93
C ASP C 196 -59.73 -8.37 32.40
N ASP C 197 -59.34 -8.19 33.65
CA ASP C 197 -58.36 -9.05 34.32
C ASP C 197 -58.75 -10.54 34.24
N ALA C 198 -60.04 -10.81 34.40
CA ALA C 198 -60.56 -12.18 34.57
C ALA C 198 -61.98 -12.35 33.99
N GLU C 199 -62.57 -13.53 34.19
CA GLU C 199 -63.96 -13.79 33.77
C GLU C 199 -64.75 -14.51 34.86
N ASN C 200 -66.02 -14.12 35.02
CA ASN C 200 -66.95 -14.70 36.00
C ASN C 200 -67.31 -16.17 35.72
N ASN C 201 -67.85 -16.87 36.72
CA ASN C 201 -68.05 -18.33 36.62
C ASN C 201 -69.48 -18.93 36.74
N THR C 202 -70.08 -18.91 37.92
CA THR C 202 -71.36 -19.61 38.16
C THR C 202 -72.04 -19.18 39.47
N LYS C 304 -63.89 -16.46 39.48
CA LYS C 304 -63.00 -15.78 38.54
C LYS C 304 -61.80 -16.65 38.13
N THR C 305 -61.67 -16.91 36.83
CA THR C 305 -60.44 -17.53 36.32
C THR C 305 -59.63 -16.41 35.68
N LYS C 306 -58.36 -16.30 36.04
CA LYS C 306 -57.48 -15.27 35.46
C LYS C 306 -57.39 -15.38 33.92
N ASN C 307 -57.42 -14.22 33.26
CA ASN C 307 -57.07 -14.12 31.85
C ASN C 307 -55.56 -13.92 31.71
N GLU C 308 -54.94 -14.63 30.77
CA GLU C 308 -53.53 -14.45 30.50
C GLU C 308 -53.28 -13.12 29.75
N SER C 309 -52.12 -12.53 29.98
CA SER C 309 -51.69 -11.34 29.24
C SER C 309 -51.72 -11.59 27.73
N ALA C 310 -52.22 -10.62 26.99
CA ALA C 310 -52.26 -10.67 25.52
C ALA C 310 -50.87 -10.51 24.91
N LYS C 311 -50.71 -11.15 23.76
CA LYS C 311 -49.47 -11.20 23.01
C LYS C 311 -49.78 -10.94 21.54
N LEU C 312 -48.72 -10.78 20.73
CA LEU C 312 -48.89 -10.52 19.32
C LEU C 312 -49.78 -11.58 18.69
N SER C 313 -49.47 -12.85 18.98
CA SER C 313 -50.20 -13.98 18.42
C SER C 313 -51.70 -13.92 18.72
N ASP C 314 -52.06 -13.27 19.82
CA ASP C 314 -53.46 -13.10 20.20
C ASP C 314 -54.16 -12.08 19.31
N LEU C 315 -53.44 -11.02 18.92
CA LEU C 315 -53.94 -10.07 17.93
C LEU C 315 -54.04 -10.71 16.57
N GLU C 316 -53.02 -11.48 16.19
CA GLU C 316 -53.03 -12.21 14.92
C GLU C 316 -54.22 -13.18 14.86
N ALA C 317 -54.36 -14.05 15.86
CA ALA C 317 -55.53 -14.94 16.00
C ALA C 317 -56.86 -14.19 15.83
N ASN C 318 -56.94 -13.00 16.45
CA ASN C 318 -58.17 -12.20 16.46
C ASN C 318 -58.36 -11.30 15.23
N ASN C 319 -57.58 -11.54 14.18
CA ASN C 319 -57.66 -10.83 12.88
C ASN C 319 -57.21 -9.36 12.86
N ALA C 320 -56.45 -8.92 13.86
CA ALA C 320 -56.03 -7.50 13.91
C ALA C 320 -55.09 -7.14 12.77
N VAL C 321 -55.17 -5.88 12.33
CA VAL C 321 -54.38 -5.40 11.18
C VAL C 321 -53.24 -4.47 11.64
N LYS C 322 -52.02 -4.78 11.21
CA LYS C 322 -50.86 -3.99 11.55
C LYS C 322 -50.97 -2.62 10.93
N GLY C 323 -50.80 -1.61 11.76
CA GLY C 323 -50.83 -0.23 11.30
C GLY C 323 -49.44 0.34 11.40
N GLU C 324 -49.36 1.63 11.69
CA GLU C 324 -48.09 2.35 11.77
C GLU C 324 -47.45 2.18 13.14
N SER C 325 -46.11 2.15 13.14
CA SER C 325 -45.33 2.11 14.38
C SER C 325 -44.98 3.51 14.83
N LYS C 326 -44.64 3.65 16.11
CA LYS C 326 -44.09 4.89 16.63
C LYS C 326 -42.76 4.55 17.30
N ILE C 327 -41.65 4.87 16.63
CA ILE C 327 -40.33 4.49 17.10
C ILE C 327 -39.56 5.70 17.62
N THR C 328 -39.17 5.64 18.89
CA THR C 328 -38.36 6.70 19.51
C THR C 328 -36.87 6.32 19.50
N VAL C 329 -36.05 7.22 18.97
CA VAL C 329 -34.60 6.97 18.78
C VAL C 329 -33.83 8.20 19.24
N ASN C 330 -32.96 8.02 20.23
CA ASN C 330 -32.26 9.15 20.86
C ASN C 330 -33.22 10.28 21.23
N GLY C 331 -34.37 9.91 21.80
CA GLY C 331 -35.43 10.85 22.21
C GLY C 331 -36.06 11.68 21.11
N ALA C 332 -36.78 11.01 20.21
CA ALA C 332 -37.45 11.65 19.05
C ALA C 332 -38.36 10.62 18.41
N GLU C 333 -39.66 10.92 18.34
CA GLU C 333 -40.64 9.94 17.87
C GLU C 333 -40.70 9.91 16.35
N TYR C 334 -40.51 8.72 15.78
CA TYR C 334 -40.56 8.50 14.32
C TYR C 334 -41.73 7.57 14.00
N THR C 335 -42.41 7.84 12.89
CA THR C 335 -43.51 6.98 12.47
C THR C 335 -43.11 6.06 11.33
N ALA C 336 -43.16 4.76 11.61
CA ALA C 336 -42.78 3.71 10.65
C ALA C 336 -44.04 3.11 10.04
N ASN C 337 -43.95 2.64 8.79
CA ASN C 337 -45.12 2.00 8.19
C ASN C 337 -45.27 0.56 8.67
N ALA C 338 -46.41 -0.05 8.33
CA ALA C 338 -46.72 -1.42 8.72
C ALA C 338 -45.54 -2.37 8.50
N THR C 339 -45.00 -2.37 7.28
CA THR C 339 -43.89 -3.26 6.91
C THR C 339 -42.55 -2.88 7.56
N GLY C 340 -42.47 -1.67 8.11
CA GLY C 340 -41.29 -1.19 8.80
C GLY C 340 -40.17 -0.65 7.93
N ASP C 341 -40.40 -0.60 6.62
CA ASP C 341 -39.35 -0.23 5.67
C ASP C 341 -39.27 1.25 5.32
N LYS C 342 -40.31 2.02 5.67
CA LYS C 342 -40.31 3.46 5.40
C LYS C 342 -40.52 4.26 6.68
N ILE C 343 -39.52 5.06 7.03
CA ILE C 343 -39.57 5.83 8.27
C ILE C 343 -39.67 7.33 7.98
N THR C 344 -40.58 7.98 8.69
CA THR C 344 -40.91 9.39 8.44
C THR C 344 -40.91 10.24 9.71
N LEU C 345 -40.35 11.43 9.61
CA LEU C 345 -40.49 12.45 10.65
C LEU C 345 -41.29 13.61 10.07
N ALA C 346 -42.49 13.81 10.61
CA ALA C 346 -43.44 14.81 10.14
C ALA C 346 -43.73 14.69 8.63
N GLY C 347 -43.92 13.46 8.17
CA GLY C 347 -44.18 13.19 6.75
C GLY C 347 -43.00 13.45 5.81
N LYS C 348 -41.80 13.15 6.28
CA LYS C 348 -40.58 13.23 5.49
C LYS C 348 -39.70 11.99 5.74
N THR C 349 -39.20 11.37 4.67
CA THR C 349 -38.47 10.10 4.76
C THR C 349 -37.14 10.28 5.48
N MET C 350 -36.81 9.33 6.34
CA MET C 350 -35.57 9.39 7.10
C MET C 350 -34.51 8.43 6.57
N PHE C 351 -33.26 8.90 6.54
CA PHE C 351 -32.13 8.14 6.08
C PHE C 351 -31.15 8.05 7.23
N ILE C 352 -30.51 6.90 7.39
CA ILE C 352 -29.46 6.75 8.37
C ILE C 352 -28.10 7.00 7.72
N ASP C 353 -27.30 7.85 8.35
CA ASP C 353 -25.96 8.17 7.88
C ASP C 353 -24.93 7.78 8.94
N LYS C 354 -23.72 7.45 8.51
CA LYS C 354 -22.63 7.06 9.42
C LYS C 354 -21.38 7.90 9.21
N THR C 355 -20.78 8.36 10.30
CA THR C 355 -19.52 9.13 10.23
C THR C 355 -18.35 8.24 9.81
N ALA C 356 -17.23 8.87 9.46
CA ALA C 356 -15.98 8.15 9.23
C ALA C 356 -15.69 7.20 10.40
N SER C 357 -15.70 7.74 11.62
CA SER C 357 -15.45 6.95 12.83
C SER C 357 -16.50 5.85 13.05
N GLY C 358 -17.72 6.08 12.56
CA GLY C 358 -18.76 5.06 12.59
C GLY C 358 -19.86 5.27 13.61
N VAL C 359 -20.35 6.50 13.71
CA VAL C 359 -21.50 6.82 14.55
C VAL C 359 -22.73 7.02 13.68
N SER C 360 -23.78 6.23 13.96
CA SER C 360 -25.02 6.29 13.18
C SER C 360 -25.86 7.52 13.56
N THR C 361 -26.28 8.27 12.54
CA THR C 361 -27.11 9.47 12.71
C THR C 361 -28.29 9.40 11.73
N LEU C 362 -29.44 9.94 12.11
CA LEU C 362 -30.63 9.92 11.25
C LEU C 362 -30.90 11.29 10.63
N ILE C 363 -30.98 11.36 9.31
CA ILE C 363 -31.19 12.64 8.60
C ILE C 363 -32.45 12.61 7.73
N ASN C 364 -32.94 13.79 7.33
CA ASN C 364 -34.13 13.90 6.49
C ASN C 364 -33.84 13.75 5.00
N GLU C 365 -34.88 13.59 4.19
CA GLU C 365 -34.71 13.26 2.76
C GLU C 365 -34.07 14.35 1.89
N ASP C 366 -34.06 15.59 2.39
CA ASP C 366 -33.60 16.77 1.65
C ASP C 366 -32.12 17.06 1.90
N ALA C 367 -31.70 16.90 3.16
CA ALA C 367 -30.29 16.92 3.51
C ALA C 367 -29.60 15.64 3.04
N ALA C 368 -30.40 14.68 2.60
CA ALA C 368 -29.87 13.40 2.10
C ALA C 368 -29.48 13.47 0.64
N ALA C 369 -30.25 14.22 -0.14
CA ALA C 369 -30.16 14.25 -1.61
C ALA C 369 -28.83 14.76 -2.16
N ALA C 370 -28.17 15.61 -1.38
CA ALA C 370 -26.88 16.17 -1.75
C ALA C 370 -25.82 15.07 -1.80
N LYS C 371 -25.81 14.24 -0.74
CA LYS C 371 -24.83 13.18 -0.57
C LYS C 371 -25.33 11.81 -1.06
N LYS C 372 -26.41 11.83 -1.84
CA LYS C 372 -27.09 10.62 -2.26
C LYS C 372 -26.15 9.70 -3.02
N SER C 373 -26.35 8.40 -2.84
CA SER C 373 -25.74 7.44 -3.71
C SER C 373 -26.39 7.62 -5.08
N THR C 374 -25.57 7.50 -6.10
CA THR C 374 -26.02 7.70 -7.46
C THR C 374 -27.17 6.75 -7.77
N ALA C 375 -28.27 7.31 -8.29
CA ALA C 375 -29.39 6.49 -8.72
C ALA C 375 -28.99 5.71 -9.99
N ASN C 376 -29.34 4.43 -10.06
CA ASN C 376 -29.08 3.63 -11.26
C ASN C 376 -27.59 3.57 -11.58
N PRO C 377 -26.77 3.10 -10.62
CA PRO C 377 -25.32 3.18 -10.83
C PRO C 377 -24.87 2.34 -12.05
N LEU C 378 -25.47 1.17 -12.22
CA LEU C 378 -25.16 0.29 -13.36
C LEU C 378 -25.43 0.93 -14.72
N ALA C 379 -26.56 1.64 -14.81
CA ALA C 379 -26.97 2.32 -16.02
C ALA C 379 -26.07 3.50 -16.31
N SER C 380 -25.55 4.16 -15.27
CA SER C 380 -24.61 5.25 -15.43
C SER C 380 -23.31 4.73 -15.99
N ILE C 381 -22.82 3.62 -15.44
CA ILE C 381 -21.57 3.06 -15.94
C ILE C 381 -21.74 2.50 -17.36
N ASP C 382 -22.85 1.80 -17.62
CA ASP C 382 -23.11 1.23 -18.94
C ASP C 382 -23.17 2.33 -20.00
N SER C 383 -23.75 3.47 -19.64
CA SER C 383 -23.80 4.65 -20.50
C SER C 383 -22.39 5.07 -20.87
N ALA C 384 -21.56 5.20 -19.86
CA ALA C 384 -20.16 5.55 -20.03
C ALA C 384 -19.51 4.52 -20.92
N LEU C 385 -19.77 3.23 -20.59
CA LEU C 385 -19.21 2.13 -21.35
C LEU C 385 -19.56 2.13 -22.83
N SER C 386 -20.78 2.53 -23.18
CA SER C 386 -21.17 2.38 -24.55
C SER C 386 -20.67 3.58 -25.33
N LYS C 387 -20.50 4.68 -24.62
CA LYS C 387 -19.89 5.87 -25.17
C LYS C 387 -18.41 5.60 -25.49
N VAL C 388 -17.71 4.88 -24.62
CA VAL C 388 -16.32 4.52 -24.86
C VAL C 388 -16.23 3.49 -25.99
N ASP C 389 -17.15 2.55 -25.99
CA ASP C 389 -17.19 1.51 -27.01
C ASP C 389 -17.49 2.08 -28.40
N ALA C 390 -18.33 3.12 -28.49
CA ALA C 390 -18.68 3.66 -29.79
C ALA C 390 -17.44 4.31 -30.42
N VAL C 391 -16.64 5.01 -29.63
CA VAL C 391 -15.44 5.61 -30.19
C VAL C 391 -14.47 4.49 -30.66
N ARG C 392 -14.30 3.47 -29.83
CA ARG C 392 -13.52 2.25 -30.11
C ARG C 392 -13.92 1.57 -31.44
N SER C 393 -15.21 1.36 -31.69
CA SER C 393 -15.70 0.80 -32.96
C SER C 393 -15.31 1.65 -34.14
N SER C 394 -15.60 2.94 -34.00
CA SER C 394 -15.29 3.95 -34.99
C SER C 394 -13.83 3.94 -35.35
N LEU C 395 -12.98 3.86 -34.35
CA LEU C 395 -11.54 3.78 -34.57
C LEU C 395 -11.16 2.54 -35.32
N GLY C 396 -11.86 1.43 -35.07
CA GLY C 396 -11.53 0.18 -35.74
C GLY C 396 -11.85 0.29 -37.21
N ALA C 397 -13.01 0.85 -37.52
CA ALA C 397 -13.37 1.07 -38.90
C ALA C 397 -12.39 2.03 -39.61
N ILE C 398 -11.93 3.06 -38.89
CA ILE C 398 -11.04 4.05 -39.49
C ILE C 398 -9.62 3.46 -39.71
N GLN C 399 -9.18 2.55 -38.81
CA GLN C 399 -7.86 1.91 -39.01
C GLN C 399 -7.92 0.96 -40.21
N ASN C 400 -9.02 0.22 -40.35
CA ASN C 400 -9.21 -0.60 -41.58
C ASN C 400 -9.15 0.25 -42.85
N ARG C 401 -9.71 1.46 -42.76
CA ARG C 401 -9.63 2.44 -43.84
C ARG C 401 -8.19 2.83 -44.16
N PHE C 402 -7.43 3.19 -43.14
CA PHE C 402 -6.02 3.53 -43.30
C PHE C 402 -5.19 2.37 -43.85
N ASP C 403 -5.44 1.15 -43.33
CA ASP C 403 -4.76 -0.07 -43.75
C ASP C 403 -4.95 -0.24 -45.24
N SER C 404 -6.19 -0.17 -45.71
CA SER C 404 -6.49 -0.23 -47.15
C SER C 404 -5.88 0.88 -47.99
N ALA C 405 -5.70 2.07 -47.42
CA ALA C 405 -5.17 3.16 -48.23
C ALA C 405 -3.68 3.00 -48.39
N ILE C 406 -3.01 2.49 -47.35
CA ILE C 406 -1.61 2.13 -47.46
C ILE C 406 -1.38 0.98 -48.46
N THR C 407 -2.17 -0.10 -48.36
CA THR C 407 -2.00 -1.23 -49.28
C THR C 407 -2.27 -0.83 -50.74
N ASN C 408 -3.24 0.06 -50.94
CA ASN C 408 -3.54 0.65 -52.24
C ASN C 408 -2.38 1.44 -52.86
N LEU C 409 -1.57 2.11 -52.04
CA LEU C 409 -0.41 2.88 -52.54
C LEU C 409 0.77 1.97 -52.82
N GLY C 410 1.02 1.03 -51.90
CA GLY C 410 2.16 0.12 -52.04
C GLY C 410 1.90 -0.93 -53.09
N ASN C 411 0.62 -1.11 -53.43
CA ASN C 411 0.10 -2.22 -54.23
C ASN C 411 0.39 -3.56 -53.57
N THR C 412 0.26 -3.58 -52.25
CA THR C 412 0.65 -4.75 -51.50
C THR C 412 -0.41 -5.86 -51.44
N VAL C 413 0.07 -7.08 -51.60
CA VAL C 413 -0.72 -8.29 -51.49
C VAL C 413 -0.44 -8.90 -50.12
N THR C 414 -1.49 -9.36 -49.44
CA THR C 414 -1.29 -10.22 -48.30
C THR C 414 -1.16 -11.65 -48.86
N ASN C 415 -0.38 -12.49 -48.20
CA ASN C 415 -0.17 -13.88 -48.67
C ASN C 415 -1.10 -14.82 -47.91
N LEU C 416 -1.50 -15.93 -48.55
CA LEU C 416 -2.43 -16.89 -47.93
C LEU C 416 -2.03 -17.28 -46.49
N ASN C 417 -0.77 -17.70 -46.31
CA ASN C 417 -0.19 -17.96 -44.99
C ASN C 417 -0.30 -16.75 -44.04
N SER C 418 0.22 -15.61 -44.49
CA SER C 418 0.21 -14.36 -43.68
C SER C 418 -1.20 -13.96 -43.29
N ALA C 419 -2.17 -14.42 -44.06
CA ALA C 419 -3.57 -14.19 -43.75
C ALA C 419 -4.04 -15.10 -42.59
N GLN D 22 48.90 -5.04 10.09
CA GLN D 22 47.44 -5.13 10.32
C GLN D 22 47.01 -4.60 11.71
N ALA D 23 47.64 -3.49 12.13
CA ALA D 23 47.36 -2.85 13.42
C ALA D 23 46.19 -1.83 13.36
N SER D 24 46.33 -0.80 12.52
CA SER D 24 45.24 0.15 12.29
C SER D 24 44.23 -0.41 11.27
N ARG D 25 44.63 -1.49 10.59
CA ARG D 25 43.78 -2.16 9.61
C ARG D 25 42.69 -2.91 10.37
N ASN D 26 43.09 -3.76 11.31
CA ASN D 26 42.10 -4.47 12.12
C ASN D 26 41.24 -3.57 13.00
N ALA D 27 41.85 -2.54 13.57
CA ALA D 27 41.11 -1.55 14.35
C ALA D 27 40.04 -0.85 13.49
N ASN D 28 40.38 -0.61 12.23
CA ASN D 28 39.42 -0.04 11.30
C ASN D 28 38.27 -1.00 10.98
N ASP D 29 38.59 -2.30 10.93
CA ASP D 29 37.57 -3.32 10.70
C ASP D 29 36.68 -3.45 11.92
N GLY D 30 37.32 -3.38 13.09
CA GLY D 30 36.63 -3.30 14.36
C GLY D 30 35.62 -2.18 14.38
N ILE D 31 35.99 -1.04 13.79
CA ILE D 31 35.09 0.11 13.67
C ILE D 31 33.91 -0.19 12.76
N SER D 32 34.20 -0.76 11.60
CA SER D 32 33.17 -1.06 10.59
C SER D 32 32.13 -2.03 11.12
N ILE D 33 32.58 -3.07 11.80
CA ILE D 33 31.72 -4.04 12.49
C ILE D 33 30.83 -3.36 13.52
N ALA D 34 31.44 -2.49 14.30
CA ALA D 34 30.73 -1.76 15.32
C ALA D 34 29.72 -0.82 14.70
N GLN D 35 30.07 -0.13 13.61
CA GLN D 35 29.10 0.74 12.90
C GLN D 35 27.97 -0.06 12.22
N THR D 36 28.33 -1.16 11.58
CA THR D 36 27.32 -2.03 10.97
C THR D 36 26.30 -2.51 12.00
N THR D 37 26.78 -2.94 13.17
CA THR D 37 25.88 -3.40 14.25
C THR D 37 25.08 -2.23 14.82
N GLU D 38 25.72 -1.08 14.98
CA GLU D 38 25.05 0.10 15.52
C GLU D 38 23.87 0.51 14.62
N GLY D 39 24.11 0.62 13.31
CA GLY D 39 23.05 0.95 12.35
C GLY D 39 21.89 -0.05 12.41
N ALA D 40 22.20 -1.36 12.49
CA ALA D 40 21.18 -2.40 12.52
C ALA D 40 20.37 -2.33 13.83
N LEU D 41 21.05 -2.11 14.93
CA LEU D 41 20.38 -1.93 16.19
C LEU D 41 19.42 -0.73 16.21
N ASN D 42 19.75 0.35 15.51
CA ASN D 42 18.94 1.52 15.43
C ASN D 42 17.65 1.24 14.64
N GLU D 43 17.77 0.56 13.49
CA GLU D 43 16.62 0.08 12.74
C GLU D 43 15.71 -0.77 13.64
N ILE D 44 16.31 -1.63 14.45
CA ILE D 44 15.54 -2.50 15.30
C ILE D 44 14.89 -1.73 16.42
N ASN D 45 15.65 -0.82 17.05
CA ASN D 45 15.13 0.06 18.08
C ASN D 45 13.90 0.90 17.62
N ASN D 46 14.00 1.52 16.45
CA ASN D 46 12.85 2.24 15.84
C ASN D 46 11.61 1.39 15.62
N ASN D 47 11.81 0.17 15.10
CA ASN D 47 10.73 -0.78 14.94
C ASN D 47 10.07 -1.17 16.26
N LEU D 48 10.88 -1.43 17.29
CA LEU D 48 10.39 -1.69 18.62
C LEU D 48 9.67 -0.49 19.19
N GLN D 49 10.16 0.72 18.94
CA GLN D 49 9.52 1.87 19.53
C GLN D 49 8.22 2.13 18.79
N ARG D 50 8.18 1.87 17.50
CA ARG D 50 6.92 1.99 16.81
C ARG D 50 5.95 0.92 17.34
N VAL D 51 6.44 -0.31 17.52
CA VAL D 51 5.57 -1.35 18.02
C VAL D 51 5.02 -0.92 19.37
N ARG D 52 5.86 -0.28 20.19
CA ARG D 52 5.45 0.21 21.49
C ARG D 52 4.30 1.23 21.38
N GLU D 53 4.44 2.19 20.45
CA GLU D 53 3.43 3.21 20.28
C GLU D 53 2.13 2.65 19.74
N LEU D 54 2.24 1.61 18.93
CA LEU D 54 1.08 0.92 18.39
C LEU D 54 0.36 0.28 19.55
N SER D 55 1.13 -0.37 20.42
CA SER D 55 0.58 -0.99 21.59
C SER D 55 -0.03 0.01 22.55
N VAL D 56 0.59 1.17 22.73
CA VAL D 56 -0.05 2.22 23.53
C VAL D 56 -1.37 2.66 22.89
N GLN D 57 -1.43 2.72 21.58
CA GLN D 57 -2.69 3.09 20.92
C GLN D 57 -3.76 2.00 21.09
N ALA D 58 -3.36 0.74 20.98
CA ALA D 58 -4.27 -0.38 21.22
C ALA D 58 -4.91 -0.34 22.61
N THR D 59 -4.11 0.05 23.61
CA THR D 59 -4.56 0.04 24.98
C THR D 59 -5.36 1.29 25.35
N ASN D 60 -4.91 2.48 24.93
CA ASN D 60 -5.53 3.74 25.39
C ASN D 60 -6.49 4.39 24.41
N GLY D 61 -6.42 4.00 23.14
CA GLY D 61 -7.36 4.52 22.14
C GLY D 61 -8.76 3.91 22.33
N THR D 62 -9.76 4.49 21.70
CA THR D 62 -11.04 3.77 21.60
C THR D 62 -10.92 2.93 20.33
N ASN D 63 -10.89 1.62 20.49
CA ASN D 63 -10.51 0.73 19.40
C ASN D 63 -11.53 -0.35 19.14
N SER D 64 -12.11 -0.30 17.95
CA SER D 64 -12.98 -1.37 17.51
C SER D 64 -12.15 -2.64 17.34
N ASP D 65 -12.84 -3.78 17.29
CA ASP D 65 -12.28 -5.10 16.96
C ASP D 65 -11.44 -5.02 15.68
N SER D 66 -11.98 -4.35 14.67
CA SER D 66 -11.29 -4.13 13.41
C SER D 66 -10.00 -3.30 13.55
N ASP D 67 -10.02 -2.29 14.41
CA ASP D 67 -8.82 -1.51 14.66
C ASP D 67 -7.70 -2.35 15.28
N LEU D 68 -8.04 -3.23 16.23
CA LEU D 68 -7.01 -4.01 16.93
C LEU D 68 -6.30 -4.98 15.99
N LYS D 69 -7.04 -5.48 15.00
CA LYS D 69 -6.54 -6.37 13.99
C LYS D 69 -5.57 -5.64 13.05
N SER D 70 -5.94 -4.40 12.70
CA SER D 70 -5.10 -3.56 11.87
C SER D 70 -3.79 -3.22 12.59
N ILE D 71 -3.91 -2.90 13.87
CA ILE D 71 -2.74 -2.64 14.67
C ILE D 71 -1.82 -3.86 14.69
N GLN D 72 -2.40 -5.03 15.00
CA GLN D 72 -1.61 -6.26 15.05
C GLN D 72 -0.98 -6.58 13.71
N ASP D 73 -1.68 -6.34 12.60
CA ASP D 73 -1.08 -6.59 11.30
C ASP D 73 0.19 -5.73 11.12
N GLU D 74 0.18 -4.52 11.69
CA GLU D 74 1.34 -3.64 11.57
C GLU D 74 2.43 -4.09 12.52
N ILE D 75 2.04 -4.49 13.71
CA ILE D 75 3.00 -5.05 14.64
C ILE D 75 3.67 -6.28 14.01
N GLN D 76 2.90 -7.18 13.43
CA GLN D 76 3.53 -8.38 12.90
C GLN D 76 4.57 -7.99 11.87
N GLN D 77 4.24 -7.04 11.00
CA GLN D 77 5.17 -6.61 9.96
C GLN D 77 6.43 -5.98 10.54
N ARG D 78 6.31 -5.27 11.66
CA ARG D 78 7.49 -4.66 12.25
C ARG D 78 8.38 -5.69 12.95
N LEU D 79 7.79 -6.65 13.64
CA LEU D 79 8.52 -7.80 14.19
C LEU D 79 9.26 -8.55 13.09
N GLU D 80 8.61 -8.76 11.95
CA GLU D 80 9.23 -9.39 10.79
C GLU D 80 10.37 -8.56 10.19
N GLU D 81 10.25 -7.23 10.19
CA GLU D 81 11.35 -6.38 9.82
C GLU D 81 12.57 -6.56 10.79
N ILE D 82 12.28 -6.79 12.07
CA ILE D 82 13.34 -7.02 13.02
C ILE D 82 14.08 -8.30 12.70
N ASP D 83 13.37 -9.39 12.44
CA ASP D 83 14.05 -10.63 12.12
C ASP D 83 14.86 -10.52 10.85
N ARG D 84 14.33 -9.79 9.86
CA ARG D 84 15.07 -9.59 8.62
C ARG D 84 16.40 -8.84 8.87
N VAL D 85 16.34 -7.80 9.68
CA VAL D 85 17.55 -7.07 10.00
C VAL D 85 18.56 -7.96 10.72
N SER D 86 18.08 -8.67 11.71
CA SER D 86 18.89 -9.66 12.39
C SER D 86 19.52 -10.71 11.47
N ASN D 87 18.80 -11.14 10.44
CA ASN D 87 19.29 -12.17 9.55
C ASN D 87 20.16 -11.72 8.40
N GLN D 88 20.05 -10.45 8.01
CA GLN D 88 20.76 -9.99 6.81
C GLN D 88 22.01 -9.16 7.09
N THR D 89 21.96 -8.39 8.17
CA THR D 89 23.07 -7.52 8.54
C THR D 89 24.38 -8.26 8.70
N GLN D 90 25.35 -7.85 7.92
CA GLN D 90 26.64 -8.48 7.95
C GLN D 90 27.72 -7.52 7.54
N PHE D 91 28.93 -7.78 8.04
CA PHE D 91 30.14 -7.15 7.54
C PHE D 91 31.15 -8.25 7.32
N ASN D 92 31.70 -8.30 6.10
CA ASN D 92 32.67 -9.31 5.68
C ASN D 92 32.36 -10.70 6.25
N GLY D 93 31.28 -11.29 5.74
CA GLY D 93 30.84 -12.63 6.13
C GLY D 93 30.09 -12.70 7.46
N VAL D 94 30.46 -11.83 8.40
CA VAL D 94 30.00 -11.90 9.80
C VAL D 94 28.60 -11.34 10.03
N LYS D 95 27.68 -12.18 10.43
CA LYS D 95 26.29 -11.79 10.72
C LYS D 95 26.24 -11.30 12.14
N VAL D 96 26.34 -9.98 12.27
CA VAL D 96 26.64 -9.33 13.53
C VAL D 96 25.54 -9.43 14.57
N LEU D 97 24.38 -9.90 14.20
CA LEU D 97 23.28 -9.96 15.18
C LEU D 97 22.74 -11.38 15.34
N SER D 98 23.47 -12.35 14.80
CA SER D 98 22.97 -13.72 14.70
C SER D 98 23.39 -14.65 15.83
N GLN D 99 24.43 -14.29 16.58
CA GLN D 99 24.96 -15.22 17.55
C GLN D 99 25.73 -14.45 18.60
N ASP D 100 25.64 -14.85 19.88
CA ASP D 100 26.54 -14.28 20.91
C ASP D 100 27.97 -14.69 20.51
N ASN D 101 28.78 -13.70 20.19
CA ASN D 101 30.13 -13.90 19.64
C ASN D 101 31.03 -12.78 20.17
N GLN D 102 32.13 -13.18 20.77
CA GLN D 102 33.12 -12.24 21.27
C GLN D 102 34.25 -12.09 20.25
N MET D 103 34.20 -11.04 19.44
CA MET D 103 35.20 -10.81 18.40
C MET D 103 36.40 -10.07 18.94
N LYS D 104 37.55 -10.75 18.95
CA LYS D 104 38.81 -10.14 19.32
C LYS D 104 39.42 -9.47 18.10
N ILE D 105 39.60 -8.17 18.19
CA ILE D 105 40.32 -7.42 17.16
C ILE D 105 41.70 -7.05 17.72
N GLN D 106 42.76 -7.47 17.02
CA GLN D 106 44.12 -7.09 17.42
C GLN D 106 44.41 -5.65 16.99
N VAL D 107 44.57 -4.76 17.97
CA VAL D 107 44.75 -3.32 17.75
C VAL D 107 46.21 -2.84 17.82
N GLY D 108 47.12 -3.73 18.24
CA GLY D 108 48.52 -3.34 18.44
C GLY D 108 49.47 -4.24 17.69
N ALA D 109 50.50 -3.62 17.09
CA ALA D 109 51.54 -4.33 16.34
C ALA D 109 52.09 -5.48 17.17
N ASN D 110 52.77 -5.12 18.26
CA ASN D 110 53.21 -6.09 19.25
C ASN D 110 51.96 -6.83 19.70
N ASP D 111 52.05 -8.16 19.81
CA ASP D 111 50.83 -8.97 19.94
C ASP D 111 50.29 -9.08 21.36
N GLY D 112 49.75 -7.98 21.89
CA GLY D 112 49.00 -8.02 23.16
C GLY D 112 47.70 -7.24 23.11
N GLU D 113 47.61 -6.31 22.16
CA GLU D 113 46.50 -5.39 22.14
C GLU D 113 45.31 -5.96 21.43
N THR D 114 44.37 -6.51 22.19
CA THR D 114 43.14 -6.99 21.62
C THR D 114 42.04 -6.19 22.25
N ILE D 115 41.08 -5.78 21.43
CA ILE D 115 39.88 -5.13 21.88
C ILE D 115 38.75 -6.04 21.44
N THR D 116 37.86 -6.38 22.37
CA THR D 116 36.82 -7.35 22.07
C THR D 116 35.47 -6.68 21.86
N ILE D 117 34.91 -6.88 20.68
CA ILE D 117 33.52 -6.48 20.40
C ILE D 117 32.59 -7.54 20.98
N ASP D 118 31.66 -7.12 21.83
CA ASP D 118 30.73 -8.08 22.42
C ASP D 118 29.42 -8.20 21.62
N LEU D 119 29.42 -9.05 20.59
CA LEU D 119 28.25 -9.24 19.74
C LEU D 119 27.25 -10.18 20.37
N GLN D 120 25.97 -9.84 20.21
CA GLN D 120 24.88 -10.58 20.82
C GLN D 120 23.83 -10.98 19.79
N LYS D 121 23.32 -12.19 19.92
CA LYS D 121 22.14 -12.65 19.18
C LYS D 121 20.96 -11.75 19.54
N ILE D 122 20.49 -11.00 18.55
CA ILE D 122 19.34 -10.11 18.72
C ILE D 122 18.33 -10.37 17.60
N ASP D 123 17.22 -11.03 17.94
CA ASP D 123 16.12 -11.28 17.01
C ASP D 123 14.85 -11.37 17.80
N VAL D 124 13.73 -11.58 17.14
CA VAL D 124 12.42 -11.61 17.80
C VAL D 124 12.32 -12.63 18.94
N LYS D 125 12.83 -13.83 18.70
CA LYS D 125 12.81 -14.87 19.71
C LYS D 125 13.67 -14.45 20.93
N SER D 126 14.88 -13.92 20.69
CA SER D 126 15.80 -13.66 21.81
C SER D 126 15.37 -12.42 22.58
N LEU D 127 14.65 -11.52 21.91
CA LEU D 127 14.08 -10.37 22.60
C LEU D 127 12.82 -10.72 23.40
N GLY D 128 12.38 -11.99 23.39
CA GLY D 128 11.18 -12.41 24.15
C GLY D 128 9.85 -11.99 23.50
N LEU D 129 9.88 -11.67 22.21
CA LEU D 129 8.71 -11.18 21.52
C LEU D 129 7.99 -12.18 20.61
N ASP D 130 8.41 -13.43 20.58
CA ASP D 130 7.67 -14.48 19.87
C ASP D 130 6.20 -14.53 20.27
N GLY D 131 5.31 -14.39 19.29
CA GLY D 131 3.88 -14.45 19.58
C GLY D 131 3.35 -13.16 20.21
N PHE D 132 4.17 -12.11 20.23
CA PHE D 132 3.74 -10.84 20.82
C PHE D 132 2.55 -10.39 20.04
N ASN D 133 1.47 -10.15 20.76
CA ASN D 133 0.27 -9.67 20.09
C ASN D 133 -0.59 -8.86 21.00
N VAL D 134 -1.49 -8.13 20.35
CA VAL D 134 -2.33 -7.15 20.99
C VAL D 134 -3.82 -7.41 20.59
N ASN D 135 -4.07 -8.37 19.71
CA ASN D 135 -5.45 -8.65 19.27
C ASN D 135 -6.03 -10.02 19.69
N GLY D 136 -5.24 -10.80 20.41
CA GLY D 136 -5.62 -12.13 20.82
C GLY D 136 -6.69 -12.10 21.89
N PRO D 137 -7.32 -13.27 22.15
CA PRO D 137 -8.33 -13.44 23.18
C PRO D 137 -7.85 -12.97 24.53
N LYS D 138 -8.76 -12.37 25.31
CA LYS D 138 -8.46 -11.89 26.65
C LYS D 138 -9.36 -12.63 27.63
N GLU D 139 -8.93 -12.72 28.88
CA GLU D 139 -9.81 -13.24 29.93
C GLU D 139 -11.12 -12.45 29.88
N ALA D 140 -12.22 -13.18 30.01
CA ALA D 140 -13.57 -12.64 29.98
C ALA D 140 -13.94 -11.92 31.28
N THR D 141 -14.45 -10.70 31.17
CA THR D 141 -15.08 -10.04 32.32
C THR D 141 -16.55 -9.91 32.04
N VAL D 142 -17.32 -9.73 33.11
CA VAL D 142 -18.77 -9.53 33.01
C VAL D 142 -19.05 -8.25 32.21
N GLY D 143 -18.34 -7.17 32.50
CA GLY D 143 -18.42 -5.95 31.71
C GLY D 143 -18.27 -6.26 30.23
N ASP D 144 -17.17 -6.94 29.90
CA ASP D 144 -16.88 -7.41 28.54
C ASP D 144 -17.94 -8.38 28.00
N LEU D 145 -18.63 -9.12 28.86
CA LEU D 145 -19.74 -9.95 28.36
C LEU D 145 -20.86 -9.08 27.79
N LYS D 146 -21.39 -8.18 28.62
CA LYS D 146 -22.50 -7.28 28.22
C LYS D 146 -22.09 -6.26 27.14
N SER D 147 -20.80 -5.94 27.07
CA SER D 147 -20.29 -5.01 26.05
C SER D 147 -20.12 -5.64 24.66
N SER D 148 -20.07 -6.98 24.59
CA SER D 148 -19.84 -7.67 23.31
C SER D 148 -20.88 -8.72 22.86
N PHE D 149 -21.86 -9.00 23.73
CA PHE D 149 -22.89 -9.98 23.42
C PHE D 149 -24.29 -9.38 23.56
N LYS D 150 -25.20 -9.83 22.71
CA LYS D 150 -26.60 -9.47 22.83
C LYS D 150 -27.31 -10.49 23.68
N ASN D 151 -28.35 -10.05 24.39
CA ASN D 151 -29.16 -10.90 25.27
C ASN D 151 -28.41 -11.51 26.47
N VAL D 152 -27.47 -10.74 27.00
CA VAL D 152 -26.75 -11.12 28.21
C VAL D 152 -27.68 -10.99 29.42
N THR D 153 -28.05 -12.13 29.99
CA THR D 153 -28.98 -12.19 31.11
C THR D 153 -28.34 -12.86 32.34
N GLY D 154 -29.02 -12.72 33.48
CA GLY D 154 -28.58 -13.35 34.72
C GLY D 154 -28.63 -12.44 35.94
N TYR D 155 -27.89 -12.81 36.98
CA TYR D 155 -27.99 -12.14 38.26
C TYR D 155 -26.71 -12.25 39.08
N ASP D 156 -26.46 -11.24 39.92
CA ASP D 156 -25.46 -11.35 40.99
C ASP D 156 -26.13 -12.01 42.18
N THR D 157 -25.34 -12.69 43.00
CA THR D 157 -25.88 -13.18 44.24
C THR D 157 -25.37 -12.31 45.38
N TYR D 158 -26.14 -12.31 46.48
CA TYR D 158 -25.77 -11.65 47.73
C TYR D 158 -26.16 -12.52 48.94
N ALA D 159 -25.59 -12.22 50.10
CA ALA D 159 -25.96 -12.94 51.31
C ALA D 159 -25.85 -12.06 52.54
N ALA D 160 -26.96 -11.89 53.26
CA ALA D 160 -26.97 -11.26 54.58
C ALA D 160 -27.11 -12.33 55.67
N GLY D 161 -26.00 -13.02 55.94
CA GLY D 161 -25.98 -14.15 56.83
C GLY D 161 -26.52 -15.39 56.15
N ALA D 162 -27.62 -15.92 56.69
CA ALA D 162 -28.25 -17.14 56.20
C ALA D 162 -29.13 -16.89 54.97
N ASP D 163 -29.74 -15.69 54.92
CA ASP D 163 -30.62 -15.30 53.83
C ASP D 163 -29.87 -14.96 52.55
N LYS D 164 -30.38 -15.49 51.44
CA LYS D 164 -29.66 -15.50 50.19
C LYS D 164 -30.45 -14.82 49.07
N TYR D 165 -29.78 -13.95 48.33
CA TYR D 165 -30.43 -13.06 47.38
C TYR D 165 -29.80 -13.14 45.99
N ARG D 166 -30.64 -12.88 44.98
CA ARG D 166 -30.22 -12.68 43.61
C ARG D 166 -30.60 -11.27 43.20
N VAL D 167 -29.74 -10.64 42.40
CA VAL D 167 -30.02 -9.32 41.81
C VAL D 167 -29.79 -9.40 40.30
N ASP D 168 -30.88 -9.26 39.56
CA ASP D 168 -30.90 -9.31 38.11
C ASP D 168 -30.10 -8.13 37.56
N ILE D 169 -29.11 -8.43 36.73
CA ILE D 169 -28.39 -7.38 36.00
C ILE D 169 -29.37 -6.72 35.02
N ASN D 170 -29.18 -5.43 34.75
CA ASN D 170 -30.08 -4.67 33.87
C ASN D 170 -31.32 -4.12 34.58
N SER D 171 -32.10 -4.98 35.23
CA SER D 171 -33.33 -4.53 35.87
C SER D 171 -33.14 -4.11 37.34
N GLY D 172 -32.13 -4.69 37.99
CA GLY D 172 -31.85 -4.39 39.39
C GLY D 172 -32.87 -4.96 40.38
N ALA D 173 -33.77 -5.81 39.91
CA ALA D 173 -34.75 -6.46 40.79
C ALA D 173 -34.04 -7.45 41.73
N VAL D 174 -34.45 -7.44 43.00
CA VAL D 174 -33.90 -8.32 44.01
C VAL D 174 -34.92 -9.43 44.27
N VAL D 175 -34.47 -10.66 44.14
CA VAL D 175 -35.31 -11.84 44.42
C VAL D 175 -34.58 -12.82 45.40
N THR D 176 -35.31 -13.73 46.01
CA THR D 176 -34.70 -14.74 46.88
C THR D 176 -33.91 -15.78 46.07
N ASP D 177 -32.75 -16.18 46.60
CA ASP D 177 -31.86 -17.13 45.92
C ASP D 177 -32.32 -18.57 46.10
N ALA D 178 -33.53 -18.86 45.61
CA ALA D 178 -34.16 -20.15 45.86
C ALA D 178 -34.34 -20.98 44.58
N VAL D 179 -34.96 -22.16 44.73
CA VAL D 179 -35.31 -23.01 43.59
C VAL D 179 -36.35 -22.26 42.76
N ALA D 180 -37.54 -22.10 43.33
CA ALA D 180 -38.56 -21.21 42.77
C ALA D 180 -38.54 -19.91 43.57
N PRO D 181 -37.94 -18.85 42.99
CA PRO D 181 -37.57 -17.64 43.74
C PRO D 181 -38.73 -16.71 44.08
N ASP D 182 -38.62 -16.00 45.21
CA ASP D 182 -39.68 -15.06 45.66
C ASP D 182 -39.22 -13.59 45.73
N LYS D 183 -40.13 -12.68 45.36
CA LYS D 183 -39.87 -11.24 45.40
C LYS D 183 -39.49 -10.77 46.81
N VAL D 184 -38.52 -9.87 46.89
CA VAL D 184 -38.06 -9.29 48.16
C VAL D 184 -38.44 -7.80 48.23
N TYR D 185 -38.80 -7.32 49.42
CA TYR D 185 -39.27 -5.95 49.61
C TYR D 185 -38.62 -5.26 50.82
N VAL D 186 -38.61 -3.93 50.80
CA VAL D 186 -38.12 -3.12 51.92
C VAL D 186 -39.28 -2.56 52.73
N LEU D 193 -35.19 -6.03 55.22
CA LEU D 193 -35.38 -6.99 54.12
C LEU D 193 -36.42 -8.06 54.43
N THR D 194 -37.48 -8.10 53.62
CA THR D 194 -38.58 -9.03 53.83
C THR D 194 -39.15 -9.55 52.52
N THR D 195 -39.53 -10.83 52.52
CA THR D 195 -40.26 -11.43 51.43
C THR D 195 -41.75 -11.04 51.49
N ASP D 196 -42.20 -10.63 52.68
CA ASP D 196 -43.56 -10.11 52.92
C ASP D 196 -43.91 -8.92 52.00
N ASP D 197 -44.97 -9.12 51.21
CA ASP D 197 -45.50 -8.15 50.24
C ASP D 197 -45.05 -6.71 50.46
N ASN D 307 -45.08 -1.54 51.42
CA ASN D 307 -43.66 -1.90 51.45
C ASN D 307 -42.99 -1.89 50.08
N GLU D 308 -42.06 -0.96 49.87
CA GLU D 308 -41.45 -0.72 48.54
C GLU D 308 -40.53 -1.85 48.09
N SER D 309 -40.27 -1.93 46.79
CA SER D 309 -39.46 -3.03 46.22
C SER D 309 -37.99 -2.98 46.61
N ALA D 310 -37.42 -4.13 46.89
CA ALA D 310 -36.02 -4.22 47.28
C ALA D 310 -35.06 -3.98 46.11
N LYS D 311 -34.02 -3.23 46.40
CA LYS D 311 -32.94 -2.97 45.47
C LYS D 311 -31.58 -3.08 46.17
N LEU D 312 -30.51 -3.03 45.40
CA LEU D 312 -29.15 -3.27 45.90
C LEU D 312 -28.72 -2.35 47.05
N SER D 313 -29.27 -1.13 47.09
CA SER D 313 -28.92 -0.17 48.13
C SER D 313 -29.47 -0.60 49.48
N ASP D 314 -30.50 -1.46 49.47
CA ASP D 314 -31.07 -2.03 50.69
C ASP D 314 -30.25 -3.23 51.14
N LEU D 315 -29.63 -3.91 50.16
CA LEU D 315 -28.78 -5.05 50.45
C LEU D 315 -27.47 -4.68 51.14
N GLU D 316 -26.81 -3.64 50.64
CA GLU D 316 -25.55 -3.14 51.21
C GLU D 316 -25.82 -2.46 52.54
N ALA D 317 -27.02 -1.93 52.70
CA ALA D 317 -27.49 -1.42 53.99
C ALA D 317 -27.59 -2.55 55.03
N ASN D 318 -27.87 -3.77 54.54
CA ASN D 318 -27.89 -4.96 55.40
C ASN D 318 -26.54 -5.68 55.45
N ASN D 319 -25.49 -4.97 55.01
CA ASN D 319 -24.11 -5.46 55.03
C ASN D 319 -23.94 -6.78 54.28
N ALA D 320 -24.76 -6.99 53.26
CA ALA D 320 -24.74 -8.21 52.45
C ALA D 320 -23.42 -8.38 51.68
N VAL D 321 -23.03 -9.63 51.47
CA VAL D 321 -21.72 -9.97 50.88
C VAL D 321 -21.93 -10.52 49.47
N LYS D 322 -21.43 -9.76 48.49
CA LYS D 322 -21.52 -10.17 47.12
C LYS D 322 -20.84 -11.52 46.94
N GLY D 323 -21.62 -12.51 46.48
CA GLY D 323 -21.10 -13.81 46.08
C GLY D 323 -20.88 -13.89 44.57
N GLU D 324 -20.87 -15.12 44.07
CA GLU D 324 -20.69 -15.42 42.63
C GLU D 324 -21.92 -15.07 41.78
N SER D 325 -21.68 -14.52 40.58
CA SER D 325 -22.73 -14.23 39.60
C SER D 325 -23.06 -15.44 38.73
N LYS D 326 -24.29 -15.49 38.23
CA LYS D 326 -24.65 -16.48 37.20
C LYS D 326 -25.16 -15.79 35.94
N ILE D 327 -24.39 -15.90 34.86
CA ILE D 327 -24.63 -15.16 33.61
C ILE D 327 -24.83 -16.06 32.40
N THR D 328 -25.97 -15.92 31.73
CA THR D 328 -26.28 -16.70 30.53
C THR D 328 -25.98 -15.91 29.26
N VAL D 329 -25.14 -16.48 28.42
CA VAL D 329 -24.69 -15.86 27.17
C VAL D 329 -24.99 -16.81 26.03
N ASN D 330 -25.79 -16.36 25.06
CA ASN D 330 -26.22 -17.19 23.93
C ASN D 330 -26.87 -18.51 24.34
N GLY D 331 -27.40 -18.53 25.57
CA GLY D 331 -28.07 -19.71 26.11
C GLY D 331 -27.18 -20.64 26.93
N ALA D 332 -26.10 -20.11 27.49
CA ALA D 332 -25.21 -20.88 28.37
C ALA D 332 -24.87 -20.13 29.67
N GLU D 333 -25.27 -20.71 30.79
CA GLU D 333 -25.05 -20.11 32.12
C GLU D 333 -23.57 -20.21 32.51
N TYR D 334 -22.93 -19.05 32.67
CA TYR D 334 -21.53 -18.97 33.10
C TYR D 334 -21.52 -18.44 34.52
N THR D 335 -20.48 -18.76 35.28
CA THR D 335 -20.39 -18.30 36.65
C THR D 335 -19.24 -17.31 36.83
N ALA D 336 -19.50 -16.23 37.54
CA ALA D 336 -18.51 -15.19 37.73
C ALA D 336 -18.21 -14.92 39.19
N ASN D 337 -16.93 -14.66 39.49
CA ASN D 337 -16.57 -14.27 40.85
C ASN D 337 -17.22 -12.95 41.25
N ALA D 338 -17.16 -12.66 42.56
CA ALA D 338 -17.80 -11.50 43.13
C ALA D 338 -17.54 -10.25 42.29
N THR D 339 -16.28 -10.05 41.93
CA THR D 339 -15.85 -8.82 41.31
C THR D 339 -15.98 -8.73 39.77
N GLY D 340 -16.52 -9.78 39.14
CA GLY D 340 -16.69 -9.82 37.67
C GLY D 340 -15.41 -10.16 36.92
N ASP D 341 -14.32 -10.16 37.68
CA ASP D 341 -12.95 -10.46 37.29
C ASP D 341 -12.82 -11.72 36.42
N LYS D 342 -13.11 -12.87 37.03
CA LYS D 342 -12.97 -14.17 36.39
C LYS D 342 -14.34 -14.75 36.08
N ILE D 343 -14.43 -15.43 34.95
CA ILE D 343 -15.64 -16.11 34.51
C ILE D 343 -15.30 -17.56 34.21
N THR D 344 -16.10 -18.49 34.76
CA THR D 344 -15.84 -19.92 34.61
C THR D 344 -17.01 -20.73 34.06
N LEU D 345 -16.66 -21.79 33.33
CA LEU D 345 -17.60 -22.83 32.92
C LEU D 345 -17.04 -24.17 33.35
N ALA D 346 -17.76 -24.84 34.25
CA ALA D 346 -17.29 -26.04 34.94
C ALA D 346 -15.81 -25.92 35.32
N GLY D 347 -15.49 -24.85 36.03
CA GLY D 347 -14.14 -24.61 36.57
C GLY D 347 -13.13 -24.08 35.59
N LYS D 348 -13.50 -23.99 34.31
CA LYS D 348 -12.56 -23.52 33.31
C LYS D 348 -12.69 -22.00 33.07
N THR D 349 -11.58 -21.28 33.12
CA THR D 349 -11.54 -19.83 32.91
C THR D 349 -11.86 -19.48 31.46
N MET D 350 -12.79 -18.54 31.27
CA MET D 350 -13.28 -18.23 29.92
C MET D 350 -12.65 -16.98 29.29
N PHE D 351 -12.37 -17.09 28.00
CA PHE D 351 -11.78 -16.00 27.21
C PHE D 351 -12.73 -15.57 26.11
N ILE D 352 -12.70 -14.27 25.79
CA ILE D 352 -13.48 -13.71 24.71
C ILE D 352 -12.59 -13.57 23.49
N ASP D 353 -12.90 -14.36 22.47
CA ASP D 353 -12.20 -14.36 21.21
C ASP D 353 -12.86 -13.32 20.31
N LYS D 354 -12.06 -12.45 19.71
CA LYS D 354 -12.59 -11.39 18.84
C LYS D 354 -12.10 -11.46 17.40
N THR D 355 -13.08 -11.43 16.49
CA THR D 355 -12.79 -11.42 15.07
C THR D 355 -12.80 -9.97 14.60
N ALA D 356 -12.14 -9.73 13.47
CA ALA D 356 -12.09 -8.40 12.87
C ALA D 356 -13.49 -7.87 12.54
N SER D 357 -14.36 -8.77 12.09
CA SER D 357 -15.70 -8.39 11.62
C SER D 357 -16.76 -8.34 12.73
N GLY D 358 -16.32 -7.99 13.95
CA GLY D 358 -17.23 -7.59 15.03
C GLY D 358 -17.84 -8.69 15.88
N VAL D 359 -17.84 -9.92 15.38
CA VAL D 359 -18.48 -11.03 16.08
C VAL D 359 -17.51 -11.62 17.10
N SER D 360 -18.01 -11.79 18.32
CA SER D 360 -17.21 -12.40 19.39
C SER D 360 -17.82 -13.71 19.88
N THR D 361 -16.99 -14.50 20.55
CA THR D 361 -17.36 -15.84 20.98
C THR D 361 -16.50 -16.22 22.19
N LEU D 362 -17.01 -17.13 23.02
CA LEU D 362 -16.33 -17.49 24.27
C LEU D 362 -15.63 -18.82 24.17
N ILE D 363 -14.42 -18.88 24.72
CA ILE D 363 -13.58 -20.08 24.67
C ILE D 363 -12.82 -20.26 25.98
N ASN D 364 -12.33 -21.47 26.22
CA ASN D 364 -11.65 -21.81 27.47
C ASN D 364 -10.17 -21.43 27.51
N GLU D 365 -9.55 -21.57 28.69
CA GLU D 365 -8.14 -21.20 28.89
C GLU D 365 -7.23 -22.00 27.97
N ASP D 366 -7.41 -23.32 27.94
CA ASP D 366 -6.61 -24.20 27.10
C ASP D 366 -6.62 -23.86 25.59
N ALA D 367 -7.78 -23.51 25.05
CA ALA D 367 -7.92 -23.12 23.64
C ALA D 367 -7.40 -21.72 23.36
N ALA D 368 -7.37 -20.89 24.39
CA ALA D 368 -6.82 -19.52 24.30
C ALA D 368 -5.32 -19.52 24.45
N ALA D 369 -4.78 -20.56 25.06
CA ALA D 369 -3.39 -20.55 25.50
C ALA D 369 -2.42 -20.03 24.43
N ALA D 370 -2.33 -20.70 23.28
CA ALA D 370 -1.32 -20.36 22.29
C ALA D 370 -1.52 -19.02 21.58
N LYS D 371 -2.74 -18.48 21.61
CA LYS D 371 -3.05 -17.25 20.86
C LYS D 371 -3.44 -16.02 21.71
N LYS D 372 -3.66 -16.20 23.01
CA LYS D 372 -4.12 -15.11 23.90
C LYS D 372 -3.22 -13.89 23.75
N SER D 373 -3.80 -12.70 23.88
CA SER D 373 -2.99 -11.49 23.74
C SER D 373 -1.99 -11.37 24.91
N THR D 374 -0.88 -10.70 24.64
CA THR D 374 0.29 -10.75 25.52
C THR D 374 0.09 -9.98 26.81
N ALA D 375 0.35 -10.63 27.93
CA ALA D 375 0.28 -9.96 29.23
C ALA D 375 1.43 -8.94 29.30
N ASN D 376 1.14 -7.77 29.84
CA ASN D 376 2.15 -6.73 30.03
C ASN D 376 2.88 -6.42 28.75
N PRO D 377 2.15 -5.92 27.75
CA PRO D 377 2.79 -5.71 26.45
C PRO D 377 3.92 -4.69 26.52
N LEU D 378 3.69 -3.61 27.27
CA LEU D 378 4.67 -2.53 27.41
C LEU D 378 5.97 -2.99 28.04
N ALA D 379 5.82 -3.86 29.03
CA ALA D 379 6.96 -4.41 29.74
C ALA D 379 7.75 -5.31 28.84
N SER D 380 7.06 -6.05 27.97
CA SER D 380 7.72 -6.93 26.99
C SER D 380 8.54 -6.12 25.98
N ILE D 381 7.97 -5.06 25.45
CA ILE D 381 8.71 -4.22 24.52
C ILE D 381 9.85 -3.49 25.20
N ASP D 382 9.64 -3.03 26.42
CA ASP D 382 10.65 -2.28 27.15
C ASP D 382 11.82 -3.20 27.48
N SER D 383 11.50 -4.47 27.73
CA SER D 383 12.54 -5.46 27.97
C SER D 383 13.42 -5.61 26.77
N ALA D 384 12.78 -5.73 25.60
CA ALA D 384 13.46 -5.85 24.33
C ALA D 384 14.26 -4.57 24.13
N LEU D 385 13.62 -3.43 24.39
CA LEU D 385 14.27 -2.10 24.22
C LEU D 385 15.55 -1.96 25.01
N SER D 386 15.59 -2.45 26.23
CA SER D 386 16.77 -2.22 27.06
C SER D 386 17.87 -3.22 26.75
N LYS D 387 17.49 -4.39 26.29
CA LYS D 387 18.43 -5.33 25.74
C LYS D 387 19.13 -4.74 24.49
N VAL D 388 18.38 -4.01 23.65
CA VAL D 388 18.94 -3.48 22.42
C VAL D 388 19.81 -2.28 22.77
N ASP D 389 19.31 -1.44 23.66
CA ASP D 389 20.06 -0.32 24.21
C ASP D 389 21.39 -0.71 24.91
N ALA D 390 21.42 -1.79 25.66
CA ALA D 390 22.67 -2.21 26.31
C ALA D 390 23.75 -2.59 25.27
N VAL D 391 23.36 -3.26 24.19
CA VAL D 391 24.35 -3.56 23.14
C VAL D 391 24.84 -2.27 22.49
N ARG D 392 23.92 -1.35 22.25
CA ARG D 392 24.19 -0.04 21.65
C ARG D 392 25.19 0.77 22.49
N SER D 393 24.94 0.91 23.80
CA SER D 393 25.90 1.54 24.72
C SER D 393 27.28 0.94 24.63
N SER D 394 27.39 -0.36 24.88
CA SER D 394 28.63 -1.12 24.73
C SER D 394 29.36 -0.83 23.44
N LEU D 395 28.62 -0.79 22.33
CA LEU D 395 29.23 -0.47 21.03
C LEU D 395 29.82 0.92 21.05
N GLY D 396 29.14 1.86 21.70
CA GLY D 396 29.60 3.25 21.78
C GLY D 396 30.94 3.28 22.52
N ALA D 397 31.01 2.55 23.63
CA ALA D 397 32.27 2.48 24.38
C ALA D 397 33.38 1.80 23.57
N ILE D 398 33.04 0.75 22.83
CA ILE D 398 34.02 0.05 22.02
C ILE D 398 34.49 0.92 20.82
N GLN D 399 33.59 1.70 20.22
CA GLN D 399 34.05 2.61 19.16
C GLN D 399 35.00 3.72 19.69
N ASN D 400 34.73 4.23 20.88
CA ASN D 400 35.61 5.22 21.48
C ASN D 400 37.00 4.60 21.71
N ARG D 401 37.00 3.34 22.10
CA ARG D 401 38.21 2.56 22.30
C ARG D 401 39.01 2.47 20.99
N PHE D 402 38.32 2.10 19.92
CA PHE D 402 38.95 2.00 18.58
C PHE D 402 39.48 3.33 18.09
N ASP D 403 38.71 4.39 18.31
CA ASP D 403 39.09 5.74 17.90
C ASP D 403 40.40 6.11 18.55
N SER D 404 40.48 5.93 19.86
CA SER D 404 41.72 6.18 20.59
C SER D 404 42.90 5.33 20.15
N ALA D 405 42.62 4.08 19.78
CA ALA D 405 43.72 3.19 19.36
C ALA D 405 44.28 3.65 18.04
N ILE D 406 43.40 4.11 17.14
CA ILE D 406 43.85 4.67 15.88
C ILE D 406 44.62 5.98 16.09
N THR D 407 44.08 6.92 16.88
CA THR D 407 44.83 8.16 17.17
C THR D 407 46.18 7.91 17.87
N ASN D 408 46.26 6.85 18.68
CA ASN D 408 47.50 6.47 19.37
C ASN D 408 48.59 6.01 18.39
N LEU D 409 48.18 5.37 17.30
CA LEU D 409 49.11 4.88 16.28
C LEU D 409 49.54 6.00 15.36
N GLY D 410 48.56 6.78 14.91
CA GLY D 410 48.84 7.89 14.01
C GLY D 410 49.56 9.02 14.70
N ASN D 411 49.50 9.04 16.04
CA ASN D 411 49.90 10.18 16.88
C ASN D 411 49.09 11.44 16.53
N THR D 412 47.80 11.25 16.34
CA THR D 412 46.97 12.31 15.80
C THR D 412 46.39 13.24 16.87
N VAL D 413 46.50 14.54 16.59
CA VAL D 413 45.92 15.57 17.42
C VAL D 413 44.60 16.01 16.78
N THR D 414 43.55 16.16 17.59
CA THR D 414 42.36 16.86 17.14
C THR D 414 42.63 18.35 17.37
N ASN D 415 42.03 19.20 16.54
CA ASN D 415 42.33 20.65 16.59
C ASN D 415 41.18 21.36 17.32
N LEU D 416 41.48 22.46 18.00
CA LEU D 416 40.48 23.20 18.80
C LEU D 416 39.18 23.42 18.02
N ASN D 417 39.29 24.01 16.82
CA ASN D 417 38.17 24.15 15.89
C ASN D 417 37.47 22.85 15.51
N SER D 418 38.26 21.84 15.12
CA SER D 418 37.73 20.50 14.73
C SER D 418 36.97 19.83 15.87
N ALA D 419 37.32 20.22 17.09
CA ALA D 419 36.66 19.71 18.27
C ALA D 419 35.24 20.31 18.39
N ARG D 420 35.12 21.60 18.00
CA ARG D 420 33.81 22.31 18.01
C ARG D 420 32.82 21.70 17.01
#